data_8R4J
#
_entry.id   8R4J
#
_cell.length_a   218.828
_cell.length_b   136.093
_cell.length_c   123.193
_cell.angle_alpha   90.00
_cell.angle_beta   91.55
_cell.angle_gamma   90.00
#
_symmetry.space_group_name_H-M   'C 1 2 1'
#
loop_
_entity.id
_entity.type
_entity.pdbx_description
1 polymer 'Alpha-1,4 glucan phosphorylase L-1 isozyme, chloroplastic/amyloplastic'
2 non-polymer GLYCEROL
3 non-polymer CAFFEINE
4 water water
#
_entity_poly.entity_id   1
_entity_poly.type   'polypeptide(L)'
_entity_poly.pdbx_seq_one_letter_code
;TLSEKIHHPITEQGGESDLSSFAPDAASITSSIKYHAEFTPVFSPERFELPKAFFATAQSVRDSLLINWNATYDIYEKLN
MKQAYYLSMEFLQGRALLNAIGNLELTGAFAEALKNLGHNLENVASQEPDAALGNGGLGRLASCFLDSLATLNYPAWGYG
LRYKYGLFKQRITKDGQEEVAEDWLEIGSPWEVVRNDVSYPIKFYGKVSTGSDGKRYWIGGEDIKAVAYDVPIPGYKTRT
TISLRLWSTQVPSADFDLSAFNAGEHTKACEAQANAEKICYILYPGDESEEGKILRLKQQYTLCSASLQDIISRFERRSG
DRIKWEEFPEKVAVQMNDTHPTLCIPELMRILIDLKGLNWNEAWNITQRTVAYTNHTVLPEALEKWSYELMQKLLPRHVE
IIEAIDEELVHEIVLKYGSMDLNKLEEKLTTMRILENFDLPSSVAELFIKPEISVDDDTETVEVHDKVEASDKVVTNDED
DTGKKTSVKIEAAAEKDIDKKTPVSPEPAVIPPKKVRMANLCVVGGHAVNGVAEIHSEIVKEEVFNDFYELWPEKFQNKT
NGVTPRRWIRFCNPPLSAIITKWTGTEDWVLKTEKLAELQKFADNEDLQNEWREAKRSNKIKVVSFLKEKTGYSVVPDAM
FDIQVKRIHEYKRQLLNIFGIVYRYKKMKEMTAAERKTNFVPRVCIFGGKAFATYVQAKRIVKFITDVGATINHDPEIGD
LLKVVFVPDYNVSVAELLIPASDLSEHISTAGMEASGTSNM(LLP)FAMNGCIQIGTLDGANVEIREEVGEENFFLFGAQ
AHEIAGLRKERADGKFVPDERFEEVKEFVRSGAFGSYNYDDLIGSLEGNEGFGRADYFLVGKDFPSYIECQEKVDEAYRD
QKRWTTMSILNTAGSYKFSSDRTIHEYAKDIWNIEAVEIA
;
_entity_poly.pdbx_strand_id   A,B,C
#
loop_
_chem_comp.id
_chem_comp.type
_chem_comp.name
_chem_comp.formula
CFF non-polymer CAFFEINE 'C8 H10 N4 O2'
GOL non-polymer GLYCEROL 'C3 H8 O3'
#
# COMPACT_ATOMS: atom_id res chain seq x y z
N ALA A 23 -4.56 2.45 70.79
CA ALA A 23 -4.93 1.26 69.97
C ALA A 23 -5.71 1.69 68.73
N PRO A 24 -5.10 1.70 67.53
CA PRO A 24 -5.77 2.19 66.31
C PRO A 24 -6.90 1.26 65.84
N ASP A 25 -8.00 1.86 65.35
CA ASP A 25 -9.10 1.14 64.72
C ASP A 25 -9.15 1.52 63.25
N ALA A 26 -9.83 0.71 62.45
CA ALA A 26 -9.90 0.91 61.01
C ALA A 26 -10.20 2.37 60.67
N ALA A 27 -11.06 3.04 61.48
CA ALA A 27 -11.50 4.41 61.26
C ALA A 27 -10.37 5.40 61.51
N SER A 28 -9.61 5.20 62.59
CA SER A 28 -8.46 6.04 62.90
C SER A 28 -7.42 5.97 61.78
N ILE A 29 -7.23 4.75 61.23
CA ILE A 29 -6.27 4.52 60.16
C ILE A 29 -6.70 5.28 58.91
N THR A 30 -7.99 5.15 58.56
CA THR A 30 -8.52 5.82 57.38
C THR A 30 -8.18 7.31 57.46
N SER A 31 -8.33 7.91 58.65
CA SER A 31 -8.03 9.31 58.92
C SER A 31 -6.56 9.60 58.66
N SER A 32 -5.70 8.67 59.07
CA SER A 32 -4.26 8.81 58.91
C SER A 32 -3.90 8.80 57.44
N ILE A 33 -4.50 7.89 56.68
CA ILE A 33 -4.20 7.74 55.26
C ILE A 33 -4.61 9.02 54.54
N LYS A 34 -5.82 9.51 54.85
CA LYS A 34 -6.33 10.74 54.28
C LYS A 34 -5.36 11.87 54.58
N TYR A 35 -5.03 12.03 55.87
CA TYR A 35 -4.20 13.12 56.36
C TYR A 35 -2.93 13.26 55.52
N HIS A 36 -2.24 12.13 55.31
CA HIS A 36 -0.97 12.13 54.61
C HIS A 36 -1.19 12.37 53.13
N ALA A 37 -2.28 11.82 52.59
CA ALA A 37 -2.58 11.88 51.16
C ALA A 37 -2.66 13.32 50.69
N GLU A 38 -2.96 14.22 51.63
CA GLU A 38 -3.25 15.62 51.37
C GLU A 38 -2.15 16.53 51.91
N PHE A 39 -1.60 16.23 53.09
CA PHE A 39 -0.85 17.22 53.85
C PHE A 39 0.65 16.97 53.82
N THR A 40 1.05 15.78 53.36
CA THR A 40 2.44 15.48 53.09
C THR A 40 2.50 14.72 51.76
N PRO A 41 2.10 15.34 50.64
CA PRO A 41 1.86 14.59 49.41
C PRO A 41 3.09 14.58 48.52
N VAL A 42 3.05 13.71 47.50
CA VAL A 42 4.05 13.65 46.45
C VAL A 42 3.34 13.57 45.10
N PHE A 43 2.07 13.98 45.07
CA PHE A 43 1.29 13.98 43.84
C PHE A 43 0.37 15.19 43.76
N SER A 44 -0.32 15.31 42.63
CA SER A 44 -1.40 16.27 42.43
C SER A 44 -2.60 15.87 43.28
N PRO A 45 -3.47 16.81 43.70
CA PRO A 45 -4.49 16.52 44.71
C PRO A 45 -5.74 15.84 44.14
N GLU A 46 -5.69 15.54 42.83
CA GLU A 46 -6.83 14.99 42.11
C GLU A 46 -6.89 13.47 42.30
N ARG A 47 -8.05 12.99 42.79
CA ARG A 47 -8.39 11.59 43.02
C ARG A 47 -7.31 10.84 43.81
N PHE A 48 -7.64 9.58 44.12
CA PHE A 48 -6.88 8.74 45.02
C PHE A 48 -6.46 7.47 44.28
N GLU A 49 -5.58 7.64 43.29
CA GLU A 49 -5.05 6.55 42.47
C GLU A 49 -4.06 5.71 43.28
N LEU A 50 -3.79 4.48 42.82
CA LEU A 50 -2.94 3.55 43.54
C LEU A 50 -1.66 4.22 44.03
N PRO A 51 -0.77 4.74 43.15
CA PRO A 51 0.51 5.30 43.59
C PRO A 51 0.38 6.19 44.82
N LYS A 52 -0.56 7.15 44.77
CA LYS A 52 -0.81 8.02 45.90
C LYS A 52 -1.26 7.17 47.09
N ALA A 53 -2.16 6.22 46.84
CA ALA A 53 -2.79 5.40 47.88
C ALA A 53 -1.75 4.64 48.68
N PHE A 54 -0.68 4.22 48.00
CA PHE A 54 0.40 3.50 48.67
C PHE A 54 1.10 4.45 49.64
N PHE A 55 1.73 5.49 49.10
CA PHE A 55 2.54 6.40 49.89
C PHE A 55 1.77 6.89 51.10
N ALA A 56 0.48 7.21 50.90
CA ALA A 56 -0.38 7.64 51.98
C ALA A 56 -0.50 6.54 53.02
N THR A 57 -0.73 5.31 52.54
CA THR A 57 -0.89 4.18 53.44
C THR A 57 0.45 3.90 54.15
N ALA A 58 1.55 4.02 53.41
CA ALA A 58 2.87 3.67 53.92
C ALA A 58 3.30 4.63 55.02
N GLN A 59 3.09 5.92 54.76
CA GLN A 59 3.44 6.98 55.69
C GLN A 59 2.56 6.87 56.94
N SER A 60 1.34 6.36 56.75
CA SER A 60 0.41 6.15 57.85
C SER A 60 0.97 5.08 58.79
N VAL A 61 1.51 4.02 58.20
CA VAL A 61 2.18 2.95 58.93
C VAL A 61 3.36 3.55 59.69
N ARG A 62 4.16 4.38 58.98
CA ARG A 62 5.45 4.83 59.46
C ARG A 62 5.31 5.73 60.68
N ASP A 63 4.14 6.36 60.81
CA ASP A 63 3.75 7.08 62.02
C ASP A 63 3.86 6.12 63.21
N SER A 64 3.25 4.94 63.08
CA SER A 64 3.30 3.94 64.14
C SER A 64 4.75 3.49 64.37
N LEU A 65 5.43 3.13 63.29
CA LEU A 65 6.80 2.63 63.34
C LEU A 65 7.70 3.58 64.13
N LEU A 66 7.44 4.88 64.01
CA LEU A 66 8.29 5.87 64.66
C LEU A 66 8.07 5.88 66.17
N ILE A 67 6.80 5.85 66.61
CA ILE A 67 6.49 5.87 68.04
C ILE A 67 7.35 4.83 68.76
N ASN A 68 7.43 3.64 68.14
CA ASN A 68 8.13 2.50 68.69
C ASN A 68 9.64 2.68 68.54
N TRP A 69 10.08 3.19 67.39
CA TRP A 69 11.50 3.40 67.13
C TRP A 69 12.06 4.35 68.18
N ASN A 70 11.23 5.30 68.60
CA ASN A 70 11.61 6.26 69.62
C ASN A 70 11.55 5.58 70.98
N ALA A 71 10.42 4.94 71.29
CA ALA A 71 10.26 4.20 72.53
C ALA A 71 11.49 3.31 72.78
N THR A 72 11.96 2.64 71.71
CA THR A 72 13.07 1.70 71.72
C THR A 72 14.39 2.44 71.88
N TYR A 73 14.57 3.51 71.09
CA TYR A 73 15.77 4.32 71.13
C TYR A 73 16.05 4.79 72.57
N ASP A 74 15.02 5.34 73.24
CA ASP A 74 15.11 5.87 74.59
C ASP A 74 15.66 4.80 75.54
N ILE A 75 15.05 3.61 75.52
CA ILE A 75 15.41 2.58 76.47
C ILE A 75 16.87 2.16 76.24
N TYR A 76 17.22 1.78 75.00
CA TYR A 76 18.59 1.39 74.64
C TYR A 76 19.59 2.45 75.09
N GLU A 77 19.14 3.70 75.13
CA GLU A 77 19.98 4.84 75.44
C GLU A 77 20.17 4.98 76.95
N LYS A 78 19.06 4.88 77.70
CA LYS A 78 19.03 5.09 79.14
C LYS A 78 19.67 3.93 79.89
N LEU A 79 19.34 2.70 79.47
CA LEU A 79 19.82 1.48 80.10
C LEU A 79 21.33 1.34 79.90
N ASN A 80 21.79 1.59 78.66
CA ASN A 80 23.19 1.62 78.29
C ASN A 80 23.76 0.20 78.26
N MET A 81 22.91 -0.80 78.03
CA MET A 81 23.41 -2.16 77.91
C MET A 81 24.18 -2.34 76.60
N LYS A 82 24.73 -3.54 76.40
CA LYS A 82 25.44 -3.87 75.19
C LYS A 82 24.47 -3.79 74.01
N GLN A 83 25.04 -3.55 72.81
CA GLN A 83 24.28 -3.46 71.58
C GLN A 83 25.14 -4.08 70.48
N ALA A 84 24.48 -4.68 69.49
CA ALA A 84 25.20 -5.37 68.45
C ALA A 84 25.01 -4.62 67.14
N TYR A 85 25.99 -4.75 66.24
CA TYR A 85 25.98 -3.99 65.01
C TYR A 85 26.36 -4.89 63.83
N TYR A 86 25.33 -5.29 63.06
CA TYR A 86 25.49 -6.23 61.96
C TYR A 86 25.86 -5.46 60.70
N LEU A 87 27.11 -5.61 60.24
CA LEU A 87 27.59 -4.89 59.08
C LEU A 87 27.57 -5.78 57.84
N SER A 88 27.03 -5.26 56.74
CA SER A 88 26.83 -6.00 55.51
C SER A 88 26.83 -5.05 54.32
N MET A 89 27.54 -5.45 53.26
CA MET A 89 27.56 -4.68 52.03
C MET A 89 26.19 -4.72 51.37
N GLU A 90 25.35 -5.69 51.75
CA GLU A 90 24.03 -5.81 51.13
C GLU A 90 22.98 -6.31 52.13
N PHE A 91 21.85 -5.62 52.20
CA PHE A 91 20.63 -6.15 52.78
C PHE A 91 19.56 -6.22 51.69
N LEU A 92 18.78 -7.31 51.67
CA LEU A 92 17.78 -7.54 50.65
C LEU A 92 16.40 -7.53 51.30
N GLN A 93 15.97 -6.32 51.66
CA GLN A 93 14.86 -6.12 52.55
C GLN A 93 13.53 -6.47 51.89
N GLY A 94 13.43 -6.25 50.57
CA GLY A 94 12.19 -6.45 49.83
C GLY A 94 11.11 -5.45 50.22
N ARG A 95 9.85 -5.86 50.08
CA ARG A 95 8.70 -5.01 50.37
C ARG A 95 8.48 -4.95 51.86
N ALA A 96 8.36 -3.74 52.41
CA ALA A 96 8.30 -3.56 53.84
C ALA A 96 6.86 -3.61 54.34
N LEU A 97 5.91 -3.32 53.44
CA LEU A 97 4.58 -2.90 53.83
C LEU A 97 3.84 -4.00 54.61
N LEU A 98 3.66 -5.16 53.99
CA LEU A 98 2.77 -6.16 54.52
C LEU A 98 3.26 -6.66 55.88
N ASN A 99 4.59 -6.75 56.00
CA ASN A 99 5.27 -7.29 57.16
C ASN A 99 5.24 -6.29 58.30
N ALA A 100 5.40 -5.01 57.95
CA ALA A 100 5.28 -3.92 58.91
C ALA A 100 3.92 -3.96 59.58
N ILE A 101 2.86 -4.10 58.77
CA ILE A 101 1.50 -4.08 59.30
C ILE A 101 1.19 -5.41 59.97
N GLY A 102 1.80 -6.49 59.46
CA GLY A 102 1.66 -7.81 60.04
C GLY A 102 2.12 -7.82 61.48
N ASN A 103 3.39 -7.45 61.68
CA ASN A 103 4.02 -7.40 62.99
C ASN A 103 3.23 -6.49 63.92
N LEU A 104 2.72 -5.38 63.38
CA LEU A 104 2.03 -4.43 64.23
C LEU A 104 0.71 -5.03 64.68
N GLU A 105 0.26 -6.07 63.97
CA GLU A 105 -1.05 -6.67 64.15
C GLU A 105 -2.12 -5.65 63.76
N LEU A 106 -2.08 -5.21 62.50
CA LEU A 106 -3.02 -4.21 62.00
C LEU A 106 -3.41 -4.54 60.55
N THR A 107 -2.96 -5.71 60.07
CA THR A 107 -3.22 -6.17 58.70
C THR A 107 -4.70 -6.00 58.40
N GLY A 108 -5.55 -6.09 59.44
CA GLY A 108 -7.00 -6.09 59.31
C GLY A 108 -7.61 -4.69 59.33
N ALA A 109 -7.08 -3.82 60.20
CA ALA A 109 -7.55 -2.44 60.25
C ALA A 109 -7.17 -1.72 58.96
N PHE A 110 -5.96 -2.00 58.45
CA PHE A 110 -5.41 -1.37 57.25
C PHE A 110 -6.14 -1.81 55.97
N ALA A 111 -6.48 -3.10 55.89
CA ALA A 111 -7.15 -3.64 54.72
C ALA A 111 -8.61 -3.15 54.65
N GLU A 112 -9.16 -2.76 55.82
CA GLU A 112 -10.53 -2.26 55.90
C GLU A 112 -10.57 -0.77 55.58
N ALA A 113 -9.58 -0.03 56.10
CA ALA A 113 -9.44 1.39 55.85
C ALA A 113 -9.15 1.66 54.37
N LEU A 114 -8.44 0.73 53.71
CA LEU A 114 -8.14 0.82 52.28
C LEU A 114 -9.39 0.48 51.45
N LYS A 115 -10.31 -0.32 52.00
CA LYS A 115 -11.56 -0.61 51.33
C LYS A 115 -12.47 0.60 51.39
N ASN A 116 -12.45 1.27 52.55
CA ASN A 116 -13.12 2.54 52.76
C ASN A 116 -12.67 3.55 51.72
N LEU A 117 -11.38 3.55 51.38
CA LEU A 117 -10.84 4.48 50.40
C LEU A 117 -10.75 3.81 49.03
N GLY A 118 -11.64 2.83 48.81
CA GLY A 118 -11.92 2.28 47.50
C GLY A 118 -10.75 1.48 46.93
N HIS A 119 -9.95 0.89 47.83
CA HIS A 119 -8.83 0.04 47.43
C HIS A 119 -8.95 -1.32 48.11
N ASN A 120 -8.07 -2.24 47.73
CA ASN A 120 -7.82 -3.46 48.47
C ASN A 120 -6.31 -3.58 48.71
N LEU A 121 -5.97 -4.28 49.79
CA LEU A 121 -4.62 -4.25 50.34
C LEU A 121 -3.62 -4.78 49.32
N GLU A 122 -3.98 -5.83 48.58
CA GLU A 122 -3.01 -6.49 47.74
C GLU A 122 -2.67 -5.62 46.53
N ASN A 123 -3.65 -4.81 46.10
CA ASN A 123 -3.43 -3.91 44.98
C ASN A 123 -2.60 -2.72 45.45
N VAL A 124 -2.69 -2.42 46.75
CA VAL A 124 -1.92 -1.33 47.33
C VAL A 124 -0.48 -1.80 47.50
N ALA A 125 -0.32 -3.06 47.91
CA ALA A 125 1.01 -3.59 48.12
C ALA A 125 1.70 -3.75 46.77
N SER A 126 0.91 -3.95 45.73
CA SER A 126 1.40 -4.13 44.38
C SER A 126 2.36 -3.00 44.03
N GLN A 127 2.03 -1.79 44.50
CA GLN A 127 2.71 -0.58 44.05
C GLN A 127 4.17 -0.60 44.52
N GLU A 128 4.36 -0.67 45.84
CA GLU A 128 5.66 -0.61 46.48
C GLU A 128 6.70 -1.35 45.64
N PRO A 129 7.86 -0.72 45.32
CA PRO A 129 8.94 -1.43 44.66
C PRO A 129 9.69 -2.23 45.72
N ASP A 130 10.40 -3.28 45.30
CA ASP A 130 11.34 -3.93 46.20
C ASP A 130 12.51 -2.99 46.42
N ALA A 131 12.75 -2.61 47.68
CA ALA A 131 13.84 -1.69 48.00
C ALA A 131 15.17 -2.39 47.72
N ALA A 132 15.87 -1.98 46.65
CA ALA A 132 17.03 -2.71 46.13
C ALA A 132 18.35 -2.25 46.76
N LEU A 133 18.67 -2.80 47.95
CA LEU A 133 19.85 -2.48 48.74
C LEU A 133 20.77 -3.70 48.89
N GLY A 134 20.50 -4.75 48.11
CA GLY A 134 21.18 -6.04 48.24
C GLY A 134 20.95 -6.92 47.01
N ASN A 135 21.42 -8.17 47.06
CA ASN A 135 21.33 -9.01 45.88
C ASN A 135 20.99 -10.45 46.29
N GLY A 136 21.92 -11.09 47.00
CA GLY A 136 21.87 -12.53 47.23
C GLY A 136 21.56 -12.92 48.68
N GLY A 137 21.64 -14.23 48.95
CA GLY A 137 21.37 -14.73 50.29
C GLY A 137 22.07 -13.86 51.33
N LEU A 138 23.32 -13.48 51.01
CA LEU A 138 24.16 -12.72 51.93
C LEU A 138 23.31 -11.59 52.48
N GLY A 139 22.65 -10.88 51.57
CA GLY A 139 21.67 -9.87 51.92
C GLY A 139 20.50 -10.48 52.68
N ARG A 140 19.82 -11.45 52.05
CA ARG A 140 18.54 -11.90 52.56
C ARG A 140 18.70 -12.45 53.97
N LEU A 141 19.82 -13.13 54.20
CA LEU A 141 20.15 -13.52 55.55
C LEU A 141 20.08 -12.28 56.43
N ALA A 142 20.99 -11.33 56.17
CA ALA A 142 21.16 -10.14 56.99
C ALA A 142 19.80 -9.51 57.29
N SER A 143 18.92 -9.55 56.29
CA SER A 143 17.57 -9.05 56.42
C SER A 143 16.79 -9.89 57.42
N CYS A 144 16.64 -11.18 57.12
CA CYS A 144 15.93 -12.09 58.01
C CYS A 144 16.36 -11.83 59.45
N PHE A 145 17.67 -11.68 59.66
CA PHE A 145 18.29 -11.55 60.97
C PHE A 145 17.71 -10.35 61.71
N LEU A 146 17.61 -9.22 61.01
CA LEU A 146 17.10 -8.00 61.59
C LEU A 146 15.68 -8.25 62.07
N ASP A 147 14.91 -9.01 61.29
CA ASP A 147 13.54 -9.37 61.65
C ASP A 147 13.57 -9.98 63.04
N SER A 148 14.37 -11.02 63.18
CA SER A 148 14.48 -11.73 64.45
C SER A 148 14.94 -10.77 65.53
N LEU A 149 16.15 -10.22 65.33
CA LEU A 149 16.80 -9.36 66.30
C LEU A 149 15.77 -8.45 66.97
N ALA A 150 14.82 -7.95 66.19
CA ALA A 150 13.82 -7.05 66.70
C ALA A 150 12.64 -7.81 67.29
N THR A 151 12.28 -8.95 66.68
CA THR A 151 11.15 -9.72 67.16
C THR A 151 11.41 -10.17 68.58
N LEU A 152 12.69 -10.47 68.85
CA LEU A 152 13.08 -11.12 70.10
C LEU A 152 13.66 -10.10 71.09
N ASN A 153 13.65 -8.81 70.72
CA ASN A 153 13.95 -7.73 71.65
C ASN A 153 15.44 -7.61 71.92
N TYR A 154 16.28 -7.99 70.95
CA TYR A 154 17.73 -7.96 71.14
C TYR A 154 18.32 -6.65 70.61
N PRO A 155 18.88 -5.76 71.46
CA PRO A 155 19.51 -4.53 71.01
C PRO A 155 20.62 -4.68 69.96
N ALA A 156 20.26 -4.42 68.70
CA ALA A 156 21.17 -4.52 67.57
C ALA A 156 20.61 -3.78 66.35
N TRP A 157 21.49 -3.08 65.63
CA TRP A 157 21.14 -2.40 64.39
C TRP A 157 21.84 -3.08 63.21
N GLY A 158 21.36 -2.82 62.00
CA GLY A 158 22.10 -3.15 60.79
C GLY A 158 22.70 -1.88 60.19
N TYR A 159 23.92 -1.99 59.65
CA TYR A 159 24.55 -0.90 58.93
C TYR A 159 24.84 -1.34 57.50
N GLY A 160 24.48 -0.49 56.53
CA GLY A 160 24.68 -0.79 55.13
C GLY A 160 24.86 0.46 54.28
N LEU A 161 25.18 0.24 52.99
CA LEU A 161 25.17 1.34 52.05
C LEU A 161 23.75 1.46 51.48
N ARG A 162 23.36 2.70 51.16
CA ARG A 162 22.07 3.04 50.59
C ARG A 162 22.22 3.18 49.08
N TYR A 163 21.93 2.08 48.38
CA TYR A 163 22.19 1.98 46.95
C TYR A 163 21.07 2.67 46.17
N LYS A 164 21.45 3.54 45.23
CA LYS A 164 20.48 4.30 44.45
C LYS A 164 19.82 3.36 43.46
N TYR A 165 20.65 2.63 42.71
CA TYR A 165 20.20 1.91 41.54
C TYR A 165 20.30 0.40 41.75
N GLY A 166 20.34 -0.05 43.01
CA GLY A 166 20.47 -1.46 43.34
C GLY A 166 21.65 -2.12 42.61
N LEU A 167 21.43 -3.35 42.12
CA LEU A 167 22.41 -3.97 41.25
C LEU A 167 21.96 -3.82 39.80
N PHE A 168 20.80 -4.40 39.49
CA PHE A 168 20.09 -4.09 38.28
C PHE A 168 18.71 -4.77 38.27
N LYS A 169 17.90 -4.35 37.29
CA LYS A 169 16.64 -4.99 36.99
C LYS A 169 16.85 -5.81 35.72
N GLN A 170 16.19 -6.97 35.67
CA GLN A 170 16.36 -7.90 34.57
C GLN A 170 15.19 -7.75 33.60
N ARG A 171 15.51 -7.63 32.30
CA ARG A 171 14.50 -7.68 31.26
C ARG A 171 14.70 -8.96 30.46
N ILE A 172 13.62 -9.71 30.26
CA ILE A 172 13.68 -10.91 29.45
C ILE A 172 13.05 -10.61 28.10
N THR A 173 13.85 -10.70 27.04
CA THR A 173 13.44 -10.27 25.71
C THR A 173 13.70 -11.38 24.72
N LYS A 174 13.50 -11.09 23.43
CA LYS A 174 13.75 -12.05 22.38
C LYS A 174 15.21 -12.48 22.39
N ASP A 175 16.10 -11.58 22.82
CA ASP A 175 17.53 -11.83 22.79
C ASP A 175 18.01 -12.45 24.10
N GLY A 176 17.17 -12.33 25.13
CA GLY A 176 17.48 -12.92 26.44
C GLY A 176 17.43 -11.90 27.57
N GLN A 177 18.48 -11.88 28.39
CA GLN A 177 18.53 -10.96 29.51
C GLN A 177 19.11 -9.62 29.05
N GLU A 178 18.44 -8.54 29.43
CA GLU A 178 19.00 -7.21 29.41
C GLU A 178 18.93 -6.64 30.82
N GLU A 179 19.77 -5.63 31.11
CA GLU A 179 19.91 -5.08 32.43
C GLU A 179 19.65 -3.57 32.40
N VAL A 180 18.80 -3.08 33.33
CA VAL A 180 18.51 -1.67 33.42
C VAL A 180 18.52 -1.27 34.89
N ALA A 181 19.11 -0.09 35.18
CA ALA A 181 19.25 0.40 36.54
C ALA A 181 17.89 0.50 37.23
N GLU A 182 17.88 0.16 38.53
CA GLU A 182 16.64 0.06 39.29
C GLU A 182 16.07 1.46 39.53
N ASP A 183 14.77 1.50 39.79
CA ASP A 183 14.03 2.76 39.78
C ASP A 183 13.40 2.99 41.15
N TRP A 184 13.87 2.24 42.16
CA TRP A 184 13.13 2.15 43.40
C TRP A 184 13.05 3.50 44.10
N LEU A 185 14.06 4.35 43.88
CA LEU A 185 14.14 5.64 44.55
C LEU A 185 13.71 6.75 43.60
N GLU A 186 13.10 6.37 42.46
CA GLU A 186 12.65 7.29 41.43
C GLU A 186 11.80 8.40 42.06
N ILE A 187 10.84 8.00 42.90
CA ILE A 187 9.95 8.94 43.56
C ILE A 187 10.44 9.16 44.98
N GLY A 188 11.33 8.26 45.43
CA GLY A 188 11.84 8.28 46.80
C GLY A 188 11.16 7.21 47.65
N SER A 189 11.76 6.86 48.78
CA SER A 189 11.20 5.79 49.61
C SER A 189 10.40 6.38 50.77
N PRO A 190 9.16 5.91 50.98
CA PRO A 190 8.29 6.46 52.02
C PRO A 190 8.63 5.94 53.41
N TRP A 191 9.55 4.98 53.47
CA TRP A 191 9.92 4.37 54.73
C TRP A 191 11.04 5.18 55.37
N GLU A 192 12.13 5.41 54.61
CA GLU A 192 13.37 5.92 55.17
C GLU A 192 13.15 7.26 55.86
N VAL A 193 13.88 7.48 56.96
CA VAL A 193 13.84 8.70 57.75
C VAL A 193 15.24 9.29 57.76
N VAL A 194 15.41 10.46 57.13
CA VAL A 194 16.73 11.02 56.91
C VAL A 194 17.12 11.83 58.14
N ARG A 195 18.30 11.52 58.70
CA ARG A 195 18.87 12.25 59.82
C ARG A 195 20.01 13.13 59.31
N ASN A 196 19.74 14.43 59.17
CA ASN A 196 20.66 15.39 58.57
C ASN A 196 21.69 15.86 59.59
N ASP A 197 21.41 15.62 60.87
CA ASP A 197 22.34 15.95 61.93
C ASP A 197 23.22 14.75 62.23
N VAL A 198 23.10 13.72 61.40
CA VAL A 198 23.95 12.54 61.51
C VAL A 198 24.81 12.45 60.26
N SER A 199 25.93 13.15 60.32
CA SER A 199 26.92 13.03 59.25
C SER A 199 28.31 12.85 59.83
N TYR A 200 29.08 11.97 59.17
CA TYR A 200 30.43 11.67 59.59
C TYR A 200 31.37 11.91 58.41
N PRO A 201 32.57 12.46 58.66
CA PRO A 201 33.54 12.70 57.60
C PRO A 201 34.34 11.45 57.25
N ILE A 202 34.44 11.19 55.94
CA ILE A 202 35.22 10.08 55.42
C ILE A 202 36.39 10.69 54.65
N LYS A 203 37.48 9.92 54.54
CA LYS A 203 38.69 10.41 53.91
C LYS A 203 39.32 9.31 53.05
N PHE A 204 39.88 9.71 51.91
CA PHE A 204 40.63 8.81 51.03
C PHE A 204 41.93 9.50 50.65
N TYR A 205 42.89 8.71 50.14
CA TYR A 205 44.18 9.20 49.67
C TYR A 205 44.90 9.99 50.75
N GLY A 206 45.79 10.91 50.34
CA GLY A 206 46.48 11.78 51.27
C GLY A 206 47.65 11.06 51.94
N LYS A 207 48.21 11.68 53.00
CA LYS A 207 49.44 11.19 53.59
C LYS A 207 49.39 11.24 55.11
N VAL A 208 50.37 10.56 55.73
CA VAL A 208 50.50 10.46 57.17
C VAL A 208 51.85 11.04 57.60
N SER A 209 51.90 11.52 58.84
CA SER A 209 53.06 12.21 59.39
C SER A 209 52.97 12.24 60.91
N THR A 210 54.11 12.42 61.56
CA THR A 210 54.15 12.26 63.00
C THR A 210 54.26 13.61 63.71
N GLY A 211 53.26 13.86 64.57
CA GLY A 211 53.18 15.07 65.37
C GLY A 211 54.24 15.06 66.47
N SER A 212 54.56 16.25 66.98
CA SER A 212 55.59 16.39 67.98
C SER A 212 55.03 16.11 69.37
N ASP A 213 53.81 15.54 69.41
CA ASP A 213 53.20 15.02 70.62
C ASP A 213 53.44 13.50 70.68
N GLY A 214 53.73 12.93 69.50
CA GLY A 214 53.98 11.51 69.36
C GLY A 214 53.12 10.91 68.26
N LYS A 215 51.82 11.28 68.29
CA LYS A 215 50.79 10.57 67.55
C LYS A 215 51.01 10.77 66.04
N ARG A 216 50.34 9.91 65.26
CA ARG A 216 50.36 10.02 63.82
C ARG A 216 49.14 10.84 63.37
N TYR A 217 49.32 11.54 62.25
CA TYR A 217 48.32 12.42 61.69
C TYR A 217 48.15 12.15 60.20
N TRP A 218 46.92 11.77 59.83
CA TRP A 218 46.57 11.49 58.44
C TRP A 218 45.74 12.65 57.91
N ILE A 219 46.32 13.37 56.93
CA ILE A 219 45.68 14.53 56.32
C ILE A 219 45.70 14.40 54.79
N GLY A 220 45.05 15.35 54.12
CA GLY A 220 45.12 15.50 52.67
C GLY A 220 44.15 14.57 51.96
N GLY A 221 44.42 14.35 50.66
CA GLY A 221 43.58 13.52 49.80
C GLY A 221 42.20 14.15 49.59
N GLU A 222 41.15 13.34 49.77
CA GLU A 222 39.77 13.76 49.58
C GLU A 222 39.01 13.65 50.90
N ASP A 223 38.11 14.60 51.13
CA ASP A 223 37.17 14.53 52.24
C ASP A 223 35.76 14.51 51.65
N ILE A 224 34.93 13.60 52.18
CA ILE A 224 33.52 13.55 51.81
C ILE A 224 32.72 13.29 53.08
N LYS A 225 31.38 13.26 52.94
CA LYS A 225 30.50 13.10 54.07
C LYS A 225 29.65 11.84 53.90
N ALA A 226 29.19 11.29 55.01
CA ALA A 226 28.29 10.15 55.01
C ALA A 226 27.13 10.49 55.92
N VAL A 227 25.91 10.33 55.41
CA VAL A 227 24.75 10.79 56.14
C VAL A 227 23.80 9.62 56.40
N ALA A 228 23.25 9.61 57.60
CA ALA A 228 22.47 8.49 58.05
C ALA A 228 21.04 8.60 57.51
N TYR A 229 20.53 7.47 57.01
CA TYR A 229 19.12 7.24 56.77
C TYR A 229 18.68 5.99 57.54
N ASP A 230 17.72 6.15 58.44
CA ASP A 230 17.25 5.04 59.25
C ASP A 230 16.04 4.39 58.60
N VAL A 231 16.15 3.07 58.33
CA VAL A 231 15.01 2.25 57.93
C VAL A 231 14.55 1.47 59.16
N PRO A 232 13.36 1.76 59.74
CA PRO A 232 12.91 1.05 60.93
C PRO A 232 12.67 -0.43 60.62
N ILE A 233 12.92 -1.29 61.60
CA ILE A 233 12.46 -2.66 61.57
C ILE A 233 11.67 -2.91 62.84
N PRO A 234 10.40 -3.32 62.73
CA PRO A 234 9.58 -3.66 63.89
C PRO A 234 9.60 -5.18 64.07
N GLY A 235 9.34 -5.61 65.31
CA GLY A 235 9.31 -7.03 65.65
C GLY A 235 7.89 -7.57 65.70
N TYR A 236 7.78 -8.87 65.48
CA TYR A 236 6.49 -9.53 65.55
C TYR A 236 5.97 -9.48 66.98
N LYS A 237 4.87 -8.78 67.16
CA LYS A 237 4.07 -8.73 68.38
C LYS A 237 4.83 -8.03 69.50
N THR A 238 5.79 -7.18 69.15
CA THR A 238 6.58 -6.46 70.14
C THR A 238 6.71 -5.00 69.74
N ARG A 239 7.13 -4.16 70.68
CA ARG A 239 7.39 -2.75 70.45
C ARG A 239 8.84 -2.55 70.00
N THR A 240 9.67 -3.57 70.22
CA THR A 240 11.09 -3.45 69.92
C THR A 240 11.27 -3.15 68.44
N THR A 241 11.76 -1.95 68.14
CA THR A 241 11.91 -1.48 66.77
C THR A 241 13.31 -0.91 66.60
N ILE A 242 14.11 -1.61 65.80
CA ILE A 242 15.52 -1.30 65.66
C ILE A 242 15.71 -0.64 64.30
N SER A 243 16.97 -0.42 63.92
CA SER A 243 17.28 0.32 62.70
C SER A 243 18.05 -0.53 61.70
N LEU A 244 17.82 -0.26 60.41
CA LEU A 244 18.78 -0.56 59.37
C LEU A 244 19.32 0.75 58.81
N ARG A 245 20.31 1.31 59.49
CA ARG A 245 20.87 2.61 59.18
C ARG A 245 21.77 2.52 57.95
N LEU A 246 21.29 3.08 56.83
CA LEU A 246 22.02 3.06 55.58
C LEU A 246 22.75 4.39 55.38
N TRP A 247 23.96 4.32 54.84
CA TRP A 247 24.78 5.50 54.63
C TRP A 247 24.59 6.04 53.21
N SER A 248 24.61 7.37 53.07
CA SER A 248 24.61 8.00 51.77
C SER A 248 25.75 9.01 51.69
N THR A 249 26.56 8.86 50.64
CA THR A 249 27.78 9.63 50.47
C THR A 249 27.51 10.84 49.58
N GLN A 250 28.08 11.99 49.96
CA GLN A 250 27.87 13.26 49.28
C GLN A 250 28.97 14.26 49.64
N VAL A 251 28.79 15.50 49.17
CA VAL A 251 29.76 16.56 49.32
C VAL A 251 29.00 17.81 49.81
N PRO A 252 29.59 18.71 50.63
CA PRO A 252 28.94 19.97 50.98
C PRO A 252 28.89 20.84 49.74
N SER A 253 27.82 21.64 49.63
CA SER A 253 27.52 22.39 48.41
C SER A 253 28.71 23.23 47.97
N ALA A 254 29.40 23.80 48.96
CA ALA A 254 30.53 24.70 48.74
C ALA A 254 31.55 24.06 47.81
N ASP A 255 31.44 22.74 47.59
CA ASP A 255 32.40 22.01 46.78
C ASP A 255 31.95 22.01 45.32
N PHE A 256 30.99 22.86 44.99
CA PHE A 256 30.61 23.05 43.61
C PHE A 256 31.43 24.20 43.03
N ASP A 257 32.15 23.95 41.93
CA ASP A 257 33.05 24.96 41.40
C ASP A 257 32.27 25.93 40.51
N LEU A 258 31.94 27.10 41.07
CA LEU A 258 31.21 28.13 40.36
C LEU A 258 32.09 28.67 39.23
N SER A 259 33.31 29.05 39.62
CA SER A 259 34.33 29.57 38.73
C SER A 259 34.37 28.76 37.42
N ALA A 260 34.37 27.43 37.55
CA ALA A 260 34.50 26.56 36.38
C ALA A 260 33.17 26.43 35.66
N PHE A 261 32.07 26.21 36.41
CA PHE A 261 30.76 25.98 35.81
C PHE A 261 30.45 27.14 34.86
N ASN A 262 30.72 28.37 35.31
CA ASN A 262 30.41 29.59 34.57
C ASN A 262 31.42 29.79 33.45
N ALA A 263 32.59 29.17 33.58
CA ALA A 263 33.63 29.22 32.56
C ALA A 263 33.26 28.32 31.40
N GLY A 264 32.34 27.38 31.63
CA GLY A 264 31.81 26.52 30.60
C GLY A 264 31.93 25.05 30.97
N GLU A 265 32.98 24.73 31.74
CA GLU A 265 33.28 23.35 32.08
C GLU A 265 32.34 22.86 33.17
N HIS A 266 31.19 22.31 32.75
CA HIS A 266 30.12 21.83 33.62
C HIS A 266 30.52 20.53 34.29
N THR A 267 31.10 19.62 33.50
CA THR A 267 31.57 18.35 34.01
C THR A 267 32.56 18.64 35.16
N LYS A 268 33.58 19.45 34.85
CA LYS A 268 34.67 19.71 35.77
C LYS A 268 34.16 20.21 37.11
N ALA A 269 33.05 20.96 37.10
CA ALA A 269 32.54 21.58 38.31
C ALA A 269 31.90 20.54 39.23
N CYS A 270 31.41 19.45 38.65
CA CYS A 270 30.64 18.48 39.42
C CYS A 270 31.52 17.32 39.92
N GLU A 271 32.76 17.26 39.44
CA GLU A 271 33.73 16.24 39.84
C GLU A 271 33.54 15.83 41.31
N ALA A 272 33.58 16.83 42.20
CA ALA A 272 33.57 16.64 43.65
C ALA A 272 32.40 15.77 44.09
N GLN A 273 31.17 16.20 43.80
CA GLN A 273 29.97 15.48 44.25
C GLN A 273 29.75 14.20 43.42
N ALA A 274 30.33 14.14 42.22
CA ALA A 274 30.12 13.01 41.33
C ALA A 274 30.95 11.81 41.79
N ASN A 275 32.15 12.10 42.28
CA ASN A 275 33.00 11.08 42.89
C ASN A 275 32.38 10.65 44.22
N ALA A 276 31.90 11.64 44.99
CA ALA A 276 31.42 11.43 46.35
C ALA A 276 30.09 10.66 46.36
N GLU A 277 29.34 10.75 45.26
CA GLU A 277 28.00 10.19 45.22
C GLU A 277 28.02 8.78 44.62
N LYS A 278 28.93 8.55 43.66
CA LYS A 278 28.96 7.32 42.88
C LYS A 278 29.26 6.11 43.77
N ILE A 279 29.74 6.42 44.98
CA ILE A 279 29.99 5.44 46.01
C ILE A 279 28.71 4.67 46.29
N CYS A 280 27.56 5.35 46.28
CA CYS A 280 26.33 4.70 46.68
C CYS A 280 25.43 4.41 45.48
N TYR A 281 26.00 4.41 44.27
CA TYR A 281 25.18 4.25 43.07
C TYR A 281 24.69 2.81 42.95
N ILE A 282 25.63 1.90 42.64
CA ILE A 282 25.31 0.49 42.45
C ILE A 282 26.14 -0.41 43.37
N LEU A 283 25.52 -1.57 43.65
CA LEU A 283 26.02 -2.62 44.52
C LEU A 283 26.88 -3.55 43.67
N TYR A 284 28.07 -3.84 44.17
CA TYR A 284 29.06 -4.57 43.41
C TYR A 284 29.24 -3.91 42.05
N PRO A 285 29.95 -2.77 41.99
CA PRO A 285 30.39 -2.20 40.72
C PRO A 285 31.43 -3.07 40.03
N GLY A 286 31.40 -3.09 38.70
CA GLY A 286 32.42 -3.76 37.91
C GLY A 286 33.82 -3.33 38.33
N ASP A 287 34.74 -4.29 38.46
CA ASP A 287 36.01 -4.05 39.12
C ASP A 287 37.16 -4.57 38.27
N GLU A 288 36.89 -4.78 36.98
CA GLU A 288 37.91 -5.22 36.03
C GLU A 288 39.01 -4.16 35.92
N SER A 289 38.60 -2.89 35.82
CA SER A 289 39.51 -1.76 35.71
C SER A 289 39.90 -1.26 37.10
N GLU A 290 41.03 -0.52 37.14
CA GLU A 290 41.61 0.05 38.35
C GLU A 290 40.57 0.90 39.07
N GLU A 291 39.77 1.58 38.25
CA GLU A 291 38.74 2.48 38.75
C GLU A 291 37.72 1.70 39.58
N GLY A 292 37.22 0.60 39.00
CA GLY A 292 36.24 -0.25 39.65
C GLY A 292 36.73 -0.74 41.01
N LYS A 293 38.02 -1.09 41.07
CA LYS A 293 38.66 -1.55 42.28
C LYS A 293 38.62 -0.45 43.34
N ILE A 294 39.10 0.74 42.99
CA ILE A 294 39.19 1.84 43.94
C ILE A 294 37.80 2.12 44.52
N LEU A 295 36.79 2.06 43.65
CA LEU A 295 35.40 2.30 44.03
C LEU A 295 34.95 1.25 45.04
N ARG A 296 35.13 -0.02 44.68
CA ARG A 296 34.86 -1.13 45.57
C ARG A 296 35.41 -0.80 46.95
N LEU A 297 36.71 -0.46 46.98
CA LEU A 297 37.44 -0.26 48.22
C LEU A 297 36.81 0.88 48.99
N LYS A 298 36.52 1.98 48.28
CA LYS A 298 35.88 3.12 48.89
C LYS A 298 34.58 2.67 49.56
N GLN A 299 33.74 1.95 48.79
CA GLN A 299 32.47 1.42 49.27
C GLN A 299 32.67 0.81 50.65
N GLN A 300 33.61 -0.14 50.71
CA GLN A 300 33.92 -0.86 51.93
C GLN A 300 34.26 0.16 53.02
N TYR A 301 35.38 0.86 52.82
CA TYR A 301 35.95 1.68 53.89
C TYR A 301 34.91 2.64 54.43
N THR A 302 34.08 3.18 53.53
CA THR A 302 33.03 4.08 53.92
C THR A 302 32.13 3.37 54.93
N LEU A 303 31.52 2.25 54.51
CA LEU A 303 30.60 1.52 55.34
C LEU A 303 31.20 1.36 56.74
N CYS A 304 32.50 1.02 56.76
CA CYS A 304 33.22 0.72 57.99
C CYS A 304 33.33 1.97 58.84
N SER A 305 34.05 2.96 58.31
CA SER A 305 34.43 4.12 59.10
C SER A 305 33.18 4.85 59.59
N ALA A 306 32.24 5.04 58.67
CA ALA A 306 30.98 5.70 58.98
C ALA A 306 30.30 4.99 60.14
N SER A 307 30.09 3.69 59.97
CA SER A 307 29.38 2.88 60.94
C SER A 307 30.06 2.98 62.30
N LEU A 308 31.36 2.68 62.34
CA LEU A 308 32.13 2.63 63.58
C LEU A 308 32.02 3.98 64.28
N GLN A 309 32.28 5.05 63.53
CA GLN A 309 32.23 6.41 64.03
C GLN A 309 30.93 6.62 64.81
N ASP A 310 29.82 6.21 64.18
CA ASP A 310 28.48 6.39 64.72
C ASP A 310 28.33 5.59 66.01
N ILE A 311 28.88 4.37 66.00
CA ILE A 311 28.80 3.46 67.11
C ILE A 311 29.56 4.06 68.31
N ILE A 312 30.80 4.49 68.05
CA ILE A 312 31.70 5.04 69.04
C ILE A 312 31.05 6.26 69.67
N SER A 313 30.45 7.08 68.82
CA SER A 313 29.76 8.27 69.26
C SER A 313 28.65 7.89 70.23
N ARG A 314 27.93 6.81 69.93
CA ARG A 314 26.82 6.39 70.76
C ARG A 314 27.36 5.90 72.11
N PHE A 315 28.51 5.21 72.06
CA PHE A 315 29.19 4.78 73.28
C PHE A 315 29.49 6.00 74.14
N GLU A 316 30.30 6.90 73.57
CA GLU A 316 30.78 8.07 74.29
C GLU A 316 29.60 8.78 74.94
N ARG A 317 28.56 9.02 74.15
CA ARG A 317 27.39 9.73 74.62
C ARG A 317 26.78 9.00 75.82
N ARG A 318 26.61 7.68 75.70
CA ARG A 318 25.92 6.90 76.73
C ARG A 318 26.76 6.88 78.01
N SER A 319 28.07 7.11 77.86
CA SER A 319 29.04 7.03 78.94
C SER A 319 28.92 8.22 79.90
N GLY A 320 28.90 9.43 79.36
CA GLY A 320 28.91 10.64 80.18
C GLY A 320 30.30 10.95 80.72
N ASP A 321 30.40 11.04 82.05
CA ASP A 321 31.66 11.41 82.71
C ASP A 321 32.54 10.15 82.78
N ARG A 322 31.90 9.03 83.11
CA ARG A 322 32.55 7.71 83.42
C ARG A 322 33.08 6.97 82.19
N ILE A 323 33.48 7.69 81.15
CA ILE A 323 34.01 7.06 79.94
C ILE A 323 35.23 6.20 80.23
N LYS A 324 35.02 4.87 80.18
CA LYS A 324 36.09 3.90 80.37
C LYS A 324 36.29 3.12 79.07
N TRP A 325 37.42 3.30 78.39
CA TRP A 325 37.69 2.65 77.12
C TRP A 325 37.87 1.14 77.27
N GLU A 326 38.29 0.75 78.48
CA GLU A 326 38.28 -0.60 79.02
C GLU A 326 36.94 -1.26 78.66
N GLU A 327 35.86 -0.48 78.79
CA GLU A 327 34.49 -0.93 78.80
C GLU A 327 33.96 -1.16 77.39
N PHE A 328 34.74 -0.80 76.36
CA PHE A 328 34.20 -0.71 75.02
C PHE A 328 33.62 -2.06 74.58
N PRO A 329 34.42 -3.15 74.58
CA PRO A 329 33.95 -4.42 74.03
C PRO A 329 32.80 -5.01 74.83
N GLU A 330 32.61 -4.51 76.06
CA GLU A 330 31.56 -4.98 76.98
C GLU A 330 30.23 -4.34 76.61
N LYS A 331 30.27 -3.36 75.69
CA LYS A 331 29.12 -2.55 75.35
C LYS A 331 28.77 -2.71 73.87
N VAL A 332 29.73 -3.16 73.06
CA VAL A 332 29.64 -3.09 71.62
C VAL A 332 30.13 -4.40 70.98
N ALA A 333 29.47 -4.79 69.88
CA ALA A 333 29.91 -5.92 69.07
C ALA A 333 29.60 -5.69 67.60
N VAL A 334 30.62 -5.93 66.77
CA VAL A 334 30.56 -5.62 65.35
C VAL A 334 30.82 -6.90 64.58
N GLN A 335 29.85 -7.30 63.75
CA GLN A 335 29.93 -8.57 63.03
C GLN A 335 30.10 -8.32 61.53
N MET A 336 31.26 -8.68 61.02
CA MET A 336 31.56 -8.46 59.61
C MET A 336 30.96 -9.61 58.79
N ASN A 337 29.87 -9.32 58.08
CA ASN A 337 29.19 -10.30 57.25
C ASN A 337 29.98 -10.55 55.96
N ASP A 338 30.90 -11.52 56.03
CA ASP A 338 31.87 -11.82 54.98
C ASP A 338 33.02 -10.82 55.06
N THR A 339 33.94 -10.94 54.10
CA THR A 339 35.26 -10.31 54.11
C THR A 339 35.16 -8.83 53.79
N HIS A 340 33.96 -8.35 53.41
CA HIS A 340 33.77 -6.97 53.00
C HIS A 340 34.12 -6.03 54.15
N PRO A 341 33.40 -6.07 55.31
CA PRO A 341 33.56 -5.07 56.36
C PRO A 341 34.87 -5.20 57.13
N THR A 342 35.84 -5.90 56.51
CA THR A 342 37.12 -6.23 57.12
C THR A 342 37.79 -5.00 57.72
N LEU A 343 37.75 -3.88 57.00
CA LEU A 343 38.54 -2.73 57.40
C LEU A 343 38.10 -2.19 58.76
N CYS A 344 36.98 -2.69 59.30
CA CYS A 344 36.52 -2.32 60.63
C CYS A 344 37.66 -2.42 61.63
N ILE A 345 38.55 -3.41 61.37
CA ILE A 345 39.65 -3.74 62.25
C ILE A 345 40.68 -2.63 62.20
N PRO A 346 41.45 -2.44 61.09
CA PRO A 346 42.48 -1.39 61.05
C PRO A 346 41.90 -0.01 61.36
N GLU A 347 40.60 0.15 61.13
CA GLU A 347 39.90 1.40 61.37
C GLU A 347 39.70 1.63 62.87
N LEU A 348 39.04 0.67 63.53
CA LEU A 348 38.75 0.82 64.96
C LEU A 348 40.05 1.03 65.72
N MET A 349 41.12 0.40 65.22
CA MET A 349 42.46 0.56 65.79
C MET A 349 42.90 2.01 65.60
N ARG A 350 42.87 2.49 64.34
CA ARG A 350 43.28 3.84 64.00
C ARG A 350 42.61 4.87 64.91
N ILE A 351 41.29 4.70 65.10
CA ILE A 351 40.47 5.57 65.94
C ILE A 351 41.00 5.54 67.38
N LEU A 352 41.16 4.32 67.89
CA LEU A 352 41.48 4.15 69.30
C LEU A 352 42.95 4.53 69.57
N ILE A 353 43.73 4.74 68.51
CA ILE A 353 45.15 5.04 68.65
C ILE A 353 45.41 6.51 68.36
N ASP A 354 44.96 6.98 67.19
CA ASP A 354 45.34 8.28 66.70
C ASP A 354 44.42 9.34 67.29
N LEU A 355 43.17 8.96 67.61
CA LEU A 355 42.24 9.93 68.17
C LEU A 355 42.00 9.69 69.65
N LYS A 356 41.59 8.48 70.04
CA LYS A 356 41.30 8.18 71.44
C LYS A 356 42.61 8.10 72.25
N GLY A 357 43.72 7.89 71.54
CA GLY A 357 45.07 8.08 72.06
C GLY A 357 45.56 6.96 72.96
N LEU A 358 44.87 5.80 72.94
CA LEU A 358 45.20 4.66 73.77
C LEU A 358 46.45 3.95 73.21
N ASN A 359 47.09 3.12 74.05
CA ASN A 359 48.31 2.38 73.70
C ASN A 359 47.96 1.15 72.85
N TRP A 360 48.87 0.80 71.93
CA TRP A 360 48.60 -0.15 70.87
C TRP A 360 47.86 -1.39 71.39
N ASN A 361 48.38 -1.99 72.46
CA ASN A 361 47.89 -3.26 72.96
C ASN A 361 46.46 -3.10 73.48
N GLU A 362 46.29 -2.19 74.43
CA GLU A 362 45.00 -1.90 75.03
C GLU A 362 43.94 -1.82 73.94
N ALA A 363 44.30 -1.15 72.84
CA ALA A 363 43.41 -0.92 71.71
C ALA A 363 43.12 -2.23 70.98
N TRP A 364 44.19 -2.98 70.69
CA TRP A 364 44.13 -4.22 69.93
C TRP A 364 43.25 -5.26 70.63
N ASN A 365 43.35 -5.26 71.96
CA ASN A 365 42.55 -6.05 72.89
C ASN A 365 41.06 -5.69 72.68
N ILE A 366 40.75 -4.39 72.69
CA ILE A 366 39.38 -3.93 72.59
C ILE A 366 38.81 -4.32 71.23
N THR A 367 39.64 -4.24 70.19
CA THR A 367 39.28 -4.56 68.81
C THR A 367 38.89 -6.03 68.69
N GLN A 368 39.78 -6.92 69.14
CA GLN A 368 39.58 -8.35 69.05
C GLN A 368 38.30 -8.74 69.77
N ARG A 369 38.03 -8.05 70.88
CA ARG A 369 36.95 -8.40 71.80
C ARG A 369 35.63 -7.81 71.33
N THR A 370 35.64 -7.10 70.20
CA THR A 370 34.44 -6.44 69.69
C THR A 370 34.07 -6.99 68.31
N VAL A 371 35.08 -7.18 67.47
CA VAL A 371 34.93 -7.60 66.08
C VAL A 371 34.75 -9.12 66.04
N ALA A 372 33.89 -9.60 65.12
CA ALA A 372 33.71 -11.02 64.83
C ALA A 372 33.50 -11.24 63.32
N TYR A 373 34.02 -12.36 62.82
CA TYR A 373 33.94 -12.74 61.41
C TYR A 373 32.84 -13.78 61.22
N THR A 374 32.16 -13.75 60.07
CA THR A 374 31.21 -14.77 59.64
C THR A 374 31.53 -15.13 58.18
N ASN A 375 32.33 -16.18 58.00
CA ASN A 375 32.77 -16.56 56.67
C ASN A 375 31.62 -17.22 55.93
N HIS A 376 31.63 -17.09 54.58
CA HIS A 376 30.58 -17.62 53.72
C HIS A 376 31.12 -18.53 52.62
N THR A 377 32.44 -18.55 52.40
CA THR A 377 33.00 -19.19 51.22
C THR A 377 33.65 -20.53 51.56
N VAL A 378 33.66 -21.41 50.55
CA VAL A 378 34.17 -22.77 50.69
C VAL A 378 35.61 -22.84 50.20
N LEU A 379 35.92 -22.17 49.07
CA LEU A 379 37.10 -22.43 48.27
C LEU A 379 38.16 -21.36 48.45
N PRO A 380 39.31 -21.62 49.11
CA PRO A 380 40.40 -20.64 49.23
C PRO A 380 40.86 -20.06 47.89
N GLU A 381 40.33 -18.87 47.57
CA GLU A 381 40.50 -18.16 46.32
C GLU A 381 39.28 -17.27 46.10
N ALA A 382 38.19 -17.61 46.80
CA ALA A 382 36.99 -16.80 46.85
C ALA A 382 37.10 -15.80 48.00
N LEU A 383 38.18 -15.94 48.80
CA LEU A 383 38.50 -15.03 49.88
C LEU A 383 39.24 -13.83 49.32
N GLU A 384 38.82 -12.62 49.69
CA GLU A 384 39.23 -11.43 48.95
C GLU A 384 40.66 -11.03 49.29
N LYS A 385 41.40 -10.67 48.22
CA LYS A 385 42.80 -10.26 48.25
C LYS A 385 42.97 -8.95 47.48
N TRP A 386 43.62 -7.96 48.11
CA TRP A 386 43.76 -6.62 47.55
C TRP A 386 45.18 -6.37 47.01
N SER A 387 45.25 -5.36 46.14
CA SER A 387 46.52 -4.80 45.70
C SER A 387 47.09 -3.91 46.81
N TYR A 388 48.35 -4.17 47.19
CA TYR A 388 49.06 -3.40 48.20
C TYR A 388 49.12 -1.92 47.79
N GLU A 389 49.80 -1.65 46.66
CA GLU A 389 50.05 -0.31 46.13
C GLU A 389 48.74 0.46 46.02
N LEU A 390 47.64 -0.28 45.75
CA LEU A 390 46.30 0.29 45.70
C LEU A 390 45.85 0.68 47.11
N MET A 391 45.76 -0.32 48.00
CA MET A 391 45.29 -0.06 49.35
C MET A 391 46.20 0.96 50.03
N GLN A 392 47.52 0.83 49.78
CA GLN A 392 48.54 1.78 50.19
C GLN A 392 48.08 3.21 49.88
N LYS A 393 47.82 3.45 48.59
CA LYS A 393 47.60 4.77 48.04
C LYS A 393 46.25 5.33 48.48
N LEU A 394 45.31 4.45 48.88
CA LEU A 394 43.96 4.85 49.23
C LEU A 394 43.77 4.97 50.74
N LEU A 395 44.34 4.01 51.49
CA LEU A 395 44.14 3.99 52.93
C LEU A 395 45.49 3.90 53.65
N PRO A 396 46.45 4.84 53.41
CA PRO A 396 47.85 4.64 53.79
C PRO A 396 48.13 4.57 55.29
N ARG A 397 47.16 5.00 56.11
CA ARG A 397 47.26 4.91 57.56
C ARG A 397 46.89 3.49 57.99
N HIS A 398 45.90 2.92 57.28
CA HIS A 398 45.37 1.58 57.54
C HIS A 398 46.38 0.50 57.14
N VAL A 399 47.13 0.76 56.05
CA VAL A 399 48.13 -0.13 55.49
C VAL A 399 49.29 -0.28 56.48
N GLU A 400 49.52 0.76 57.28
CA GLU A 400 50.53 0.72 58.33
C GLU A 400 50.05 -0.14 59.50
N ILE A 401 48.76 0.00 59.86
CA ILE A 401 48.18 -0.76 60.95
C ILE A 401 48.11 -2.24 60.59
N ILE A 402 47.99 -2.51 59.28
CA ILE A 402 47.91 -3.87 58.74
C ILE A 402 49.29 -4.51 58.65
N GLU A 403 50.36 -3.69 58.58
CA GLU A 403 51.73 -4.18 58.58
C GLU A 403 52.19 -4.49 60.01
N ALA A 404 51.52 -3.84 60.98
CA ALA A 404 51.80 -4.02 62.40
C ALA A 404 51.11 -5.28 62.95
N ILE A 405 49.89 -5.56 62.45
CA ILE A 405 49.11 -6.75 62.82
C ILE A 405 49.71 -7.99 62.14
N ASP A 406 50.49 -7.79 61.06
CA ASP A 406 51.19 -8.84 60.33
C ASP A 406 52.49 -9.22 61.02
N GLU A 407 53.09 -8.25 61.73
CA GLU A 407 54.30 -8.44 62.50
C GLU A 407 53.99 -9.06 63.87
N GLU A 408 52.88 -8.65 64.52
CA GLU A 408 52.38 -9.22 65.76
C GLU A 408 52.12 -10.73 65.60
N LEU A 409 51.70 -11.10 64.38
CA LEU A 409 51.40 -12.47 63.99
C LEU A 409 52.70 -13.23 63.74
N VAL A 410 53.62 -12.65 62.96
CA VAL A 410 54.91 -13.24 62.57
C VAL A 410 55.77 -13.55 63.81
N HIS A 411 55.54 -12.79 64.91
CA HIS A 411 56.34 -12.88 66.14
C HIS A 411 55.69 -13.77 67.19
N GLU A 412 54.44 -14.19 66.93
CA GLU A 412 53.72 -15.13 67.79
C GLU A 412 53.75 -16.53 67.18
N ILE A 413 53.97 -16.61 65.87
CA ILE A 413 54.24 -17.84 65.11
C ILE A 413 55.71 -18.26 65.34
N VAL A 414 56.55 -17.31 65.75
CA VAL A 414 57.93 -17.55 66.14
C VAL A 414 57.99 -17.99 67.60
N LEU A 415 57.07 -17.49 68.43
CA LEU A 415 56.96 -17.82 69.85
C LEU A 415 56.34 -19.23 70.05
N LYS A 416 55.24 -19.53 69.34
CA LYS A 416 54.75 -20.89 69.18
C LYS A 416 55.62 -21.62 68.14
N TYR A 417 55.55 -22.95 68.11
CA TYR A 417 56.25 -23.79 67.14
C TYR A 417 57.78 -23.68 67.28
N GLY A 418 58.29 -22.44 67.24
CA GLY A 418 59.72 -22.19 67.35
C GLY A 418 60.38 -22.25 65.98
N SER A 419 61.67 -22.57 65.99
CA SER A 419 62.48 -22.60 64.78
C SER A 419 63.51 -23.72 64.86
N MET A 420 63.08 -24.85 65.42
CA MET A 420 63.82 -26.09 65.31
C MET A 420 63.62 -26.61 63.88
N ASP A 421 62.38 -26.44 63.37
CA ASP A 421 61.95 -27.02 62.10
C ASP A 421 62.43 -26.18 60.93
N LEU A 422 62.14 -24.86 60.98
CA LEU A 422 62.47 -23.92 59.92
C LEU A 422 61.58 -24.15 58.68
N ASN A 423 61.51 -25.41 58.24
CA ASN A 423 60.78 -25.80 57.04
C ASN A 423 59.28 -25.76 57.28
N LYS A 424 58.89 -25.95 58.55
CA LYS A 424 57.49 -25.91 58.97
C LYS A 424 57.09 -24.51 59.46
N LEU A 425 58.05 -23.75 60.01
CA LEU A 425 57.82 -22.35 60.39
C LEU A 425 57.61 -21.48 59.13
N GLU A 426 58.11 -21.95 57.98
CA GLU A 426 57.96 -21.26 56.71
C GLU A 426 56.62 -21.59 56.05
N GLU A 427 56.14 -22.84 56.22
CA GLU A 427 54.82 -23.26 55.77
C GLU A 427 53.73 -22.54 56.59
N LYS A 428 53.90 -22.46 57.92
CA LYS A 428 52.99 -21.79 58.85
C LYS A 428 52.87 -20.29 58.52
N LEU A 429 54.02 -19.63 58.30
CA LEU A 429 54.06 -18.20 57.99
C LEU A 429 53.43 -17.92 56.62
N THR A 430 53.69 -18.78 55.61
CA THR A 430 53.20 -18.59 54.25
C THR A 430 51.68 -18.62 54.20
N THR A 431 51.06 -19.49 55.01
CA THR A 431 49.62 -19.70 55.02
C THR A 431 48.91 -18.56 55.74
N MET A 432 49.52 -18.08 56.84
CA MET A 432 48.81 -17.30 57.86
C MET A 432 49.14 -15.80 57.80
N ARG A 433 50.27 -15.43 57.19
CA ARG A 433 50.66 -14.04 57.08
C ARG A 433 49.61 -13.27 56.27
N ILE A 434 49.26 -12.07 56.78
CA ILE A 434 48.28 -11.19 56.15
C ILE A 434 48.93 -10.55 54.92
N LEU A 435 50.24 -10.24 54.98
CA LEU A 435 50.95 -9.70 53.84
C LEU A 435 51.47 -10.84 52.97
N GLU A 436 50.98 -10.90 51.72
CA GLU A 436 51.46 -11.83 50.73
C GLU A 436 52.58 -11.16 49.94
N ASN A 437 53.64 -11.94 49.63
CA ASN A 437 54.79 -11.50 48.84
C ASN A 437 55.54 -10.38 49.54
N PHE A 438 56.09 -10.67 50.72
CA PHE A 438 56.87 -9.72 51.51
C PHE A 438 58.13 -10.37 52.08
N ASP A 439 59.09 -9.54 52.50
CA ASP A 439 60.15 -9.97 53.39
C ASP A 439 59.56 -10.17 54.79
N LEU A 440 60.15 -11.11 55.54
CA LEU A 440 59.87 -11.23 56.96
C LEU A 440 60.67 -10.15 57.69
N PRO A 441 60.33 -9.80 58.95
CA PRO A 441 61.11 -8.84 59.73
C PRO A 441 62.54 -9.23 60.15
N SER A 442 62.66 -10.17 61.10
CA SER A 442 63.96 -10.72 61.50
C SER A 442 63.89 -12.24 61.36
N SER A 443 64.76 -12.78 60.50
CA SER A 443 64.54 -14.11 59.95
C SER A 443 65.82 -14.92 59.83
N VAL A 444 65.64 -16.21 59.52
CA VAL A 444 66.71 -17.20 59.33
C VAL A 444 66.44 -17.97 58.04
N ALA A 445 67.51 -18.18 57.25
CA ALA A 445 67.47 -19.01 56.04
C ALA A 445 68.89 -19.35 55.59
N GLU A 446 69.84 -19.45 56.54
CA GLU A 446 71.26 -19.70 56.28
C GLU A 446 71.92 -20.33 57.52
N ILE A 511 58.61 -11.14 39.35
CA ILE A 511 58.30 -10.19 40.46
C ILE A 511 56.83 -10.40 40.86
N PRO A 512 56.56 -11.30 41.85
CA PRO A 512 55.18 -11.62 42.25
C PRO A 512 54.49 -10.50 43.04
N PRO A 513 53.30 -10.04 42.58
CA PRO A 513 52.73 -8.77 43.03
C PRO A 513 52.23 -8.81 44.48
N LYS A 514 52.61 -7.77 45.26
CA LYS A 514 52.28 -7.68 46.67
C LYS A 514 50.77 -7.64 46.86
N LYS A 515 50.25 -8.43 47.83
CA LYS A 515 48.82 -8.53 48.08
C LYS A 515 48.50 -8.51 49.58
N VAL A 516 47.25 -8.16 49.91
CA VAL A 516 46.70 -8.21 51.26
C VAL A 516 45.53 -9.19 51.29
N ARG A 517 45.66 -10.25 52.09
CA ARG A 517 44.59 -11.21 52.32
C ARG A 517 43.69 -10.68 53.42
N MET A 518 42.40 -10.59 53.10
CA MET A 518 41.47 -9.94 54.02
C MET A 518 40.95 -10.95 55.04
N ALA A 519 40.53 -12.12 54.56
CA ALA A 519 40.00 -13.17 55.41
C ALA A 519 41.02 -13.52 56.50
N ASN A 520 42.31 -13.49 56.13
CA ASN A 520 43.41 -13.75 57.06
C ASN A 520 43.38 -12.69 58.17
N LEU A 521 43.27 -11.43 57.75
CA LEU A 521 43.20 -10.30 58.67
C LEU A 521 41.96 -10.41 59.57
N CYS A 522 40.90 -11.05 59.06
CA CYS A 522 39.62 -11.17 59.76
C CYS A 522 39.72 -12.18 60.90
N VAL A 523 40.46 -13.26 60.67
CA VAL A 523 40.67 -14.27 61.68
C VAL A 523 41.54 -13.67 62.79
N VAL A 524 42.58 -12.92 62.39
CA VAL A 524 43.61 -12.41 63.30
C VAL A 524 43.02 -11.37 64.26
N GLY A 525 42.12 -10.53 63.78
CA GLY A 525 41.60 -9.44 64.58
C GLY A 525 40.42 -9.86 65.45
N GLY A 526 39.58 -10.76 64.91
CA GLY A 526 38.31 -11.08 65.55
C GLY A 526 38.46 -12.11 66.65
N HIS A 527 37.51 -12.09 67.60
CA HIS A 527 37.48 -13.05 68.68
C HIS A 527 36.70 -14.30 68.28
N ALA A 528 35.93 -14.21 67.18
CA ALA A 528 35.07 -15.31 66.71
C ALA A 528 35.12 -15.40 65.19
N VAL A 529 35.15 -16.64 64.68
CA VAL A 529 34.98 -16.95 63.27
C VAL A 529 33.88 -18.00 63.17
N ASN A 530 32.91 -17.82 62.26
CA ASN A 530 31.82 -18.78 62.11
C ASN A 530 31.51 -19.08 60.64
N GLY A 531 31.35 -20.38 60.36
CA GLY A 531 30.70 -20.84 59.14
C GLY A 531 29.19 -20.82 59.32
N VAL A 532 28.48 -21.37 58.33
CA VAL A 532 27.05 -21.13 58.18
C VAL A 532 26.26 -22.43 58.10
N ALA A 533 26.98 -23.56 58.26
CA ALA A 533 26.43 -24.91 58.29
C ALA A 533 27.42 -25.85 58.97
N GLU A 534 26.91 -26.96 59.53
CA GLU A 534 27.73 -27.91 60.26
C GLU A 534 29.01 -28.17 59.46
N ILE A 535 28.79 -28.69 58.25
CA ILE A 535 29.82 -29.21 57.37
C ILE A 535 30.82 -28.11 57.02
N HIS A 536 30.29 -26.95 56.64
CA HIS A 536 31.08 -25.79 56.24
C HIS A 536 31.98 -25.34 57.39
N SER A 537 31.39 -25.23 58.58
CA SER A 537 32.08 -24.75 59.76
C SER A 537 33.25 -25.66 60.11
N GLU A 538 33.16 -26.91 59.65
CA GLU A 538 34.23 -27.89 59.79
C GLU A 538 35.24 -27.70 58.66
N ILE A 539 34.76 -27.35 57.45
CA ILE A 539 35.64 -27.11 56.32
C ILE A 539 36.58 -25.95 56.65
N VAL A 540 36.08 -24.95 57.42
CA VAL A 540 36.86 -23.78 57.80
C VAL A 540 37.96 -24.18 58.78
N LYS A 541 37.66 -25.13 59.68
CA LYS A 541 38.60 -25.57 60.70
C LYS A 541 39.67 -26.47 60.08
N GLU A 542 39.27 -27.31 59.12
CA GLU A 542 40.09 -28.44 58.71
C GLU A 542 40.54 -28.33 57.26
N GLU A 543 40.30 -27.17 56.62
CA GLU A 543 40.81 -26.94 55.27
C GLU A 543 41.16 -25.47 55.08
N VAL A 544 40.14 -24.60 55.18
CA VAL A 544 40.26 -23.20 54.81
C VAL A 544 41.26 -22.51 55.73
N PHE A 545 41.07 -22.67 57.04
CA PHE A 545 41.91 -22.00 58.02
C PHE A 545 42.50 -23.02 58.99
N ASN A 546 43.43 -23.85 58.50
CA ASN A 546 43.90 -24.97 59.30
C ASN A 546 44.88 -24.50 60.37
N ASP A 547 46.01 -23.97 59.90
CA ASP A 547 47.11 -23.55 60.76
C ASP A 547 46.55 -22.64 61.85
N PHE A 548 45.67 -21.73 61.42
CA PHE A 548 44.99 -20.77 62.28
C PHE A 548 44.15 -21.51 63.32
N TYR A 549 43.46 -22.56 62.86
CA TYR A 549 42.56 -23.32 63.72
C TYR A 549 43.34 -23.87 64.90
N GLU A 550 44.56 -24.35 64.61
CA GLU A 550 45.39 -25.05 65.58
C GLU A 550 45.99 -24.05 66.56
N LEU A 551 46.23 -22.82 66.10
CA LEU A 551 46.77 -21.76 66.94
C LEU A 551 45.69 -21.30 67.91
N TRP A 552 44.51 -20.98 67.39
CA TRP A 552 43.40 -20.48 68.19
C TRP A 552 42.14 -21.27 67.86
N PRO A 553 42.03 -22.55 68.26
CA PRO A 553 40.85 -23.34 67.95
C PRO A 553 39.63 -22.83 68.71
N GLU A 554 39.87 -22.03 69.76
CA GLU A 554 38.80 -21.52 70.61
C GLU A 554 37.92 -20.54 69.84
N LYS A 555 38.44 -20.04 68.71
CA LYS A 555 37.75 -19.03 67.91
C LYS A 555 36.60 -19.65 67.13
N PHE A 556 36.86 -20.79 66.48
CA PHE A 556 36.02 -21.32 65.42
C PHE A 556 34.68 -21.79 65.96
N GLN A 557 33.63 -21.50 65.19
CA GLN A 557 32.26 -21.80 65.58
C GLN A 557 31.49 -22.24 64.33
N ASN A 558 30.18 -22.49 64.56
CA ASN A 558 29.20 -22.65 63.51
C ASN A 558 27.92 -21.96 63.94
N LYS A 559 27.25 -21.36 62.96
CA LYS A 559 25.92 -20.82 63.16
C LYS A 559 25.12 -21.06 61.88
N THR A 560 24.43 -22.21 61.83
CA THR A 560 23.69 -22.62 60.65
C THR A 560 22.59 -21.61 60.35
N ASN A 561 22.41 -21.33 59.06
CA ASN A 561 21.50 -20.30 58.56
C ASN A 561 20.06 -20.60 58.93
N GLY A 562 19.23 -19.55 58.98
CA GLY A 562 17.79 -19.62 59.16
C GLY A 562 17.08 -18.44 58.50
N VAL A 563 15.81 -18.61 58.16
CA VAL A 563 15.02 -17.58 57.49
C VAL A 563 13.74 -17.35 58.30
N THR A 564 13.30 -16.09 58.42
CA THR A 564 12.27 -15.74 59.37
C THR A 564 10.89 -16.25 58.95
N PRO A 565 10.10 -16.85 59.87
CA PRO A 565 8.81 -17.43 59.52
C PRO A 565 7.65 -16.44 59.37
N ARG A 566 7.79 -15.29 60.04
CA ARG A 566 6.85 -14.19 59.87
C ARG A 566 6.66 -13.94 58.38
N ARG A 567 7.76 -13.54 57.74
CA ARG A 567 7.73 -13.13 56.34
C ARG A 567 7.48 -14.35 55.44
N TRP A 568 8.16 -15.46 55.76
CA TRP A 568 8.25 -16.55 54.81
C TRP A 568 7.18 -17.61 55.03
N ILE A 569 6.35 -17.43 56.06
CA ILE A 569 5.21 -18.32 56.27
C ILE A 569 3.96 -17.47 56.52
N ARG A 570 3.99 -16.73 57.64
CA ARG A 570 2.80 -16.12 58.20
C ARG A 570 2.26 -15.06 57.27
N PHE A 571 3.15 -14.39 56.54
CA PHE A 571 2.74 -13.27 55.72
C PHE A 571 2.63 -13.70 54.27
N CYS A 572 3.63 -14.42 53.76
CA CYS A 572 3.67 -14.73 52.35
C CYS A 572 2.72 -15.89 51.99
N ASN A 573 2.29 -16.66 52.99
CA ASN A 573 1.45 -17.82 52.73
C ASN A 573 0.35 -17.91 53.79
N PRO A 574 -0.71 -17.10 53.67
CA PRO A 574 -1.81 -17.11 54.64
C PRO A 574 -2.72 -18.34 54.72
N PRO A 575 -3.05 -19.04 53.60
CA PRO A 575 -3.96 -20.19 53.68
C PRO A 575 -3.29 -21.38 54.35
N LEU A 576 -1.96 -21.47 54.23
CA LEU A 576 -1.21 -22.43 55.02
C LEU A 576 -1.21 -21.98 56.48
N SER A 577 -0.96 -20.68 56.70
CA SER A 577 -0.83 -20.10 58.03
C SER A 577 -2.09 -20.36 58.86
N ALA A 578 -3.22 -20.54 58.18
CA ALA A 578 -4.49 -20.83 58.82
C ALA A 578 -4.55 -22.31 59.21
N ILE A 579 -4.13 -23.17 58.28
CA ILE A 579 -4.01 -24.59 58.56
C ILE A 579 -3.15 -24.77 59.80
N ILE A 580 -2.00 -24.07 59.81
CA ILE A 580 -1.00 -24.18 60.87
C ILE A 580 -1.59 -23.75 62.21
N THR A 581 -2.30 -22.61 62.24
CA THR A 581 -2.86 -22.09 63.48
C THR A 581 -3.95 -23.00 64.02
N LYS A 582 -4.76 -23.57 63.12
CA LYS A 582 -5.87 -24.44 63.48
C LYS A 582 -5.33 -25.72 64.12
N TRP A 583 -4.45 -26.39 63.38
CA TRP A 583 -4.03 -27.74 63.73
C TRP A 583 -3.01 -27.74 64.87
N THR A 584 -2.43 -26.57 65.20
CA THR A 584 -1.57 -26.52 66.36
C THR A 584 -2.35 -25.95 67.55
N GLY A 585 -3.45 -25.27 67.28
CA GLY A 585 -4.37 -24.88 68.34
C GLY A 585 -4.16 -23.46 68.86
N THR A 586 -3.00 -22.85 68.57
CA THR A 586 -2.80 -21.42 68.83
C THR A 586 -2.09 -20.76 67.65
N GLU A 587 -1.91 -19.43 67.75
CA GLU A 587 -1.17 -18.65 66.78
C GLU A 587 0.31 -18.66 67.12
N ASP A 588 0.64 -19.12 68.34
CA ASP A 588 1.92 -18.83 68.99
C ASP A 588 3.10 -19.38 68.19
N TRP A 589 2.80 -20.12 67.12
CA TRP A 589 3.82 -20.80 66.35
C TRP A 589 4.65 -19.82 65.54
N VAL A 590 4.05 -18.67 65.18
CA VAL A 590 4.80 -17.65 64.48
C VAL A 590 6.09 -17.34 65.25
N LEU A 591 5.95 -17.26 66.59
CA LEU A 591 7.08 -17.09 67.48
C LEU A 591 7.73 -18.45 67.71
N LYS A 592 7.00 -19.32 68.44
CA LYS A 592 7.47 -20.60 68.97
C LYS A 592 7.44 -21.65 67.86
N THR A 593 8.30 -21.46 66.85
CA THR A 593 8.28 -22.14 65.57
C THR A 593 8.44 -23.65 65.71
N GLU A 594 8.83 -24.11 66.90
CA GLU A 594 9.05 -25.53 67.12
C GLU A 594 7.76 -26.31 66.94
N LYS A 595 6.63 -25.66 67.21
CA LYS A 595 5.34 -26.32 67.24
C LYS A 595 4.96 -26.80 65.83
N LEU A 596 5.76 -26.40 64.83
CA LEU A 596 5.61 -26.83 63.44
C LEU A 596 5.60 -28.36 63.38
N ALA A 597 6.31 -28.98 64.32
CA ALA A 597 6.52 -30.41 64.29
C ALA A 597 5.27 -31.16 64.75
N GLU A 598 4.31 -30.43 65.35
CA GLU A 598 3.13 -31.05 65.92
C GLU A 598 2.24 -31.65 64.83
N LEU A 599 2.57 -31.32 63.57
CA LEU A 599 1.85 -31.80 62.39
C LEU A 599 2.36 -33.19 61.99
N GLN A 600 3.52 -33.60 62.51
CA GLN A 600 4.07 -34.90 62.19
C GLN A 600 2.99 -35.96 62.34
N LYS A 601 2.17 -35.79 63.39
CA LYS A 601 1.19 -36.76 63.81
C LYS A 601 -0.07 -36.70 62.95
N PHE A 602 -0.17 -35.70 62.07
CA PHE A 602 -1.39 -35.56 61.29
C PHE A 602 -1.15 -35.80 59.81
N ALA A 603 0.12 -36.03 59.43
CA ALA A 603 0.55 -36.06 58.04
C ALA A 603 -0.21 -37.14 57.27
N ASP A 604 -0.88 -38.03 58.00
CA ASP A 604 -1.63 -39.13 57.42
C ASP A 604 -3.07 -38.69 57.15
N ASN A 605 -3.54 -37.72 57.95
CA ASN A 605 -4.94 -37.29 58.01
C ASN A 605 -5.43 -36.87 56.62
N GLU A 606 -6.71 -37.16 56.32
CA GLU A 606 -7.25 -36.88 55.00
C GLU A 606 -7.86 -35.48 54.95
N ASP A 607 -8.37 -35.02 56.10
CA ASP A 607 -8.94 -33.68 56.24
C ASP A 607 -7.83 -32.64 56.07
N LEU A 608 -6.75 -32.79 56.86
CA LEU A 608 -5.59 -31.92 56.76
C LEU A 608 -4.96 -32.03 55.37
N GLN A 609 -5.01 -33.22 54.76
CA GLN A 609 -4.46 -33.44 53.43
C GLN A 609 -5.21 -32.58 52.42
N ASN A 610 -6.55 -32.60 52.49
CA ASN A 610 -7.40 -31.85 51.57
C ASN A 610 -7.18 -30.35 51.77
N GLU A 611 -7.18 -29.91 53.03
CA GLU A 611 -6.96 -28.52 53.40
C GLU A 611 -5.62 -28.03 52.82
N TRP A 612 -4.62 -28.92 52.88
CA TRP A 612 -3.24 -28.68 52.46
C TRP A 612 -3.17 -28.55 50.94
N ARG A 613 -3.80 -29.48 50.23
CA ARG A 613 -3.81 -29.46 48.78
C ARG A 613 -4.65 -28.28 48.27
N GLU A 614 -5.60 -27.80 49.09
CA GLU A 614 -6.48 -26.71 48.71
C GLU A 614 -5.76 -25.37 48.87
N ALA A 615 -4.97 -25.25 49.94
CA ALA A 615 -4.18 -24.06 50.20
C ALA A 615 -3.11 -23.89 49.12
N LYS A 616 -2.54 -25.01 48.66
CA LYS A 616 -1.46 -25.04 47.68
C LYS A 616 -2.01 -24.75 46.28
N ARG A 617 -3.23 -25.17 46.00
CA ARG A 617 -3.79 -24.71 44.71
C ARG A 617 -3.94 -23.21 44.90
N SER A 618 -4.88 -22.86 45.78
CA SER A 618 -5.13 -21.45 46.05
C SER A 618 -3.91 -20.58 45.79
N ASN A 619 -2.73 -21.00 46.27
CA ASN A 619 -1.52 -20.19 46.17
C ASN A 619 -0.98 -20.20 44.75
N LYS A 620 -1.26 -21.28 44.00
CA LYS A 620 -0.81 -21.45 42.63
C LYS A 620 -1.65 -20.62 41.68
N ILE A 621 -2.96 -20.51 41.95
CA ILE A 621 -3.91 -19.76 41.14
C ILE A 621 -3.39 -18.35 40.92
N LYS A 622 -2.85 -17.73 41.99
CA LYS A 622 -2.26 -16.40 41.97
C LYS A 622 -1.07 -16.36 41.01
N VAL A 623 -0.34 -17.47 40.91
CA VAL A 623 0.89 -17.49 40.13
C VAL A 623 0.57 -17.60 38.65
N VAL A 624 -0.52 -18.31 38.29
CA VAL A 624 -0.91 -18.49 36.90
C VAL A 624 -1.04 -17.12 36.24
N SER A 625 -1.59 -16.19 37.03
CA SER A 625 -1.87 -14.81 36.65
C SER A 625 -0.59 -14.01 36.48
N PHE A 626 0.24 -14.01 37.53
CA PHE A 626 1.52 -13.33 37.51
C PHE A 626 2.31 -13.76 36.27
N LEU A 627 2.24 -15.05 35.95
CA LEU A 627 3.00 -15.66 34.86
C LEU A 627 2.50 -15.13 33.53
N LYS A 628 1.21 -15.39 33.25
CA LYS A 628 0.55 -14.81 32.11
C LYS A 628 1.11 -13.41 31.89
N GLU A 629 1.14 -12.62 32.97
CA GLU A 629 1.48 -11.21 32.95
C GLU A 629 2.94 -11.00 32.55
N LYS A 630 3.87 -11.55 33.34
CA LYS A 630 5.26 -11.11 33.24
C LYS A 630 6.03 -11.91 32.17
N THR A 631 5.52 -13.11 31.85
CA THR A 631 6.23 -13.99 30.95
C THR A 631 5.51 -14.03 29.60
N GLY A 632 4.19 -13.90 29.67
CA GLY A 632 3.33 -13.95 28.50
C GLY A 632 2.94 -15.39 28.17
N TYR A 633 2.65 -16.16 29.22
CA TYR A 633 2.31 -17.56 29.03
C TYR A 633 1.19 -17.94 29.98
N SER A 634 0.19 -18.64 29.44
CA SER A 634 -0.90 -19.19 30.22
C SER A 634 -0.59 -20.63 30.58
N VAL A 635 -0.68 -20.97 31.88
CA VAL A 635 -0.39 -22.29 32.41
C VAL A 635 -1.60 -22.78 33.19
N VAL A 636 -1.74 -24.11 33.28
CA VAL A 636 -2.77 -24.70 34.12
C VAL A 636 -2.29 -24.72 35.57
N PRO A 637 -3.22 -24.66 36.56
CA PRO A 637 -2.86 -24.82 37.97
C PRO A 637 -2.77 -26.27 38.45
N ASP A 638 -3.15 -27.22 37.57
CA ASP A 638 -3.23 -28.64 37.90
C ASP A 638 -2.02 -29.41 37.35
N ALA A 639 -0.83 -28.86 37.59
CA ALA A 639 0.43 -29.45 37.15
C ALA A 639 1.46 -29.24 38.25
N MET A 640 2.58 -29.96 38.16
CA MET A 640 3.62 -29.79 39.17
C MET A 640 4.38 -28.49 38.88
N PHE A 641 4.57 -27.68 39.93
CA PHE A 641 5.36 -26.45 39.82
C PHE A 641 6.79 -26.78 40.25
N ASP A 642 7.69 -26.72 39.25
CA ASP A 642 9.07 -27.17 39.37
C ASP A 642 9.96 -25.93 39.23
N ILE A 643 10.52 -25.48 40.36
CA ILE A 643 11.13 -24.16 40.45
C ILE A 643 12.64 -24.28 40.64
N GLN A 644 13.40 -23.58 39.79
CA GLN A 644 14.82 -23.35 40.04
C GLN A 644 15.14 -21.85 40.00
N VAL A 645 15.08 -21.21 41.17
CA VAL A 645 15.32 -19.78 41.29
C VAL A 645 16.55 -19.55 42.16
N LYS A 646 17.61 -19.09 41.49
CA LYS A 646 18.89 -18.74 42.11
C LYS A 646 19.82 -18.27 41.00
N ARG A 647 20.89 -17.57 41.40
CA ARG A 647 21.86 -16.99 40.49
C ARG A 647 22.08 -17.91 39.30
N ILE A 648 22.14 -17.33 38.10
CA ILE A 648 22.42 -18.12 36.89
C ILE A 648 23.92 -18.27 36.76
N HIS A 649 24.44 -19.42 37.16
CA HIS A 649 25.85 -19.76 37.06
C HIS A 649 25.98 -21.20 36.55
N GLU A 650 27.07 -21.49 35.83
CA GLU A 650 27.34 -22.83 35.34
C GLU A 650 27.27 -23.81 36.51
N TYR A 651 27.79 -23.40 37.67
CA TYR A 651 27.97 -24.26 38.84
C TYR A 651 26.65 -24.50 39.57
N LYS A 652 25.66 -23.63 39.40
CA LYS A 652 24.35 -23.91 39.98
C LYS A 652 23.63 -24.91 39.10
N ARG A 653 24.08 -24.97 37.83
CA ARG A 653 23.72 -25.99 36.86
C ARG A 653 22.23 -25.89 36.54
N GLN A 654 21.79 -24.72 36.07
CA GLN A 654 20.46 -24.65 35.50
C GLN A 654 20.47 -25.50 34.23
N LEU A 655 21.65 -25.56 33.59
CA LEU A 655 21.81 -26.28 32.34
C LEU A 655 21.33 -27.71 32.52
N LEU A 656 21.46 -28.19 33.77
CA LEU A 656 21.07 -29.55 34.11
C LEU A 656 19.54 -29.68 34.12
N ASN A 657 18.86 -28.79 34.87
CA ASN A 657 17.40 -28.83 34.96
C ASN A 657 16.82 -28.89 33.55
N ILE A 658 17.25 -27.94 32.72
CA ILE A 658 16.72 -27.75 31.38
C ILE A 658 17.03 -28.98 30.51
N PHE A 659 18.28 -29.44 30.56
CA PHE A 659 18.62 -30.65 29.85
C PHE A 659 17.61 -31.73 30.22
N GLY A 660 17.24 -31.78 31.51
CA GLY A 660 16.26 -32.70 32.05
C GLY A 660 14.90 -32.53 31.37
N ILE A 661 14.51 -31.27 31.19
CA ILE A 661 13.32 -30.96 30.44
C ILE A 661 13.50 -31.45 28.98
N VAL A 662 14.59 -31.02 28.32
CA VAL A 662 14.82 -31.28 26.89
C VAL A 662 14.62 -32.76 26.60
N TYR A 663 15.11 -33.59 27.52
CA TYR A 663 14.99 -35.03 27.37
C TYR A 663 13.52 -35.43 27.49
N ARG A 664 12.86 -35.05 28.59
CA ARG A 664 11.48 -35.43 28.84
C ARG A 664 10.59 -35.03 27.66
N TYR A 665 10.92 -33.89 27.04
CA TYR A 665 10.28 -33.44 25.81
C TYR A 665 10.55 -34.43 24.68
N LYS A 666 11.82 -34.54 24.28
CA LYS A 666 12.21 -35.36 23.14
C LYS A 666 11.44 -36.68 23.16
N LYS A 667 11.37 -37.30 24.35
CA LYS A 667 10.71 -38.57 24.57
C LYS A 667 9.21 -38.43 24.28
N MET A 668 8.62 -37.34 24.78
CA MET A 668 7.23 -37.00 24.53
C MET A 668 6.94 -37.05 23.04
N LYS A 669 7.83 -36.44 22.25
CA LYS A 669 7.63 -36.28 20.81
C LYS A 669 7.62 -37.64 20.11
N GLU A 670 8.44 -38.57 20.60
CA GLU A 670 8.54 -39.89 19.99
C GLU A 670 7.51 -40.82 20.62
N MET A 671 6.28 -40.32 20.79
CA MET A 671 5.27 -41.00 21.56
C MET A 671 3.92 -40.91 20.85
N THR A 672 2.88 -41.37 21.54
CA THR A 672 1.50 -41.08 21.16
C THR A 672 0.83 -40.35 22.32
N ALA A 673 -0.38 -39.82 22.04
CA ALA A 673 -1.16 -39.06 22.99
C ALA A 673 -1.44 -39.92 24.22
N ALA A 674 -1.99 -41.12 23.99
CA ALA A 674 -2.22 -42.11 25.02
C ALA A 674 -0.98 -42.26 25.90
N GLU A 675 0.16 -42.50 25.25
CA GLU A 675 1.42 -42.82 25.90
C GLU A 675 1.95 -41.67 26.73
N ARG A 676 1.87 -40.44 26.18
CA ARG A 676 2.39 -39.25 26.82
C ARG A 676 1.79 -39.03 28.21
N LYS A 677 0.44 -38.97 28.29
CA LYS A 677 -0.30 -38.72 29.53
C LYS A 677 0.05 -39.78 30.57
N THR A 678 0.25 -41.01 30.09
CA THR A 678 0.62 -42.16 30.90
C THR A 678 2.01 -41.98 31.52
N ASN A 679 2.96 -41.45 30.72
CA ASN A 679 4.38 -41.47 31.06
C ASN A 679 4.78 -40.27 31.92
N PHE A 680 4.25 -39.11 31.57
CA PHE A 680 4.65 -37.89 32.25
C PHE A 680 3.44 -37.30 32.97
N VAL A 681 3.73 -36.57 34.04
CA VAL A 681 2.72 -35.81 34.77
C VAL A 681 2.72 -34.38 34.22
N PRO A 682 1.56 -33.65 34.26
CA PRO A 682 1.50 -32.25 33.86
C PRO A 682 2.45 -31.39 34.70
N ARG A 683 3.25 -30.55 34.02
CA ARG A 683 4.33 -29.84 34.69
C ARG A 683 4.42 -28.39 34.18
N VAL A 684 4.89 -27.52 35.08
CA VAL A 684 5.29 -26.17 34.75
C VAL A 684 6.65 -25.94 35.40
N CYS A 685 7.68 -25.89 34.56
CA CYS A 685 9.03 -25.76 35.06
C CYS A 685 9.47 -24.29 35.04
N ILE A 686 9.50 -23.71 36.23
CA ILE A 686 9.76 -22.30 36.44
C ILE A 686 11.25 -22.08 36.65
N PHE A 687 11.83 -21.21 35.83
CA PHE A 687 13.20 -20.77 35.99
C PHE A 687 13.25 -19.30 36.36
N GLY A 688 14.22 -18.90 37.20
CA GLY A 688 14.39 -17.51 37.57
C GLY A 688 15.80 -17.16 38.06
N GLY A 689 16.15 -15.88 37.91
CA GLY A 689 17.37 -15.33 38.48
C GLY A 689 18.22 -14.60 37.45
N LYS A 690 19.26 -13.93 37.95
CA LYS A 690 20.02 -12.97 37.15
C LYS A 690 21.40 -13.54 36.81
N ALA A 691 21.83 -13.30 35.56
CA ALA A 691 23.15 -13.66 35.07
C ALA A 691 24.08 -12.49 35.35
N PHE A 692 25.38 -12.64 35.05
CA PHE A 692 26.24 -11.47 35.13
C PHE A 692 25.89 -10.56 33.97
N ALA A 693 26.79 -9.62 33.66
CA ALA A 693 26.64 -8.93 32.40
C ALA A 693 27.59 -9.54 31.38
N THR A 694 28.85 -9.65 31.79
CA THR A 694 29.92 -10.18 30.97
C THR A 694 30.25 -11.61 31.40
N TYR A 695 29.19 -12.38 31.69
CA TYR A 695 29.32 -13.83 31.82
C TYR A 695 28.69 -14.51 30.61
N VAL A 696 29.39 -14.45 29.47
CA VAL A 696 28.83 -14.73 28.17
C VAL A 696 27.90 -15.94 28.25
N GLN A 697 28.34 -16.97 28.97
CA GLN A 697 27.64 -18.25 29.01
C GLN A 697 26.35 -18.13 29.81
N ALA A 698 26.45 -17.59 31.04
CA ALA A 698 25.30 -17.45 31.93
C ALA A 698 24.14 -16.86 31.15
N LYS A 699 24.45 -15.88 30.28
CA LYS A 699 23.44 -15.20 29.50
C LYS A 699 22.96 -16.09 28.37
N ARG A 700 23.86 -16.90 27.79
CA ARG A 700 23.50 -17.80 26.70
C ARG A 700 22.53 -18.86 27.19
N ILE A 701 22.52 -19.10 28.51
CA ILE A 701 21.67 -20.10 29.14
C ILE A 701 20.24 -19.56 29.25
N VAL A 702 20.08 -18.39 29.87
CA VAL A 702 18.77 -17.79 29.99
C VAL A 702 18.15 -17.73 28.59
N LYS A 703 18.99 -17.37 27.60
CA LYS A 703 18.61 -17.33 26.20
C LYS A 703 18.10 -18.71 25.77
N PHE A 704 18.84 -19.74 26.14
CA PHE A 704 18.44 -21.10 25.80
C PHE A 704 17.07 -21.37 26.42
N ILE A 705 16.98 -21.22 27.74
CA ILE A 705 15.80 -21.57 28.52
C ILE A 705 14.55 -20.97 27.87
N THR A 706 14.68 -19.73 27.38
CA THR A 706 13.56 -19.02 26.79
C THR A 706 13.21 -19.61 25.43
N ASP A 707 14.23 -20.00 24.66
CA ASP A 707 14.02 -20.62 23.37
C ASP A 707 13.31 -21.96 23.54
N VAL A 708 13.80 -22.76 24.48
CA VAL A 708 13.21 -24.04 24.82
C VAL A 708 11.72 -23.81 25.10
N GLY A 709 11.44 -23.01 26.14
CA GLY A 709 10.08 -22.70 26.53
C GLY A 709 9.19 -22.35 25.34
N ALA A 710 9.71 -21.44 24.49
CA ALA A 710 9.03 -20.98 23.29
C ALA A 710 8.56 -22.15 22.43
N THR A 711 9.52 -23.02 22.06
CA THR A 711 9.27 -24.15 21.19
C THR A 711 8.20 -25.07 21.79
N ILE A 712 8.32 -25.32 23.10
CA ILE A 712 7.49 -26.24 23.88
C ILE A 712 6.08 -25.68 24.04
N ASN A 713 6.01 -24.49 24.64
CA ASN A 713 4.74 -23.92 25.08
C ASN A 713 3.81 -23.77 23.88
N HIS A 714 4.41 -23.62 22.70
CA HIS A 714 3.65 -23.43 21.48
C HIS A 714 3.71 -24.65 20.56
N ASP A 715 4.29 -25.76 21.05
CA ASP A 715 4.05 -27.04 20.39
C ASP A 715 2.61 -27.46 20.68
N PRO A 716 1.78 -27.76 19.64
CA PRO A 716 0.38 -28.11 19.85
C PRO A 716 0.16 -29.50 20.46
N GLU A 717 1.16 -30.37 20.30
CA GLU A 717 1.07 -31.74 20.78
C GLU A 717 1.26 -31.80 22.29
N ILE A 718 1.96 -30.80 22.84
CA ILE A 718 2.33 -30.77 24.25
C ILE A 718 1.15 -30.32 25.10
N GLY A 719 0.35 -29.37 24.59
CA GLY A 719 -0.82 -28.87 25.29
C GLY A 719 -0.45 -28.20 26.60
N ASP A 720 -1.07 -28.69 27.70
CA ASP A 720 -0.77 -28.18 29.03
C ASP A 720 -0.02 -29.24 29.86
N LEU A 721 0.49 -30.28 29.19
CA LEU A 721 1.25 -31.35 29.84
C LEU A 721 2.64 -30.85 30.23
N LEU A 722 3.13 -29.82 29.52
CA LEU A 722 4.41 -29.22 29.86
C LEU A 722 4.43 -27.75 29.45
N LYS A 723 4.95 -26.91 30.38
CA LYS A 723 5.24 -25.51 30.14
C LYS A 723 6.58 -25.16 30.78
N VAL A 724 7.39 -24.35 30.07
CA VAL A 724 8.66 -23.83 30.57
C VAL A 724 8.70 -22.32 30.40
N VAL A 725 8.73 -21.59 31.53
CA VAL A 725 8.75 -20.14 31.52
C VAL A 725 10.07 -19.68 32.16
N PHE A 726 10.36 -18.37 32.05
CA PHE A 726 11.45 -17.74 32.80
C PHE A 726 10.96 -16.43 33.42
N VAL A 727 10.74 -16.43 34.75
CA VAL A 727 10.23 -15.26 35.45
C VAL A 727 11.31 -14.17 35.48
N PRO A 728 11.00 -12.98 34.93
CA PRO A 728 11.99 -11.91 34.84
C PRO A 728 12.06 -11.14 36.14
N ASP A 729 13.30 -10.77 36.50
CA ASP A 729 13.61 -9.89 37.62
C ASP A 729 13.24 -10.59 38.93
N TYR A 730 13.83 -11.78 39.16
CA TYR A 730 13.58 -12.50 40.41
C TYR A 730 14.04 -11.64 41.57
N ASN A 731 13.21 -11.60 42.62
CA ASN A 731 13.55 -10.93 43.85
C ASN A 731 12.61 -11.38 44.96
N VAL A 732 12.76 -10.75 46.14
CA VAL A 732 12.06 -11.09 47.36
C VAL A 732 10.57 -11.31 47.06
N SER A 733 9.96 -10.34 46.38
CA SER A 733 8.54 -10.41 46.11
C SER A 733 8.22 -11.61 45.22
N VAL A 734 8.97 -11.77 44.11
CA VAL A 734 8.75 -12.88 43.20
C VAL A 734 8.69 -14.16 44.03
N ALA A 735 9.67 -14.30 44.93
CA ALA A 735 9.82 -15.45 45.80
C ALA A 735 8.61 -15.58 46.71
N GLU A 736 8.17 -14.46 47.29
CA GLU A 736 7.04 -14.49 48.20
C GLU A 736 5.80 -15.02 47.49
N LEU A 737 5.87 -15.14 46.16
CA LEU A 737 4.72 -15.59 45.38
C LEU A 737 4.93 -17.00 44.83
N LEU A 738 6.16 -17.30 44.37
CA LEU A 738 6.45 -18.63 43.82
C LEU A 738 6.45 -19.67 44.93
N ILE A 739 7.16 -19.38 46.03
CA ILE A 739 7.42 -20.34 47.09
C ILE A 739 6.12 -20.90 47.65
N PRO A 740 5.20 -20.08 48.20
CA PRO A 740 3.94 -20.60 48.76
C PRO A 740 3.16 -21.48 47.80
N ALA A 741 3.65 -21.62 46.56
CA ALA A 741 2.91 -22.28 45.51
C ALA A 741 3.80 -23.25 44.73
N SER A 742 4.95 -23.61 45.31
CA SER A 742 5.83 -24.59 44.70
C SER A 742 5.36 -26.00 45.02
N ASP A 743 5.70 -26.94 44.13
CA ASP A 743 5.56 -28.35 44.43
C ASP A 743 6.96 -28.93 44.67
N LEU A 744 7.86 -28.65 43.74
CA LEU A 744 9.23 -29.15 43.77
C LEU A 744 10.20 -27.99 43.58
N SER A 745 11.32 -28.00 44.31
CA SER A 745 12.31 -26.94 44.24
C SER A 745 13.70 -27.54 44.10
N GLU A 746 14.42 -27.13 43.04
CA GLU A 746 15.70 -27.70 42.72
C GLU A 746 16.83 -26.88 43.33
N HIS A 747 17.87 -27.57 43.82
CA HIS A 747 19.08 -26.97 44.34
C HIS A 747 20.25 -27.86 43.94
N ILE A 748 20.54 -27.90 42.64
CA ILE A 748 21.22 -29.04 42.04
C ILE A 748 22.68 -28.71 41.72
N SER A 749 23.24 -27.76 42.48
CA SER A 749 24.59 -27.29 42.29
C SER A 749 25.61 -28.41 42.52
N THR A 750 26.69 -28.45 41.71
CA THR A 750 27.78 -29.41 41.80
C THR A 750 28.19 -29.61 43.26
N ALA A 751 27.96 -30.83 43.76
CA ALA A 751 27.90 -31.11 45.19
C ALA A 751 29.19 -30.69 45.90
N GLY A 752 29.01 -29.98 47.02
CA GLY A 752 30.10 -29.66 47.93
C GLY A 752 30.54 -28.21 47.80
N MET A 753 30.15 -27.54 46.70
CA MET A 753 30.59 -26.18 46.44
C MET A 753 29.75 -25.16 47.21
N GLU A 754 28.53 -25.55 47.59
CA GLU A 754 27.59 -24.62 48.20
C GLU A 754 27.71 -24.65 49.72
N ALA A 755 27.83 -23.45 50.29
CA ALA A 755 28.16 -23.28 51.69
C ALA A 755 26.95 -23.47 52.61
N SER A 756 25.75 -23.11 52.13
CA SER A 756 24.52 -23.34 52.90
C SER A 756 23.31 -23.36 51.97
N GLY A 757 22.73 -22.18 51.74
CA GLY A 757 21.46 -22.04 51.04
C GLY A 757 20.37 -21.53 51.99
N THR A 758 19.49 -20.69 51.47
CA THR A 758 18.41 -20.16 52.28
C THR A 758 17.07 -20.47 51.59
N SER A 759 17.07 -20.49 50.26
CA SER A 759 15.85 -20.62 49.47
C SER A 759 15.13 -21.90 49.84
N ASN A 760 15.90 -23.00 49.87
CA ASN A 760 15.38 -24.29 50.28
C ASN A 760 14.69 -24.17 51.63
N MET A 761 15.38 -23.62 52.62
CA MET A 761 14.83 -23.49 53.97
C MET A 761 13.42 -22.92 53.89
N1 LLP A 762 17.91 -15.65 46.88
C2 LLP A 762 16.97 -14.83 47.34
C2' LLP A 762 16.68 -13.59 46.57
C3 LLP A 762 16.27 -15.12 48.51
O3 LLP A 762 15.33 -14.24 48.93
C4 LLP A 762 16.55 -16.30 49.22
C4' LLP A 762 15.82 -16.62 50.46
C5 LLP A 762 17.55 -17.16 48.71
C6 LLP A 762 18.19 -16.79 47.55
C5' LLP A 762 17.97 -18.45 49.37
OP4 LLP A 762 19.34 -18.84 49.01
P LLP A 762 19.80 -19.61 47.67
OP1 LLP A 762 18.58 -19.72 46.79
OP2 LLP A 762 20.86 -18.72 47.03
OP3 LLP A 762 20.34 -20.98 48.07
N LLP A 762 13.21 -21.91 53.02
CA LLP A 762 11.89 -21.39 52.77
CB LLP A 762 11.93 -20.08 51.96
CG LLP A 762 12.88 -19.00 52.49
CD LLP A 762 13.52 -18.16 51.39
CE LLP A 762 13.92 -16.78 51.80
NZ LLP A 762 14.69 -16.10 50.77
C LLP A 762 11.04 -22.49 52.14
O LLP A 762 10.18 -23.06 52.82
N PHE A 763 11.33 -22.82 50.87
CA PHE A 763 10.62 -23.84 50.12
C PHE A 763 10.14 -24.94 51.05
N ALA A 764 11.05 -25.39 51.93
CA ALA A 764 10.74 -26.44 52.89
C ALA A 764 9.53 -26.01 53.71
N MET A 765 9.63 -24.83 54.34
CA MET A 765 8.63 -24.37 55.29
C MET A 765 7.24 -24.38 54.65
N ASN A 766 7.19 -24.15 53.35
CA ASN A 766 5.93 -24.01 52.62
C ASN A 766 5.51 -25.35 52.01
N GLY A 767 6.12 -26.45 52.46
CA GLY A 767 5.70 -27.78 52.08
C GLY A 767 6.28 -28.23 50.74
N CYS A 768 7.06 -27.35 50.10
CA CYS A 768 7.69 -27.71 48.85
C CYS A 768 8.65 -28.87 49.09
N ILE A 769 8.60 -29.83 48.16
CA ILE A 769 9.49 -30.98 48.15
C ILE A 769 10.72 -30.60 47.32
N GLN A 770 11.91 -30.82 47.90
CA GLN A 770 13.19 -30.42 47.32
C GLN A 770 13.81 -31.59 46.56
N ILE A 771 14.48 -31.27 45.43
CA ILE A 771 15.39 -32.20 44.75
C ILE A 771 16.77 -31.55 44.67
N GLY A 772 17.80 -32.26 45.12
CA GLY A 772 19.13 -31.65 45.19
C GLY A 772 20.27 -32.66 45.37
N THR A 773 21.49 -32.18 45.12
CA THR A 773 22.69 -32.91 45.47
C THR A 773 22.98 -32.67 46.94
N LEU A 774 23.81 -33.55 47.51
CA LEU A 774 24.07 -33.56 48.94
C LEU A 774 25.12 -32.49 49.25
N ASP A 775 24.66 -31.22 49.34
CA ASP A 775 25.59 -30.17 49.72
C ASP A 775 24.86 -29.05 50.46
N GLY A 776 25.67 -28.27 51.19
CA GLY A 776 25.21 -27.15 51.98
C GLY A 776 24.13 -27.55 52.96
N ALA A 777 22.97 -26.89 52.82
CA ALA A 777 21.84 -27.10 53.69
C ALA A 777 21.14 -28.39 53.30
N ASN A 778 21.08 -28.70 51.98
CA ASN A 778 20.44 -29.88 51.45
C ASN A 778 20.54 -31.04 52.43
N VAL A 779 21.72 -31.15 53.05
CA VAL A 779 22.08 -32.11 54.08
C VAL A 779 21.15 -31.94 55.28
N GLU A 780 21.24 -30.77 55.94
CA GLU A 780 20.57 -30.48 57.20
C GLU A 780 19.06 -30.47 57.05
N ILE A 781 18.57 -30.06 55.87
CA ILE A 781 17.15 -30.13 55.56
C ILE A 781 16.72 -31.58 55.42
N ARG A 782 17.26 -32.27 54.41
CA ARG A 782 16.99 -33.68 54.18
C ARG A 782 16.83 -34.37 55.53
N GLU A 783 17.88 -34.26 56.34
CA GLU A 783 17.94 -34.83 57.68
C GLU A 783 16.68 -34.46 58.46
N GLU A 784 16.51 -33.15 58.75
CA GLU A 784 15.49 -32.70 59.67
C GLU A 784 14.09 -33.11 59.20
N VAL A 785 13.91 -33.28 57.88
CA VAL A 785 12.59 -33.51 57.32
C VAL A 785 12.35 -35.01 57.08
N GLY A 786 13.43 -35.76 56.83
CA GLY A 786 13.31 -37.18 56.56
C GLY A 786 13.83 -37.53 55.17
N GLU A 787 14.58 -38.62 55.09
CA GLU A 787 15.26 -39.04 53.88
C GLU A 787 14.23 -39.36 52.80
N GLU A 788 13.06 -39.85 53.23
CA GLU A 788 12.02 -40.26 52.30
C GLU A 788 11.13 -39.05 51.99
N ASN A 789 11.69 -37.85 52.14
CA ASN A 789 10.93 -36.62 51.92
C ASN A 789 11.79 -35.61 51.15
N PHE A 790 12.75 -36.13 50.38
CA PHE A 790 13.74 -35.30 49.73
C PHE A 790 14.44 -36.12 48.67
N PHE A 791 14.31 -35.69 47.43
CA PHE A 791 14.90 -36.39 46.30
C PHE A 791 16.38 -36.05 46.23
N LEU A 792 17.23 -37.08 46.35
CA LEU A 792 18.66 -36.91 46.25
C LEU A 792 19.14 -37.52 44.94
N PHE A 793 20.35 -37.13 44.50
CA PHE A 793 20.93 -37.69 43.30
C PHE A 793 22.37 -37.21 43.14
N GLY A 794 23.07 -37.83 42.18
CA GLY A 794 24.36 -37.39 41.68
C GLY A 794 25.52 -37.73 42.59
N ALA A 795 26.72 -37.36 42.15
CA ALA A 795 27.95 -37.57 42.91
C ALA A 795 27.90 -36.78 44.21
N GLN A 796 28.82 -37.13 45.12
CA GLN A 796 28.95 -36.43 46.39
C GLN A 796 30.34 -35.82 46.49
N ALA A 797 30.57 -35.08 47.58
CA ALA A 797 31.70 -34.20 47.80
C ALA A 797 33.02 -34.88 47.44
N HIS A 798 33.27 -36.02 48.09
CA HIS A 798 34.48 -36.81 47.97
C HIS A 798 34.81 -37.14 46.52
N GLU A 799 33.80 -37.54 45.73
CA GLU A 799 33.98 -38.15 44.42
C GLU A 799 34.56 -37.19 43.40
N ILE A 800 34.35 -35.88 43.60
CA ILE A 800 34.45 -34.87 42.56
C ILE A 800 35.88 -34.80 42.02
N ALA A 801 36.88 -34.85 42.91
CA ALA A 801 38.28 -34.84 42.54
C ALA A 801 38.55 -35.98 41.55
N GLY A 802 38.04 -37.16 41.91
CA GLY A 802 38.24 -38.38 41.14
C GLY A 802 37.53 -38.35 39.79
N LEU A 803 36.32 -37.75 39.76
CA LEU A 803 35.50 -37.74 38.57
C LEU A 803 36.06 -36.74 37.55
N ARG A 804 36.74 -35.71 38.08
CA ARG A 804 37.44 -34.69 37.31
C ARG A 804 38.76 -35.25 36.79
N LYS A 805 39.33 -36.19 37.55
CA LYS A 805 40.51 -36.93 37.16
C LYS A 805 40.15 -37.85 35.98
N GLU A 806 39.01 -38.55 36.08
CA GLU A 806 38.52 -39.45 35.04
C GLU A 806 38.37 -38.69 33.72
N ARG A 807 37.76 -37.50 33.82
CA ARG A 807 37.60 -36.62 32.67
C ARG A 807 38.96 -36.22 32.13
N ALA A 808 39.85 -35.83 33.05
CA ALA A 808 41.16 -35.26 32.74
C ALA A 808 42.06 -36.27 32.02
N ASP A 809 41.81 -37.57 32.22
CA ASP A 809 42.68 -38.61 31.68
C ASP A 809 42.06 -39.22 30.42
N GLY A 810 40.86 -38.74 30.05
CA GLY A 810 40.11 -39.29 28.92
C GLY A 810 39.45 -40.61 29.28
N LYS A 811 38.97 -40.69 30.53
CA LYS A 811 38.42 -41.90 31.15
C LYS A 811 36.91 -41.76 31.37
N PHE A 812 36.31 -40.66 30.91
CA PHE A 812 34.87 -40.50 31.06
C PHE A 812 34.17 -41.01 29.79
N VAL A 813 33.17 -41.88 30.00
CA VAL A 813 32.26 -42.30 28.95
C VAL A 813 30.88 -41.70 29.22
N PRO A 814 30.40 -40.77 28.35
CA PRO A 814 29.08 -40.16 28.54
C PRO A 814 27.94 -41.19 28.42
N ASP A 815 26.79 -40.85 29.02
CA ASP A 815 25.56 -41.56 28.75
C ASP A 815 25.13 -41.29 27.31
N GLU A 816 24.22 -42.13 26.78
CA GLU A 816 23.78 -42.05 25.39
C GLU A 816 22.51 -41.21 25.26
N ARG A 817 21.88 -40.90 26.40
CA ARG A 817 20.73 -40.01 26.46
C ARG A 817 21.19 -38.55 26.49
N PHE A 818 22.39 -38.34 27.05
CA PHE A 818 23.06 -37.05 27.12
C PHE A 818 23.37 -36.56 25.71
N GLU A 819 23.90 -37.48 24.87
CA GLU A 819 24.27 -37.20 23.49
C GLU A 819 23.03 -37.09 22.62
N GLU A 820 21.95 -37.72 23.10
CA GLU A 820 20.64 -37.68 22.47
C GLU A 820 20.08 -36.25 22.53
N VAL A 821 20.22 -35.61 23.71
CA VAL A 821 19.80 -34.22 23.95
C VAL A 821 20.69 -33.25 23.15
N LYS A 822 22.00 -33.50 23.18
CA LYS A 822 23.06 -32.64 22.63
C LYS A 822 22.93 -32.52 21.11
N GLU A 823 22.74 -33.66 20.43
CA GLU A 823 22.57 -33.69 18.99
C GLU A 823 21.20 -33.12 18.60
N PHE A 824 20.24 -33.20 19.52
CA PHE A 824 18.88 -32.69 19.30
C PHE A 824 18.88 -31.16 19.27
N VAL A 825 19.78 -30.56 20.08
CA VAL A 825 19.91 -29.12 20.16
C VAL A 825 20.67 -28.62 18.92
N ARG A 826 21.65 -29.40 18.47
CA ARG A 826 22.44 -29.09 17.29
C ARG A 826 21.60 -29.24 16.02
N SER A 827 20.45 -29.91 16.14
CA SER A 827 19.52 -30.10 15.04
C SER A 827 18.79 -28.80 14.71
N GLY A 828 18.57 -27.98 15.75
CA GLY A 828 17.99 -26.64 15.64
C GLY A 828 16.53 -26.62 16.07
N ALA A 829 16.16 -27.51 17.01
CA ALA A 829 14.76 -27.74 17.37
C ALA A 829 14.22 -26.61 18.25
N PHE A 830 15.13 -25.78 18.74
CA PHE A 830 14.81 -24.62 19.57
C PHE A 830 15.37 -23.36 18.89
N GLY A 831 14.60 -22.82 17.94
CA GLY A 831 14.93 -21.58 17.25
C GLY A 831 16.16 -21.72 16.35
N SER A 832 16.44 -20.62 15.63
CA SER A 832 17.58 -20.59 14.73
C SER A 832 18.83 -20.15 15.50
N TYR A 833 18.63 -19.71 16.74
CA TYR A 833 19.76 -19.32 17.56
C TYR A 833 20.68 -20.53 17.71
N ASN A 834 21.94 -20.31 17.32
CA ASN A 834 22.98 -21.32 17.39
C ASN A 834 23.56 -21.38 18.81
N TYR A 835 23.53 -22.58 19.41
CA TYR A 835 24.05 -22.79 20.76
C TYR A 835 25.26 -23.70 20.73
N ASP A 836 26.05 -23.61 19.65
CA ASP A 836 27.19 -24.49 19.42
C ASP A 836 28.30 -24.18 20.43
N ASP A 837 28.36 -22.92 20.87
CA ASP A 837 29.36 -22.45 21.81
C ASP A 837 28.92 -22.76 23.24
N LEU A 838 27.60 -22.93 23.45
CA LEU A 838 27.00 -23.37 24.70
C LEU A 838 27.36 -24.83 24.94
N ILE A 839 27.11 -25.67 23.92
CA ILE A 839 27.38 -27.09 23.99
C ILE A 839 28.88 -27.34 23.97
N GLY A 840 29.65 -26.37 23.45
CA GLY A 840 31.11 -26.41 23.46
C GLY A 840 31.70 -26.60 24.85
N SER A 841 31.15 -25.88 25.85
CA SER A 841 31.73 -25.84 27.18
C SER A 841 31.53 -27.17 27.91
N LEU A 842 30.74 -28.07 27.31
CA LEU A 842 30.43 -29.38 27.87
C LEU A 842 31.45 -30.43 27.38
N GLU A 843 32.12 -30.16 26.26
CA GLU A 843 32.92 -31.17 25.56
C GLU A 843 34.42 -30.91 25.72
N GLY A 844 35.19 -31.99 25.53
CA GLY A 844 36.65 -31.97 25.60
C GLY A 844 37.17 -32.68 26.84
N ASN A 845 38.46 -32.45 27.14
CA ASN A 845 39.15 -33.04 28.28
C ASN A 845 39.83 -31.93 29.11
N GLU A 846 40.19 -30.82 28.46
CA GLU A 846 40.93 -29.70 29.05
C GLU A 846 40.50 -28.37 28.42
N GLY A 847 40.95 -27.26 29.02
CA GLY A 847 40.54 -25.92 28.62
C GLY A 847 39.68 -25.23 29.69
N PHE A 848 39.99 -23.95 29.95
CA PHE A 848 39.43 -23.17 31.04
C PHE A 848 37.91 -23.12 30.94
N GLY A 849 37.39 -23.07 29.70
CA GLY A 849 35.95 -23.03 29.47
C GLY A 849 35.42 -24.25 28.71
N ARG A 850 36.15 -25.36 28.80
CA ARG A 850 35.74 -26.59 28.13
C ARG A 850 35.61 -27.73 29.16
N ALA A 851 35.22 -28.92 28.68
CA ALA A 851 35.28 -30.20 29.39
C ALA A 851 34.46 -30.20 30.69
N ASP A 852 33.26 -29.60 30.63
CA ASP A 852 32.17 -29.84 31.58
C ASP A 852 32.70 -29.96 33.02
N TYR A 853 33.41 -28.90 33.46
CA TYR A 853 34.08 -28.85 34.75
C TYR A 853 33.11 -29.18 35.88
N PHE A 854 31.80 -29.02 35.63
CA PHE A 854 30.77 -29.10 36.66
C PHE A 854 29.93 -30.36 36.53
N LEU A 855 30.47 -31.35 35.81
CA LEU A 855 29.96 -32.71 35.82
C LEU A 855 28.45 -32.69 35.59
N VAL A 856 28.05 -32.02 34.52
CA VAL A 856 26.65 -32.02 34.10
C VAL A 856 26.38 -33.33 33.37
N GLY A 857 27.32 -33.71 32.49
CA GLY A 857 27.28 -35.01 31.81
C GLY A 857 27.22 -36.17 32.80
N LYS A 858 28.07 -36.12 33.83
CA LYS A 858 28.19 -37.19 34.81
C LYS A 858 26.90 -37.30 35.62
N ASP A 859 26.37 -36.17 36.11
CA ASP A 859 25.23 -36.20 37.01
C ASP A 859 23.92 -36.38 36.23
N PHE A 860 23.97 -36.17 34.91
CA PHE A 860 22.78 -36.19 34.06
C PHE A 860 21.95 -37.44 34.28
N PRO A 861 22.54 -38.66 34.12
CA PRO A 861 21.78 -39.90 34.24
C PRO A 861 21.03 -40.04 35.58
N SER A 862 21.79 -39.90 36.67
CA SER A 862 21.29 -40.01 38.04
C SER A 862 20.17 -39.00 38.29
N TYR A 863 20.30 -37.82 37.67
CA TYR A 863 19.32 -36.76 37.79
C TYR A 863 18.02 -37.19 37.11
N ILE A 864 18.09 -37.51 35.80
CA ILE A 864 16.87 -37.70 35.04
C ILE A 864 16.15 -38.94 35.55
N GLU A 865 16.93 -39.91 36.03
CA GLU A 865 16.41 -41.07 36.73
C GLU A 865 15.62 -40.59 37.95
N CYS A 866 16.20 -39.64 38.70
CA CYS A 866 15.61 -39.11 39.92
C CYS A 866 14.29 -38.39 39.62
N GLN A 867 14.17 -37.85 38.41
CA GLN A 867 12.98 -37.13 37.97
C GLN A 867 11.85 -38.11 37.68
N GLU A 868 12.20 -39.27 37.13
CA GLU A 868 11.21 -40.33 36.99
C GLU A 868 10.58 -40.63 38.34
N LYS A 869 11.41 -40.61 39.40
CA LYS A 869 10.97 -40.89 40.75
C LYS A 869 10.06 -39.80 41.27
N VAL A 870 10.27 -38.56 40.81
CA VAL A 870 9.37 -37.49 41.20
C VAL A 870 8.02 -37.74 40.54
N ASP A 871 8.04 -38.05 39.24
CA ASP A 871 6.86 -38.37 38.45
C ASP A 871 6.04 -39.39 39.24
N GLU A 872 6.70 -40.50 39.60
CA GLU A 872 6.10 -41.62 40.32
C GLU A 872 5.45 -41.10 41.59
N ALA A 873 6.16 -40.22 42.32
CA ALA A 873 5.77 -39.79 43.65
C ALA A 873 4.51 -38.92 43.60
N TYR A 874 4.42 -38.12 42.53
CA TYR A 874 3.33 -37.16 42.36
C TYR A 874 2.04 -37.91 42.02
N ARG A 875 2.16 -39.02 41.27
CA ARG A 875 1.01 -39.81 40.87
C ARG A 875 0.29 -40.34 42.10
N ASP A 876 1.06 -40.70 43.13
CA ASP A 876 0.50 -41.01 44.43
C ASP A 876 0.28 -39.71 45.19
N GLN A 877 -0.96 -39.19 45.11
CA GLN A 877 -1.26 -37.88 45.65
C GLN A 877 -1.27 -37.93 47.17
N LYS A 878 -1.74 -39.04 47.74
CA LYS A 878 -1.79 -39.20 49.19
C LYS A 878 -0.37 -39.16 49.74
N ARG A 879 0.51 -39.96 49.15
CA ARG A 879 1.91 -39.99 49.50
C ARG A 879 2.48 -38.57 49.43
N TRP A 880 2.38 -37.98 48.21
CA TRP A 880 2.98 -36.69 47.89
C TRP A 880 2.60 -35.64 48.94
N THR A 881 1.30 -35.59 49.28
CA THR A 881 0.77 -34.63 50.25
C THR A 881 1.42 -34.86 51.61
N THR A 882 1.58 -36.13 51.98
CA THR A 882 2.22 -36.45 53.24
C THR A 882 3.65 -35.94 53.22
N MET A 883 4.39 -36.28 52.15
CA MET A 883 5.76 -35.83 51.99
C MET A 883 5.84 -34.32 52.21
N SER A 884 4.86 -33.60 51.66
CA SER A 884 4.76 -32.16 51.80
C SER A 884 4.60 -31.76 53.27
N ILE A 885 3.60 -32.35 53.95
CA ILE A 885 3.24 -31.95 55.31
C ILE A 885 4.45 -32.08 56.22
N LEU A 886 5.29 -33.06 55.90
CA LEU A 886 6.44 -33.37 56.73
C LEU A 886 7.55 -32.36 56.46
N ASN A 887 7.68 -31.92 55.20
CA ASN A 887 8.65 -30.88 54.89
C ASN A 887 8.45 -29.71 55.86
N THR A 888 7.18 -29.32 56.05
CA THR A 888 6.79 -28.21 56.92
C THR A 888 7.10 -28.53 58.38
N ALA A 889 6.72 -29.73 58.82
CA ALA A 889 6.87 -30.15 60.19
C ALA A 889 8.34 -30.11 60.63
N GLY A 890 9.24 -30.32 59.66
CA GLY A 890 10.67 -30.51 59.96
C GLY A 890 11.52 -29.27 59.71
N SER A 891 10.90 -28.10 59.71
CA SER A 891 11.58 -26.90 59.28
C SER A 891 12.09 -26.12 60.48
N TYR A 892 11.43 -26.32 61.63
CA TYR A 892 11.34 -25.32 62.67
C TYR A 892 12.69 -24.90 63.22
N LYS A 893 13.74 -25.61 62.80
CA LYS A 893 15.08 -25.37 63.27
C LYS A 893 15.80 -24.42 62.30
N PHE A 894 15.10 -24.05 61.21
CA PHE A 894 15.65 -23.14 60.23
C PHE A 894 15.04 -21.74 60.39
N SER A 895 14.32 -21.52 61.50
CA SER A 895 13.91 -20.19 61.90
C SER A 895 15.16 -19.37 62.21
N SER A 896 15.24 -18.16 61.66
CA SER A 896 16.37 -17.30 61.97
C SER A 896 16.42 -17.02 63.48
N ASP A 897 15.25 -17.11 64.15
CA ASP A 897 15.13 -16.92 65.58
C ASP A 897 16.20 -17.71 66.31
N ARG A 898 16.31 -19.00 65.91
CA ARG A 898 17.28 -19.95 66.43
C ARG A 898 18.69 -19.45 66.11
N THR A 899 18.97 -19.22 64.82
CA THR A 899 20.29 -18.83 64.36
C THR A 899 20.79 -17.60 65.14
N ILE A 900 19.89 -16.64 65.37
CA ILE A 900 20.25 -15.42 66.06
C ILE A 900 20.51 -15.70 67.54
N HIS A 901 19.52 -16.28 68.24
CA HIS A 901 19.70 -16.66 69.62
C HIS A 901 21.12 -17.17 69.83
N GLU A 902 21.59 -18.00 68.90
CA GLU A 902 22.91 -18.61 68.90
C GLU A 902 23.99 -17.53 68.78
N TYR A 903 23.87 -16.66 67.77
CA TYR A 903 24.80 -15.56 67.60
C TYR A 903 24.78 -14.68 68.84
N ALA A 904 23.57 -14.36 69.32
CA ALA A 904 23.33 -13.39 70.39
C ALA A 904 23.99 -13.84 71.68
N LYS A 905 23.93 -15.16 71.93
CA LYS A 905 24.35 -15.77 73.17
C LYS A 905 25.82 -16.19 73.12
N ASP A 906 26.27 -16.66 71.94
CA ASP A 906 27.54 -17.35 71.83
C ASP A 906 28.60 -16.53 71.08
N ILE A 907 28.25 -15.34 70.58
CA ILE A 907 29.26 -14.49 69.97
C ILE A 907 29.19 -13.09 70.57
N TRP A 908 28.01 -12.48 70.58
CA TRP A 908 27.93 -11.05 70.89
C TRP A 908 27.84 -10.87 72.40
N ASN A 909 27.11 -11.76 73.05
CA ASN A 909 26.83 -11.61 74.46
C ASN A 909 25.91 -10.40 74.64
N ILE A 910 24.66 -10.56 74.20
CA ILE A 910 23.63 -9.55 74.38
C ILE A 910 22.37 -10.21 74.94
N GLU A 911 21.77 -9.57 75.95
CA GLU A 911 20.51 -10.06 76.50
C GLU A 911 19.37 -9.20 75.99
N ALA A 912 18.15 -9.72 76.17
CA ALA A 912 16.93 -9.10 75.67
C ALA A 912 16.72 -7.72 76.30
N VAL A 913 15.92 -6.86 75.65
CA VAL A 913 15.44 -5.63 76.27
C VAL A 913 13.94 -5.48 76.05
N GLU A 914 13.19 -5.57 77.15
CA GLU A 914 11.75 -5.38 77.16
C GLU A 914 11.45 -3.89 77.05
N ILE A 915 10.44 -3.57 76.24
CA ILE A 915 10.05 -2.22 75.89
C ILE A 915 8.58 -2.07 76.30
N ALA A 916 8.34 -1.44 77.45
CA ALA A 916 7.02 -1.47 78.08
C ALA A 916 6.02 -0.60 77.33
N ALA B 23 18.76 15.95 -7.63
CA ALA B 23 17.89 16.04 -6.41
C ALA B 23 16.92 17.20 -6.58
N PRO B 24 15.60 16.95 -6.78
CA PRO B 24 14.59 18.01 -6.78
C PRO B 24 14.39 18.63 -5.39
N ASP B 25 14.15 19.94 -5.36
CA ASP B 25 13.82 20.69 -4.15
C ASP B 25 12.41 21.26 -4.27
N ALA B 26 11.82 21.67 -3.14
CA ALA B 26 10.44 22.16 -3.10
C ALA B 26 10.16 23.14 -4.24
N ALA B 27 11.15 23.99 -4.56
CA ALA B 27 11.03 25.03 -5.58
C ALA B 27 10.97 24.44 -6.98
N SER B 28 11.84 23.47 -7.26
CA SER B 28 11.85 22.79 -8.55
C SER B 28 10.52 22.08 -8.78
N ILE B 29 9.96 21.49 -7.71
CA ILE B 29 8.68 20.78 -7.77
C ILE B 29 7.56 21.77 -8.12
N THR B 30 7.54 22.92 -7.43
CA THR B 30 6.51 23.93 -7.68
C THR B 30 6.47 24.25 -9.17
N SER B 31 7.67 24.40 -9.77
CA SER B 31 7.85 24.68 -11.19
C SER B 31 7.26 23.55 -12.05
N SER B 32 7.48 22.32 -11.61
CA SER B 32 7.00 21.15 -12.32
C SER B 32 5.48 21.11 -12.31
N ILE B 33 4.87 21.41 -11.15
CA ILE B 33 3.42 21.38 -11.02
C ILE B 33 2.81 22.42 -11.95
N LYS B 34 3.38 23.63 -11.91
CA LYS B 34 2.95 24.71 -12.78
C LYS B 34 3.04 24.26 -14.24
N TYR B 35 4.23 23.78 -14.63
CA TYR B 35 4.56 23.40 -16.01
C TYR B 35 3.48 22.49 -16.60
N HIS B 36 3.11 21.46 -15.85
CA HIS B 36 2.14 20.48 -16.31
C HIS B 36 0.73 21.08 -16.32
N ALA B 37 0.44 21.92 -15.32
CA ALA B 37 -0.88 22.51 -15.14
C ALA B 37 -1.28 23.30 -16.39
N GLU B 38 -0.27 23.72 -17.16
CA GLU B 38 -0.43 24.60 -18.31
C GLU B 38 -0.14 23.86 -19.63
N PHE B 39 0.88 22.98 -19.65
CA PHE B 39 1.45 22.55 -20.92
C PHE B 39 1.05 21.13 -21.32
N THR B 40 0.50 20.39 -20.36
CA THR B 40 -0.10 19.10 -20.61
C THR B 40 -1.41 19.04 -19.82
N PRO B 41 -2.40 19.89 -20.12
CA PRO B 41 -3.52 20.09 -19.21
C PRO B 41 -4.70 19.21 -19.56
N VAL B 42 -5.65 19.11 -18.62
CA VAL B 42 -6.88 18.36 -18.81
C VAL B 42 -8.06 19.21 -18.37
N PHE B 43 -7.84 20.51 -18.22
CA PHE B 43 -8.89 21.44 -17.85
C PHE B 43 -8.71 22.78 -18.57
N SER B 44 -9.63 23.72 -18.29
CA SER B 44 -9.50 25.11 -18.73
C SER B 44 -8.38 25.78 -17.95
N PRO B 45 -7.73 26.85 -18.48
CA PRO B 45 -6.59 27.47 -17.80
C PRO B 45 -6.96 28.38 -16.63
N GLU B 46 -8.26 28.46 -16.34
CA GLU B 46 -8.83 29.29 -15.30
C GLU B 46 -8.70 28.58 -13.95
N ARG B 47 -8.07 29.29 -12.99
CA ARG B 47 -7.90 28.89 -11.59
C ARG B 47 -7.25 27.52 -11.47
N PHE B 48 -6.83 27.23 -10.23
CA PHE B 48 -6.07 26.06 -9.87
C PHE B 48 -6.86 25.29 -8.81
N GLU B 49 -8.03 24.78 -9.21
CA GLU B 49 -8.92 24.01 -8.36
C GLU B 49 -8.33 22.63 -8.07
N LEU B 50 -8.83 21.96 -7.02
CA LEU B 50 -8.28 20.70 -6.58
C LEU B 50 -8.06 19.75 -7.76
N PRO B 51 -9.11 19.34 -8.51
CA PRO B 51 -8.95 18.35 -9.58
C PRO B 51 -7.75 18.64 -10.48
N LYS B 52 -7.61 19.89 -10.95
CA LYS B 52 -6.45 20.29 -11.74
C LYS B 52 -5.19 20.09 -10.92
N ALA B 53 -5.23 20.52 -9.64
CA ALA B 53 -4.08 20.55 -8.76
C ALA B 53 -3.51 19.14 -8.57
N PHE B 54 -4.41 18.15 -8.55
CA PHE B 54 -3.99 16.77 -8.42
C PHE B 54 -3.20 16.36 -9.66
N PHE B 55 -3.88 16.34 -10.81
CA PHE B 55 -3.29 15.86 -12.05
C PHE B 55 -1.94 16.51 -12.30
N ALA B 56 -1.87 17.82 -12.07
CA ALA B 56 -0.62 18.55 -12.22
C ALA B 56 0.42 17.99 -11.28
N THR B 57 0.02 17.76 -10.02
CA THR B 57 0.94 17.24 -9.01
C THR B 57 1.35 15.83 -9.38
N ALA B 58 0.38 15.04 -9.88
CA ALA B 58 0.60 13.63 -10.15
C ALA B 58 1.58 13.46 -11.31
N GLN B 59 1.36 14.23 -12.37
CA GLN B 59 2.19 14.19 -13.56
C GLN B 59 3.60 14.68 -13.21
N SER B 60 3.67 15.58 -12.23
CA SER B 60 4.95 16.09 -11.75
C SER B 60 5.76 14.97 -11.13
N VAL B 61 5.06 14.14 -10.33
CA VAL B 61 5.64 12.97 -9.71
C VAL B 61 6.14 12.03 -10.80
N ARG B 62 5.28 11.82 -11.81
CA ARG B 62 5.46 10.76 -12.79
C ARG B 62 6.69 11.03 -13.65
N ASP B 63 7.07 12.32 -13.76
CA ASP B 63 8.32 12.73 -14.37
C ASP B 63 9.47 12.01 -13.67
N SER B 64 9.48 12.08 -12.32
CA SER B 64 10.49 11.41 -11.53
C SER B 64 10.44 9.91 -11.76
N LEU B 65 9.23 9.34 -11.62
CA LEU B 65 9.00 7.90 -11.71
C LEU B 65 9.59 7.36 -13.00
N LEU B 66 9.50 8.15 -14.09
CA LEU B 66 9.95 7.70 -15.39
C LEU B 66 11.48 7.62 -15.44
N ILE B 67 12.17 8.64 -14.95
CA ILE B 67 13.64 8.67 -14.97
C ILE B 67 14.17 7.34 -14.43
N ASN B 68 13.56 6.88 -13.33
CA ASN B 68 13.96 5.69 -12.63
C ASN B 68 13.53 4.44 -13.39
N TRP B 69 12.29 4.48 -13.92
CA TRP B 69 11.75 3.36 -14.66
C TRP B 69 12.64 3.05 -15.85
N ASN B 70 13.21 4.12 -16.43
CA ASN B 70 14.13 3.98 -17.55
C ASN B 70 15.48 3.51 -17.06
N ALA B 71 16.01 4.19 -16.04
CA ALA B 71 17.27 3.80 -15.44
C ALA B 71 17.26 2.29 -15.14
N THR B 72 16.13 1.79 -14.61
CA THR B 72 15.92 0.41 -14.22
C THR B 72 15.82 -0.49 -15.45
N TYR B 73 14.99 -0.06 -16.41
CA TYR B 73 14.77 -0.80 -17.64
C TYR B 73 16.11 -1.10 -18.33
N ASP B 74 16.96 -0.08 -18.47
CA ASP B 74 18.26 -0.19 -19.13
C ASP B 74 19.10 -1.29 -18.49
N ILE B 75 19.21 -1.25 -17.16
CA ILE B 75 20.08 -2.19 -16.46
C ILE B 75 19.54 -3.61 -16.67
N TYR B 76 18.27 -3.85 -16.34
CA TYR B 76 17.65 -5.17 -16.51
C TYR B 76 17.87 -5.69 -17.92
N GLU B 77 18.00 -4.77 -18.88
CA GLU B 77 18.12 -5.09 -20.29
C GLU B 77 19.55 -5.48 -20.63
N LYS B 78 20.53 -4.68 -20.15
CA LYS B 78 21.93 -4.83 -20.46
C LYS B 78 22.53 -6.03 -19.73
N LEU B 79 22.17 -6.19 -18.44
CA LEU B 79 22.67 -7.26 -17.58
C LEU B 79 22.17 -8.61 -18.08
N ASN B 80 20.88 -8.67 -18.40
CA ASN B 80 20.24 -9.86 -18.97
C ASN B 80 20.09 -10.95 -17.92
N MET B 81 20.01 -10.56 -16.64
CA MET B 81 19.81 -11.54 -15.60
C MET B 81 18.36 -12.05 -15.64
N LYS B 82 18.06 -13.01 -14.76
CA LYS B 82 16.72 -13.55 -14.65
C LYS B 82 15.77 -12.44 -14.21
N GLN B 83 14.49 -12.60 -14.54
CA GLN B 83 13.43 -11.66 -14.19
C GLN B 83 12.19 -12.47 -13.87
N ALA B 84 11.37 -11.97 -12.95
CA ALA B 84 10.20 -12.71 -12.52
C ALA B 84 8.95 -11.97 -13.00
N TYR B 85 7.86 -12.72 -13.20
CA TYR B 85 6.64 -12.15 -13.76
C TYR B 85 5.44 -12.65 -12.97
N TYR B 86 4.91 -11.79 -12.10
CA TYR B 86 3.80 -12.14 -11.21
C TYR B 86 2.48 -11.87 -11.92
N LEU B 87 1.77 -12.94 -12.26
CA LEU B 87 0.52 -12.83 -13.00
C LEU B 87 -0.68 -12.95 -12.06
N SER B 88 -1.64 -12.02 -12.20
CA SER B 88 -2.80 -11.94 -11.34
C SER B 88 -3.98 -11.33 -12.07
N MET B 89 -5.16 -11.94 -11.90
CA MET B 89 -6.39 -11.41 -12.47
C MET B 89 -6.75 -10.08 -11.81
N GLU B 90 -6.19 -9.83 -10.61
CA GLU B 90 -6.50 -8.59 -9.90
C GLU B 90 -5.29 -8.08 -9.13
N PHE B 91 -5.00 -6.79 -9.31
CA PHE B 91 -4.17 -6.03 -8.39
C PHE B 91 -5.02 -4.92 -7.77
N LEU B 92 -4.84 -4.67 -6.46
CA LEU B 92 -5.64 -3.68 -5.74
C LEU B 92 -4.72 -2.57 -5.28
N GLN B 93 -4.29 -1.75 -6.23
CA GLN B 93 -3.18 -0.83 -6.05
C GLN B 93 -3.56 0.30 -5.12
N GLY B 94 -4.84 0.74 -5.15
CA GLY B 94 -5.29 1.89 -4.38
C GLY B 94 -4.69 3.20 -4.86
N ARG B 95 -4.56 4.18 -3.96
CA ARG B 95 -4.02 5.49 -4.30
C ARG B 95 -2.50 5.41 -4.43
N ALA B 96 -1.96 5.92 -5.54
CA ALA B 96 -0.55 5.76 -5.82
C ALA B 96 0.26 6.92 -5.24
N LEU B 97 -0.42 8.06 -5.01
CA LEU B 97 0.24 9.36 -4.87
C LEU B 97 1.17 9.39 -3.67
N LEU B 98 0.61 9.17 -2.47
CA LEU B 98 1.33 9.46 -1.25
C LEU B 98 2.54 8.54 -1.14
N ASN B 99 2.38 7.30 -1.62
CA ASN B 99 3.36 6.24 -1.52
C ASN B 99 4.48 6.47 -2.52
N ALA B 100 4.10 6.94 -3.71
CA ALA B 100 5.06 7.30 -4.73
C ALA B 100 6.00 8.39 -4.21
N ILE B 101 5.45 9.42 -3.57
CA ILE B 101 6.24 10.54 -3.07
C ILE B 101 6.97 10.11 -1.80
N GLY B 102 6.35 9.21 -1.02
CA GLY B 102 6.95 8.68 0.18
C GLY B 102 8.28 7.99 -0.12
N ASN B 103 8.20 6.99 -1.01
CA ASN B 103 9.36 6.22 -1.44
C ASN B 103 10.43 7.14 -2.04
N LEU B 104 9.99 8.16 -2.77
CA LEU B 104 10.96 9.03 -3.42
C LEU B 104 11.66 9.87 -2.36
N GLU B 105 11.06 9.93 -1.16
CA GLU B 105 11.52 10.80 -0.09
C GLU B 105 11.34 12.27 -0.50
N LEU B 106 10.08 12.63 -0.78
CA LEU B 106 9.76 13.98 -1.25
C LEU B 106 8.41 14.39 -0.66
N THR B 107 7.88 13.60 0.29
CA THR B 107 6.60 13.89 0.94
C THR B 107 6.60 15.35 1.39
N GLY B 108 7.79 15.86 1.73
CA GLY B 108 7.97 17.18 2.30
C GLY B 108 8.16 18.28 1.25
N ALA B 109 8.89 17.97 0.17
CA ALA B 109 9.07 18.92 -0.92
C ALA B 109 7.73 19.19 -1.61
N PHE B 110 6.94 18.11 -1.78
CA PHE B 110 5.67 18.16 -2.48
C PHE B 110 4.59 18.88 -1.66
N ALA B 111 4.58 18.66 -0.34
CA ALA B 111 3.61 19.29 0.54
C ALA B 111 3.90 20.78 0.68
N GLU B 112 5.15 21.18 0.42
CA GLU B 112 5.56 22.58 0.49
C GLU B 112 5.25 23.30 -0.82
N ALA B 113 5.52 22.63 -1.94
CA ALA B 113 5.23 23.14 -3.27
C ALA B 113 3.72 23.29 -3.47
N LEU B 114 2.91 22.43 -2.82
CA LEU B 114 1.46 22.49 -2.85
C LEU B 114 0.94 23.62 -1.97
N LYS B 115 1.71 23.99 -0.93
CA LYS B 115 1.35 25.12 -0.10
C LYS B 115 1.61 26.42 -0.84
N ASN B 116 2.72 26.45 -1.60
CA ASN B 116 3.04 27.53 -2.52
C ASN B 116 1.88 27.77 -3.48
N LEU B 117 1.24 26.68 -3.95
CA LEU B 117 0.16 26.78 -4.91
C LEU B 117 -1.18 26.72 -4.18
N GLY B 118 -1.17 27.14 -2.91
CA GLY B 118 -2.36 27.42 -2.13
C GLY B 118 -3.17 26.16 -1.81
N HIS B 119 -2.46 25.03 -1.71
CA HIS B 119 -3.09 23.77 -1.35
C HIS B 119 -2.38 23.16 -0.15
N ASN B 120 -2.96 22.07 0.35
CA ASN B 120 -2.33 21.16 1.28
C ASN B 120 -2.43 19.75 0.74
N LEU B 121 -1.46 18.92 1.15
CA LEU B 121 -1.23 17.62 0.54
C LEU B 121 -2.46 16.73 0.68
N GLU B 122 -3.11 16.78 1.85
CA GLU B 122 -4.16 15.82 2.14
C GLU B 122 -5.39 16.13 1.30
N ASN B 123 -5.59 17.41 0.99
CA ASN B 123 -6.72 17.81 0.17
C ASN B 123 -6.43 17.46 -1.28
N VAL B 124 -5.14 17.40 -1.64
CA VAL B 124 -4.74 17.05 -2.99
C VAL B 124 -4.89 15.54 -3.16
N ALA B 125 -4.52 14.80 -2.11
CA ALA B 125 -4.61 13.35 -2.16
C ALA B 125 -6.07 12.93 -2.17
N SER B 126 -6.93 13.77 -1.58
CA SER B 126 -8.36 13.51 -1.49
C SER B 126 -8.89 13.18 -2.87
N GLN B 127 -8.38 13.89 -3.89
CA GLN B 127 -8.94 13.85 -5.22
C GLN B 127 -8.78 12.47 -5.84
N GLU B 128 -7.53 12.02 -5.98
CA GLU B 128 -7.19 10.77 -6.61
C GLU B 128 -8.22 9.69 -6.29
N PRO B 129 -8.79 9.00 -7.31
CA PRO B 129 -9.66 7.85 -7.05
C PRO B 129 -8.77 6.65 -6.76
N ASP B 130 -9.31 5.66 -6.05
CA ASP B 130 -8.64 4.38 -5.93
C ASP B 130 -8.68 3.69 -7.29
N ALA B 131 -7.51 3.41 -7.87
CA ALA B 131 -7.43 2.74 -9.15
C ALA B 131 -7.99 1.33 -9.04
N ALA B 132 -9.20 1.08 -9.57
CA ALA B 132 -9.93 -0.16 -9.32
C ALA B 132 -9.60 -1.24 -10.35
N LEU B 133 -8.51 -1.99 -10.12
CA LEU B 133 -8.00 -3.06 -10.98
C LEU B 133 -8.04 -4.41 -10.25
N GLY B 134 -8.74 -4.46 -9.11
CA GLY B 134 -8.75 -5.63 -8.23
C GLY B 134 -9.88 -5.55 -7.21
N ASN B 135 -9.92 -6.49 -6.28
CA ASN B 135 -11.02 -6.54 -5.34
C ASN B 135 -10.54 -6.92 -3.94
N GLY B 136 -10.08 -8.16 -3.79
CA GLY B 136 -9.81 -8.76 -2.50
C GLY B 136 -8.32 -8.95 -2.19
N GLY B 137 -8.04 -9.62 -1.06
CA GLY B 137 -6.68 -9.86 -0.65
C GLY B 137 -5.83 -10.30 -1.84
N LEU B 138 -6.41 -11.18 -2.67
CA LEU B 138 -5.70 -11.76 -3.80
C LEU B 138 -4.98 -10.63 -4.52
N GLY B 139 -5.75 -9.58 -4.80
CA GLY B 139 -5.21 -8.35 -5.34
C GLY B 139 -4.20 -7.72 -4.38
N ARG B 140 -4.67 -7.40 -3.15
CA ARG B 140 -3.89 -6.56 -2.27
C ARG B 140 -2.54 -7.19 -1.98
N LEU B 141 -2.54 -8.52 -1.83
CA LEU B 141 -1.27 -9.21 -1.76
C LEU B 141 -0.42 -8.80 -2.96
N ALA B 142 -0.88 -9.17 -4.16
CA ALA B 142 -0.11 -8.97 -5.38
C ALA B 142 0.46 -7.56 -5.42
N SER B 143 -0.33 -6.60 -4.94
CA SER B 143 0.07 -5.21 -4.87
C SER B 143 1.22 -5.06 -3.87
N CYS B 144 0.97 -5.42 -2.61
CA CYS B 144 1.99 -5.34 -1.59
C CYS B 144 3.31 -5.87 -2.14
N PHE B 145 3.24 -7.02 -2.84
CA PHE B 145 4.39 -7.76 -3.35
C PHE B 145 5.23 -6.88 -4.26
N LEU B 146 4.54 -6.19 -5.16
CA LEU B 146 5.22 -5.33 -6.12
C LEU B 146 6.00 -4.26 -5.37
N ASP B 147 5.40 -3.75 -4.28
CA ASP B 147 6.05 -2.76 -3.44
C ASP B 147 7.41 -3.30 -3.03
N SER B 148 7.39 -4.48 -2.42
CA SER B 148 8.59 -5.14 -1.96
C SER B 148 9.55 -5.34 -3.12
N LEU B 149 9.09 -6.14 -4.11
CA LEU B 149 9.90 -6.54 -5.23
C LEU B 149 10.77 -5.38 -5.71
N ALA B 150 10.20 -4.17 -5.68
CA ALA B 150 10.91 -2.99 -6.14
C ALA B 150 11.75 -2.37 -5.02
N THR B 151 11.22 -2.43 -3.78
CA THR B 151 11.93 -1.85 -2.66
C THR B 151 13.27 -2.56 -2.51
N LEU B 152 13.26 -3.86 -2.78
CA LEU B 152 14.39 -4.74 -2.50
C LEU B 152 15.23 -4.99 -3.75
N ASN B 153 14.86 -4.37 -4.88
CA ASN B 153 15.71 -4.35 -6.06
C ASN B 153 15.67 -5.68 -6.80
N TYR B 154 14.55 -6.40 -6.72
CA TYR B 154 14.42 -7.70 -7.36
C TYR B 154 13.77 -7.58 -8.74
N PRO B 155 14.49 -7.85 -9.86
CA PRO B 155 13.91 -7.80 -11.20
C PRO B 155 12.65 -8.63 -11.42
N ALA B 156 11.49 -7.97 -11.37
CA ALA B 156 10.19 -8.61 -11.53
C ALA B 156 9.11 -7.58 -11.84
N TRP B 157 8.20 -7.92 -12.77
CA TRP B 157 7.06 -7.09 -13.12
C TRP B 157 5.78 -7.77 -12.68
N GLY B 158 4.69 -7.01 -12.59
CA GLY B 158 3.36 -7.57 -12.48
C GLY B 158 2.62 -7.47 -13.83
N TYR B 159 1.83 -8.49 -14.18
CA TYR B 159 0.99 -8.45 -15.36
C TYR B 159 -0.47 -8.63 -14.94
N GLY B 160 -1.35 -7.78 -15.47
CA GLY B 160 -2.77 -7.80 -15.14
C GLY B 160 -3.65 -7.26 -16.25
N LEU B 161 -4.97 -7.39 -16.07
CA LEU B 161 -5.91 -6.74 -16.96
C LEU B 161 -6.15 -5.33 -16.43
N ARG B 162 -6.39 -4.39 -17.36
CA ARG B 162 -6.69 -3.00 -17.08
C ARG B 162 -8.20 -2.79 -17.11
N TYR B 163 -8.82 -2.86 -15.93
CA TYR B 163 -10.27 -2.88 -15.80
C TYR B 163 -10.80 -1.46 -15.87
N LYS B 164 -11.81 -1.24 -16.73
CA LYS B 164 -12.37 0.08 -16.94
C LYS B 164 -13.20 0.46 -15.72
N TYR B 165 -14.11 -0.44 -15.35
CA TYR B 165 -15.15 -0.12 -14.39
C TYR B 165 -14.95 -0.86 -13.08
N GLY B 166 -13.72 -1.34 -12.82
CA GLY B 166 -13.43 -2.11 -11.62
C GLY B 166 -14.39 -3.28 -11.44
N LEU B 167 -14.82 -3.52 -10.20
CA LEU B 167 -15.88 -4.49 -9.96
C LEU B 167 -17.18 -3.72 -9.77
N PHE B 168 -17.23 -2.87 -8.74
CA PHE B 168 -18.26 -1.85 -8.62
C PHE B 168 -17.99 -0.91 -7.44
N LYS B 169 -18.77 0.17 -7.38
CA LYS B 169 -18.79 1.06 -6.25
C LYS B 169 -20.07 0.78 -5.47
N GLN B 170 -19.98 0.89 -4.15
CA GLN B 170 -21.09 0.55 -3.28
C GLN B 170 -21.79 1.83 -2.83
N ARG B 171 -23.13 1.85 -2.93
CA ARG B 171 -23.93 2.92 -2.36
C ARG B 171 -24.76 2.34 -1.22
N ILE B 172 -24.70 3.00 -0.07
CA ILE B 172 -25.47 2.55 1.08
C ILE B 172 -26.65 3.48 1.27
N THR B 173 -27.86 2.92 1.13
CA THR B 173 -29.08 3.70 1.12
C THR B 173 -30.07 3.14 2.13
N LYS B 174 -31.28 3.70 2.14
CA LYS B 174 -32.35 3.23 3.01
C LYS B 174 -32.67 1.77 2.68
N ASP B 175 -32.45 1.36 1.43
CA ASP B 175 -32.80 0.01 0.98
C ASP B 175 -31.62 -0.94 1.18
N GLY B 176 -30.42 -0.37 1.34
CA GLY B 176 -29.22 -1.13 1.58
C GLY B 176 -28.13 -0.83 0.55
N GLN B 177 -27.55 -1.90 0.01
CA GLN B 177 -26.47 -1.75 -0.95
C GLN B 177 -27.06 -1.61 -2.35
N GLU B 178 -26.55 -0.60 -3.07
CA GLU B 178 -26.71 -0.50 -4.51
C GLU B 178 -25.33 -0.44 -5.13
N GLU B 179 -25.24 -0.82 -6.41
CA GLU B 179 -23.95 -0.93 -7.11
C GLU B 179 -23.96 -0.03 -8.34
N VAL B 180 -22.88 0.74 -8.50
CA VAL B 180 -22.71 1.58 -9.68
C VAL B 180 -21.29 1.42 -10.19
N ALA B 181 -21.13 1.32 -11.51
CA ALA B 181 -19.84 1.08 -12.14
C ALA B 181 -18.85 2.18 -11.76
N GLU B 182 -17.58 1.81 -11.57
CA GLU B 182 -16.56 2.71 -11.08
C GLU B 182 -16.21 3.73 -12.15
N ASP B 183 -15.69 4.88 -11.71
CA ASP B 183 -15.52 6.02 -12.59
C ASP B 183 -14.04 6.40 -12.62
N TRP B 184 -13.18 5.48 -12.21
CA TRP B 184 -11.80 5.86 -11.92
C TRP B 184 -11.09 6.34 -13.18
N LEU B 185 -11.52 5.83 -14.34
CA LEU B 185 -10.88 6.17 -15.61
C LEU B 185 -11.71 7.19 -16.36
N GLU B 186 -12.63 7.85 -15.63
CA GLU B 186 -13.59 8.80 -16.18
C GLU B 186 -12.84 9.87 -16.98
N ILE B 187 -11.78 10.41 -16.39
CA ILE B 187 -10.98 11.44 -17.02
C ILE B 187 -9.73 10.78 -17.61
N GLY B 188 -9.46 9.55 -17.17
CA GLY B 188 -8.22 8.84 -17.47
C GLY B 188 -7.29 8.90 -16.25
N SER B 189 -6.30 8.00 -16.23
CA SER B 189 -5.40 7.92 -15.10
C SER B 189 -4.10 8.66 -15.38
N PRO B 190 -3.64 9.53 -14.46
CA PRO B 190 -2.47 10.36 -14.70
C PRO B 190 -1.17 9.59 -14.52
N TRP B 191 -1.27 8.36 -14.01
CA TRP B 191 -0.10 7.56 -13.74
C TRP B 191 0.30 6.79 -15.00
N GLU B 192 -0.66 6.05 -15.57
CA GLU B 192 -0.34 5.04 -16.58
C GLU B 192 0.35 5.66 -17.79
N VAL B 193 1.29 4.91 -18.38
CA VAL B 193 2.05 5.32 -19.54
C VAL B 193 1.79 4.32 -20.66
N VAL B 194 1.12 4.79 -21.72
CA VAL B 194 0.63 3.91 -22.76
C VAL B 194 1.74 3.67 -23.77
N ARG B 195 2.03 2.39 -24.03
CA ARG B 195 3.00 1.97 -25.03
C ARG B 195 2.27 1.43 -26.25
N ASN B 196 2.23 2.26 -27.30
CA ASN B 196 1.44 2.03 -28.49
C ASN B 196 2.20 1.10 -29.45
N ASP B 197 3.51 0.95 -29.22
CA ASP B 197 4.31 0.04 -30.03
C ASP B 197 4.38 -1.32 -29.33
N VAL B 198 3.60 -1.47 -28.26
CA VAL B 198 3.52 -2.73 -27.53
C VAL B 198 2.10 -3.28 -27.66
N SER B 199 1.90 -4.01 -28.76
CA SER B 199 0.66 -4.72 -28.93
C SER B 199 0.92 -6.13 -29.41
N TYR B 200 0.14 -7.07 -28.86
CA TYR B 200 0.26 -8.47 -29.20
C TYR B 200 -1.09 -8.97 -29.70
N PRO B 201 -1.09 -9.86 -30.72
CA PRO B 201 -2.33 -10.42 -31.24
C PRO B 201 -2.86 -11.56 -30.39
N ILE B 202 -4.15 -11.48 -30.08
CA ILE B 202 -4.84 -12.53 -29.35
C ILE B 202 -5.84 -13.17 -30.31
N LYS B 203 -6.18 -14.44 -30.07
CA LYS B 203 -7.04 -15.20 -30.96
C LYS B 203 -7.99 -16.06 -30.15
N PHE B 204 -9.23 -16.20 -30.62
CA PHE B 204 -10.22 -17.07 -30.03
C PHE B 204 -10.88 -17.86 -31.15
N TYR B 205 -11.57 -18.96 -30.79
CA TYR B 205 -12.30 -19.82 -31.72
C TYR B 205 -11.40 -20.30 -32.85
N GLY B 206 -12.00 -20.61 -34.01
CA GLY B 206 -11.24 -21.05 -35.17
C GLY B 206 -10.81 -22.50 -35.07
N LYS B 207 -9.88 -22.93 -35.94
CA LYS B 207 -9.52 -24.34 -35.98
C LYS B 207 -8.03 -24.55 -36.20
N VAL B 208 -7.62 -25.80 -36.01
CA VAL B 208 -6.24 -26.22 -36.12
C VAL B 208 -6.14 -27.29 -37.21
N SER B 209 -4.96 -27.36 -37.83
CA SER B 209 -4.71 -28.18 -39.00
C SER B 209 -3.22 -28.32 -39.23
N THR B 210 -2.83 -29.36 -39.96
CA THR B 210 -1.44 -29.75 -40.00
C THR B 210 -0.80 -29.38 -41.33
N GLY B 211 0.25 -28.56 -41.23
CA GLY B 211 1.03 -28.12 -42.37
C GLY B 211 1.86 -29.27 -42.94
N SER B 212 2.27 -29.09 -44.20
CA SER B 212 2.99 -30.09 -44.96
C SER B 212 4.46 -30.11 -44.54
N ASP B 213 4.80 -29.32 -43.52
CA ASP B 213 6.13 -29.25 -42.95
C ASP B 213 6.16 -30.09 -41.68
N GLY B 214 4.96 -30.35 -41.16
CA GLY B 214 4.78 -31.14 -39.95
C GLY B 214 3.93 -30.41 -38.93
N LYS B 215 4.21 -29.11 -38.75
CA LYS B 215 3.76 -28.37 -37.59
C LYS B 215 2.24 -28.20 -37.66
N ARG B 216 1.64 -27.85 -36.52
CA ARG B 216 0.23 -27.53 -36.46
C ARG B 216 0.05 -26.03 -36.64
N TYR B 217 -1.10 -25.66 -37.22
CA TYR B 217 -1.43 -24.27 -37.53
C TYR B 217 -2.85 -23.97 -37.06
N TRP B 218 -2.96 -22.96 -36.19
CA TRP B 218 -4.23 -22.51 -35.66
C TRP B 218 -4.60 -21.20 -36.34
N ILE B 219 -5.69 -21.23 -37.12
CA ILE B 219 -6.18 -20.08 -37.85
C ILE B 219 -7.67 -19.88 -37.57
N GLY B 220 -8.19 -18.76 -38.08
CA GLY B 220 -9.63 -18.50 -38.10
C GLY B 220 -10.11 -17.91 -36.77
N GLY B 221 -11.42 -18.01 -36.56
CA GLY B 221 -12.08 -17.46 -35.38
C GLY B 221 -12.02 -15.93 -35.36
N GLU B 222 -11.62 -15.38 -34.20
CA GLU B 222 -11.54 -13.94 -34.00
C GLU B 222 -10.08 -13.54 -33.72
N ASP B 223 -9.69 -12.37 -34.23
CA ASP B 223 -8.40 -11.79 -33.90
C ASP B 223 -8.66 -10.45 -33.21
N ILE B 224 -7.97 -10.21 -32.08
CA ILE B 224 -8.02 -8.92 -31.40
C ILE B 224 -6.60 -8.54 -30.97
N LYS B 225 -6.47 -7.35 -30.37
CA LYS B 225 -5.18 -6.84 -29.97
C LYS B 225 -5.14 -6.61 -28.46
N ALA B 226 -3.94 -6.67 -27.89
CA ALA B 226 -3.74 -6.34 -26.50
C ALA B 226 -2.59 -5.34 -26.42
N VAL B 227 -2.84 -4.23 -25.74
CA VAL B 227 -1.88 -3.14 -25.75
C VAL B 227 -1.41 -2.84 -24.33
N ALA B 228 -0.10 -2.59 -24.21
CA ALA B 228 0.52 -2.46 -22.91
C ALA B 228 0.30 -1.05 -22.38
N TYR B 229 -0.09 -0.98 -21.10
CA TYR B 229 -0.02 0.22 -20.28
C TYR B 229 0.83 -0.07 -19.05
N ASP B 230 1.91 0.68 -18.88
CA ASP B 230 2.82 0.48 -17.76
C ASP B 230 2.43 1.39 -16.60
N VAL B 231 2.15 0.80 -15.44
CA VAL B 231 2.00 1.54 -14.19
C VAL B 231 3.30 1.38 -13.40
N PRO B 232 4.12 2.44 -13.24
CA PRO B 232 5.40 2.31 -12.52
C PRO B 232 5.16 1.97 -11.06
N ILE B 233 6.08 1.19 -10.47
CA ILE B 233 6.16 1.04 -9.03
C ILE B 233 7.57 1.38 -8.61
N PRO B 234 7.73 2.37 -7.70
CA PRO B 234 9.04 2.73 -7.18
C PRO B 234 9.23 2.04 -5.83
N GLY B 235 10.50 1.86 -5.46
CA GLY B 235 10.84 1.20 -4.21
C GLY B 235 11.20 2.21 -3.12
N TYR B 236 11.02 1.81 -1.86
CA TYR B 236 11.36 2.66 -0.73
C TYR B 236 12.87 2.85 -0.71
N LYS B 237 13.28 4.11 -0.92
CA LYS B 237 14.64 4.58 -0.74
C LYS B 237 15.58 3.97 -1.78
N THR B 238 15.01 3.56 -2.93
CA THR B 238 15.82 2.99 -3.99
C THR B 238 15.39 3.58 -5.33
N ARG B 239 16.23 3.38 -6.35
CA ARG B 239 15.93 3.79 -7.72
C ARG B 239 15.19 2.69 -8.46
N THR B 240 15.23 1.47 -7.91
CA THR B 240 14.62 0.33 -8.57
C THR B 240 13.13 0.58 -8.77
N THR B 241 12.72 0.71 -10.04
CA THR B 241 11.36 1.02 -10.39
C THR B 241 10.88 0.05 -11.48
N ILE B 242 9.93 -0.80 -11.08
CA ILE B 242 9.49 -1.89 -11.92
C ILE B 242 8.12 -1.52 -12.48
N SER B 243 7.48 -2.48 -13.17
CA SER B 243 6.22 -2.22 -13.85
C SER B 243 5.08 -3.07 -13.29
N LEU B 244 3.86 -2.50 -13.30
CA LEU B 244 2.64 -3.29 -13.30
C LEU B 244 1.96 -3.09 -14.66
N ARG B 245 2.41 -3.87 -15.65
CA ARG B 245 1.99 -3.75 -17.04
C ARG B 245 0.59 -4.35 -17.21
N LEU B 246 -0.41 -3.49 -17.39
CA LEU B 246 -1.80 -3.89 -17.56
C LEU B 246 -2.15 -3.94 -19.04
N TRP B 247 -2.93 -4.96 -19.42
CA TRP B 247 -3.30 -5.14 -20.81
C TRP B 247 -4.66 -4.48 -21.08
N SER B 248 -4.80 -3.92 -22.29
CA SER B 248 -6.08 -3.40 -22.74
C SER B 248 -6.41 -3.97 -24.10
N THR B 249 -7.61 -4.56 -24.19
CA THR B 249 -8.07 -5.26 -25.37
C THR B 249 -8.89 -4.32 -26.25
N GLN B 250 -8.68 -4.42 -27.57
CA GLN B 250 -9.31 -3.57 -28.55
C GLN B 250 -9.23 -4.20 -29.94
N VAL B 251 -9.71 -3.42 -30.92
CA VAL B 251 -9.77 -3.84 -32.31
C VAL B 251 -9.12 -2.73 -33.15
N PRO B 252 -8.40 -3.04 -34.26
CA PRO B 252 -7.89 -1.99 -35.16
C PRO B 252 -9.09 -1.33 -35.85
N SER B 253 -8.97 -0.02 -36.11
CA SER B 253 -10.09 0.79 -36.57
C SER B 253 -10.73 0.18 -37.82
N ALA B 254 -9.88 -0.36 -38.70
CA ALA B 254 -10.31 -0.95 -39.96
C ALA B 254 -11.45 -1.95 -39.75
N ASP B 255 -11.66 -2.36 -38.50
CA ASP B 255 -12.66 -3.37 -38.17
C ASP B 255 -13.98 -2.68 -37.79
N PHE B 256 -14.11 -1.42 -38.21
CA PHE B 256 -15.39 -0.77 -38.12
C PHE B 256 -16.16 -1.00 -39.42
N ASP B 257 -17.37 -1.56 -39.34
CA ASP B 257 -18.09 -1.90 -40.56
C ASP B 257 -18.84 -0.68 -41.10
N LEU B 258 -18.23 -0.01 -42.10
CA LEU B 258 -18.80 1.17 -42.71
C LEU B 258 -20.07 0.77 -43.46
N SER B 259 -19.91 -0.25 -44.31
CA SER B 259 -20.98 -0.82 -45.11
C SER B 259 -22.26 -0.95 -44.28
N ALA B 260 -22.14 -1.50 -43.07
CA ALA B 260 -23.30 -1.77 -42.24
C ALA B 260 -23.76 -0.49 -41.54
N PHE B 261 -22.82 0.28 -40.97
CA PHE B 261 -23.19 1.47 -40.21
C PHE B 261 -24.05 2.38 -41.07
N ASN B 262 -23.65 2.55 -42.33
CA ASN B 262 -24.32 3.44 -43.27
C ASN B 262 -25.61 2.80 -43.76
N ALA B 263 -25.69 1.46 -43.65
CA ALA B 263 -26.89 0.72 -44.04
C ALA B 263 -27.98 0.91 -42.97
N GLY B 264 -27.57 1.31 -41.77
CA GLY B 264 -28.49 1.61 -40.69
C GLY B 264 -28.16 0.81 -39.43
N GLU B 265 -27.57 -0.37 -39.64
CA GLU B 265 -27.27 -1.29 -38.55
C GLU B 265 -26.03 -0.82 -37.79
N HIS B 266 -26.27 0.05 -36.78
CA HIS B 266 -25.22 0.67 -35.98
C HIS B 266 -24.61 -0.33 -35.00
N THR B 267 -25.47 -1.12 -34.36
CA THR B 267 -25.03 -2.16 -33.45
C THR B 267 -24.09 -3.09 -34.21
N LYS B 268 -24.56 -3.61 -35.35
CA LYS B 268 -23.82 -4.62 -36.11
C LYS B 268 -22.41 -4.13 -36.45
N ALA B 269 -22.26 -2.81 -36.65
CA ALA B 269 -20.99 -2.27 -37.08
C ALA B 269 -19.96 -2.25 -35.94
N CYS B 270 -20.46 -2.21 -34.71
CA CYS B 270 -19.60 -2.06 -33.54
C CYS B 270 -19.23 -3.41 -32.92
N GLU B 271 -19.91 -4.49 -33.36
CA GLU B 271 -19.68 -5.84 -32.88
C GLU B 271 -18.21 -6.07 -32.52
N ALA B 272 -17.33 -5.80 -33.52
CA ALA B 272 -15.90 -6.09 -33.45
C ALA B 272 -15.25 -5.51 -32.20
N GLN B 273 -15.33 -4.18 -32.05
CA GLN B 273 -14.69 -3.49 -30.94
C GLN B 273 -15.44 -3.71 -29.63
N ALA B 274 -16.74 -4.03 -29.72
CA ALA B 274 -17.58 -4.18 -28.53
C ALA B 274 -17.27 -5.49 -27.82
N ASN B 275 -17.02 -6.53 -28.62
CA ASN B 275 -16.60 -7.82 -28.11
C ASN B 275 -15.17 -7.69 -27.57
N ALA B 276 -14.32 -6.99 -28.33
CA ALA B 276 -12.89 -6.92 -28.07
C ALA B 276 -12.60 -6.06 -26.84
N GLU B 277 -13.51 -5.15 -26.50
CA GLU B 277 -13.26 -4.20 -25.44
C GLU B 277 -13.85 -4.70 -24.12
N LYS B 278 -14.99 -5.40 -24.20
CA LYS B 278 -15.76 -5.80 -23.03
C LYS B 278 -14.94 -6.75 -22.14
N ILE B 279 -13.86 -7.27 -22.73
CA ILE B 279 -12.89 -8.11 -22.04
C ILE B 279 -12.34 -7.35 -20.85
N CYS B 280 -12.11 -6.04 -21.00
CA CYS B 280 -11.46 -5.31 -19.94
C CYS B 280 -12.44 -4.42 -19.19
N TYR B 281 -13.74 -4.70 -19.30
CA TYR B 281 -14.74 -3.83 -18.69
C TYR B 281 -14.75 -3.98 -17.17
N ILE B 282 -15.24 -5.14 -16.70
CA ILE B 282 -15.33 -5.42 -15.27
C ILE B 282 -14.62 -6.71 -14.88
N LEU B 283 -14.19 -6.70 -13.60
CA LEU B 283 -13.44 -7.77 -12.95
C LEU B 283 -14.42 -8.78 -12.38
N TYR B 284 -14.18 -10.05 -12.70
CA TYR B 284 -15.11 -11.13 -12.37
C TYR B 284 -16.50 -10.74 -12.88
N PRO B 285 -16.74 -10.83 -14.22
CA PRO B 285 -18.09 -10.72 -14.76
C PRO B 285 -18.95 -11.91 -14.34
N GLY B 286 -20.25 -11.67 -14.12
CA GLY B 286 -21.20 -12.74 -13.86
C GLY B 286 -21.11 -13.83 -14.91
N ASP B 287 -21.13 -15.09 -14.45
CA ASP B 287 -20.78 -16.22 -15.31
C ASP B 287 -21.86 -17.31 -15.23
N GLU B 288 -23.03 -16.92 -14.76
CA GLU B 288 -24.22 -17.76 -14.73
C GLU B 288 -24.57 -18.21 -16.16
N SER B 289 -24.55 -17.28 -17.12
CA SER B 289 -24.87 -17.56 -18.51
C SER B 289 -23.61 -17.98 -19.26
N GLU B 290 -23.80 -18.69 -20.36
CA GLU B 290 -22.68 -19.24 -21.14
C GLU B 290 -21.83 -18.09 -21.68
N GLU B 291 -22.47 -16.93 -21.87
CA GLU B 291 -21.79 -15.74 -22.32
C GLU B 291 -20.75 -15.31 -21.27
N GLY B 292 -21.20 -15.22 -20.01
CA GLY B 292 -20.35 -14.83 -18.89
C GLY B 292 -19.12 -15.72 -18.79
N LYS B 293 -19.33 -17.02 -19.02
CA LYS B 293 -18.27 -18.02 -18.98
C LYS B 293 -17.24 -17.72 -20.07
N ILE B 294 -17.70 -17.57 -21.32
CA ILE B 294 -16.80 -17.37 -22.45
C ILE B 294 -15.93 -16.14 -22.19
N LEU B 295 -16.56 -15.10 -21.62
CA LEU B 295 -15.91 -13.84 -21.32
C LEU B 295 -14.82 -14.07 -20.28
N ARG B 296 -15.19 -14.71 -19.17
CA ARG B 296 -14.25 -15.09 -18.14
C ARG B 296 -13.02 -15.71 -18.80
N LEU B 297 -13.27 -16.72 -19.65
CA LEU B 297 -12.22 -17.51 -20.25
C LEU B 297 -11.34 -16.60 -21.10
N LYS B 298 -11.99 -15.75 -21.90
CA LYS B 298 -11.27 -14.80 -22.73
C LYS B 298 -10.34 -13.96 -21.86
N GLN B 299 -10.90 -13.37 -20.79
CA GLN B 299 -10.16 -12.56 -19.83
C GLN B 299 -8.85 -13.27 -19.51
N GLN B 300 -8.97 -14.52 -19.03
CA GLN B 300 -7.83 -15.32 -18.62
C GLN B 300 -6.86 -15.42 -19.79
N TYR B 301 -7.30 -16.07 -20.87
CA TYR B 301 -6.39 -16.43 -21.93
C TYR B 301 -5.63 -15.20 -22.44
N THR B 302 -6.34 -14.08 -22.49
CA THR B 302 -5.73 -12.83 -22.91
C THR B 302 -4.54 -12.53 -22.00
N LEU B 303 -4.83 -12.40 -20.70
CA LEU B 303 -3.80 -12.05 -19.73
C LEU B 303 -2.58 -12.93 -19.96
N CYS B 304 -2.83 -14.22 -20.20
CA CYS B 304 -1.78 -15.22 -20.33
C CYS B 304 -0.98 -14.96 -21.60
N SER B 305 -1.65 -15.06 -22.74
CA SER B 305 -0.98 -15.05 -24.02
C SER B 305 -0.23 -13.75 -24.22
N ALA B 306 -0.92 -12.65 -23.90
CA ALA B 306 -0.36 -11.31 -24.01
C ALA B 306 0.93 -11.25 -23.20
N SER B 307 0.82 -11.59 -21.91
CA SER B 307 1.93 -11.49 -20.99
C SER B 307 3.12 -12.32 -21.51
N LEU B 308 2.87 -13.61 -21.79
CA LEU B 308 3.91 -14.54 -22.20
C LEU B 308 4.62 -14.00 -23.43
N GLN B 309 3.82 -13.62 -24.43
CA GLN B 309 4.33 -13.10 -25.69
C GLN B 309 5.35 -12.00 -25.41
N ASP B 310 4.98 -11.08 -24.51
CA ASP B 310 5.78 -9.92 -24.16
C ASP B 310 7.10 -10.38 -23.52
N ILE B 311 6.97 -11.39 -22.66
CA ILE B 311 8.09 -11.92 -21.90
C ILE B 311 9.08 -12.54 -22.88
N ILE B 312 8.56 -13.41 -23.76
CA ILE B 312 9.34 -14.15 -24.74
C ILE B 312 10.08 -13.18 -25.63
N SER B 313 9.36 -12.12 -26.03
CA SER B 313 9.93 -11.08 -26.86
C SER B 313 11.13 -10.46 -26.16
N ARG B 314 11.00 -10.24 -24.85
CA ARG B 314 12.06 -9.60 -24.08
C ARG B 314 13.25 -10.54 -24.00
N PHE B 315 12.97 -11.84 -23.87
CA PHE B 315 14.02 -12.86 -23.88
C PHE B 315 14.78 -12.78 -25.19
N GLU B 316 14.03 -12.99 -26.29
CA GLU B 316 14.62 -13.05 -27.61
C GLU B 316 15.51 -11.83 -27.82
N ARG B 317 14.97 -10.65 -27.51
CA ARG B 317 15.68 -9.41 -27.71
C ARG B 317 17.00 -9.43 -26.92
N ARG B 318 16.91 -9.83 -25.65
CA ARG B 318 18.06 -9.77 -24.75
C ARG B 318 19.13 -10.76 -25.20
N SER B 319 18.71 -11.78 -25.97
CA SER B 319 19.55 -12.90 -26.38
C SER B 319 20.57 -12.49 -27.43
N GLY B 320 20.13 -11.83 -28.51
CA GLY B 320 21.04 -11.48 -29.60
C GLY B 320 21.34 -12.67 -30.51
N ASP B 321 22.62 -13.02 -30.66
CA ASP B 321 23.01 -14.19 -31.44
C ASP B 321 22.75 -15.47 -30.65
N ARG B 322 22.96 -15.34 -29.33
CA ARG B 322 23.22 -16.44 -28.42
C ARG B 322 21.91 -17.10 -27.96
N ILE B 323 20.82 -16.92 -28.72
CA ILE B 323 19.50 -17.38 -28.29
C ILE B 323 19.45 -18.89 -28.18
N LYS B 324 19.50 -19.39 -26.94
CA LYS B 324 19.40 -20.82 -26.63
C LYS B 324 18.16 -21.01 -25.77
N TRP B 325 17.19 -21.75 -26.35
CA TRP B 325 15.88 -21.96 -25.74
C TRP B 325 15.99 -22.81 -24.48
N GLU B 326 17.05 -23.62 -24.43
CA GLU B 326 17.45 -24.36 -23.24
C GLU B 326 17.51 -23.40 -22.05
N GLU B 327 17.94 -22.16 -22.32
CA GLU B 327 18.28 -21.17 -21.32
C GLU B 327 17.05 -20.43 -20.79
N PHE B 328 15.88 -20.73 -21.35
CA PHE B 328 14.69 -19.95 -21.07
C PHE B 328 14.39 -19.93 -19.58
N PRO B 329 14.21 -21.10 -18.91
CA PRO B 329 13.78 -21.10 -17.52
C PRO B 329 14.81 -20.48 -16.59
N GLU B 330 16.06 -20.34 -17.07
CA GLU B 330 17.17 -19.79 -16.31
C GLU B 330 17.10 -18.27 -16.32
N LYS B 331 16.18 -17.72 -17.14
CA LYS B 331 16.09 -16.29 -17.37
C LYS B 331 14.72 -15.76 -16.95
N VAL B 332 13.72 -16.65 -16.85
CA VAL B 332 12.32 -16.25 -16.74
C VAL B 332 11.61 -17.11 -15.70
N ALA B 333 10.66 -16.49 -14.97
CA ALA B 333 9.80 -17.20 -14.04
C ALA B 333 8.43 -16.56 -13.98
N VAL B 334 7.40 -17.40 -14.09
CA VAL B 334 6.03 -16.94 -14.19
C VAL B 334 5.23 -17.56 -13.06
N GLN B 335 4.62 -16.72 -12.23
CA GLN B 335 3.91 -17.18 -11.04
C GLN B 335 2.41 -16.96 -11.20
N MET B 336 1.66 -18.05 -11.28
CA MET B 336 0.22 -17.96 -11.43
C MET B 336 -0.43 -17.74 -10.07
N ASN B 337 -0.89 -16.51 -9.83
CA ASN B 337 -1.56 -16.16 -8.57
C ASN B 337 -2.98 -16.72 -8.59
N ASP B 338 -3.12 -17.95 -8.07
CA ASP B 338 -4.35 -18.73 -8.12
C ASP B 338 -4.54 -19.34 -9.50
N THR B 339 -5.67 -20.03 -9.69
CA THR B 339 -5.92 -20.94 -10.79
C THR B 339 -6.22 -20.17 -12.09
N HIS B 340 -6.33 -18.85 -12.00
CA HIS B 340 -6.70 -18.03 -13.14
C HIS B 340 -5.65 -18.16 -14.25
N PRO B 341 -4.39 -17.76 -14.01
CA PRO B 341 -3.40 -17.67 -15.09
C PRO B 341 -2.92 -19.03 -15.58
N THR B 342 -3.72 -20.07 -15.28
CA THR B 342 -3.39 -21.46 -15.56
C THR B 342 -2.96 -21.66 -17.01
N LEU B 343 -3.67 -21.00 -17.94
CA LEU B 343 -3.45 -21.30 -19.34
C LEU B 343 -2.04 -20.93 -19.78
N CYS B 344 -1.27 -20.24 -18.92
CA CYS B 344 0.12 -19.92 -19.20
C CYS B 344 0.86 -21.18 -19.65
N ILE B 345 0.44 -22.32 -19.10
CA ILE B 345 1.08 -23.61 -19.33
C ILE B 345 0.80 -24.06 -20.76
N PRO B 346 -0.44 -24.46 -21.14
CA PRO B 346 -0.69 -24.92 -22.50
C PRO B 346 -0.29 -23.88 -23.55
N GLU B 347 -0.25 -22.61 -23.14
CA GLU B 347 0.11 -21.51 -24.02
C GLU B 347 1.61 -21.51 -24.28
N LEU B 348 2.41 -21.45 -23.20
CA LEU B 348 3.85 -21.40 -23.35
C LEU B 348 4.32 -22.61 -24.16
N MET B 349 3.63 -23.73 -23.98
CA MET B 349 3.90 -24.93 -24.74
C MET B 349 3.61 -24.68 -26.22
N ARG B 350 2.39 -24.22 -26.51
CA ARG B 350 1.94 -23.94 -27.87
C ARG B 350 2.96 -23.07 -28.60
N ILE B 351 3.42 -22.01 -27.92
CA ILE B 351 4.40 -21.09 -28.47
C ILE B 351 5.69 -21.82 -28.79
N LEU B 352 6.18 -22.58 -27.81
CA LEU B 352 7.48 -23.21 -27.93
C LEU B 352 7.43 -24.39 -28.90
N ILE B 353 6.22 -24.79 -29.32
CA ILE B 353 6.06 -25.96 -30.19
C ILE B 353 5.72 -25.51 -31.61
N ASP B 354 4.67 -24.69 -31.72
CA ASP B 354 4.10 -24.37 -33.01
C ASP B 354 4.86 -23.22 -33.65
N LEU B 355 5.44 -22.35 -32.80
CA LEU B 355 6.14 -21.18 -33.28
C LEU B 355 7.65 -21.38 -33.18
N LYS B 356 8.14 -21.62 -31.96
CA LYS B 356 9.57 -21.76 -31.72
C LYS B 356 10.08 -23.10 -32.26
N GLY B 357 9.15 -24.04 -32.45
CA GLY B 357 9.39 -25.26 -33.23
C GLY B 357 10.18 -26.33 -32.48
N LEU B 358 10.29 -26.20 -31.15
CA LEU B 358 11.05 -27.14 -30.33
C LEU B 358 10.27 -28.45 -30.15
N ASN B 359 10.96 -29.54 -29.76
CA ASN B 359 10.38 -30.86 -29.55
C ASN B 359 9.63 -30.92 -28.21
N TRP B 360 8.53 -31.71 -28.17
CA TRP B 360 7.57 -31.65 -27.09
C TRP B 360 8.24 -31.60 -25.73
N ASN B 361 9.17 -32.52 -25.49
CA ASN B 361 9.76 -32.74 -24.18
C ASN B 361 10.57 -31.50 -23.80
N GLU B 362 11.54 -31.14 -24.64
CA GLU B 362 12.39 -30.00 -24.43
C GLU B 362 11.56 -28.81 -23.96
N ALA B 363 10.40 -28.64 -24.61
CA ALA B 363 9.49 -27.54 -24.34
C ALA B 363 8.85 -27.72 -22.97
N TRP B 364 8.34 -28.93 -22.70
CA TRP B 364 7.62 -29.26 -21.48
C TRP B 364 8.50 -29.04 -20.24
N ASN B 365 9.78 -29.40 -20.40
CA ASN B 365 10.86 -29.18 -19.45
C ASN B 365 10.97 -27.69 -19.14
N ILE B 366 11.04 -26.86 -20.20
CA ILE B 366 11.23 -25.42 -20.04
C ILE B 366 10.02 -24.83 -19.32
N THR B 367 8.82 -25.34 -19.63
CA THR B 367 7.56 -24.89 -19.05
C THR B 367 7.52 -25.13 -17.55
N GLN B 368 7.79 -26.38 -17.16
CA GLN B 368 7.76 -26.79 -15.77
C GLN B 368 8.73 -25.96 -14.96
N ARG B 369 9.87 -25.63 -15.58
CA ARG B 369 10.99 -25.01 -14.92
C ARG B 369 10.82 -23.49 -14.87
N THR B 370 9.70 -22.99 -15.43
CA THR B 370 9.44 -21.56 -15.48
C THR B 370 8.19 -21.19 -14.68
N VAL B 371 7.15 -22.01 -14.82
CA VAL B 371 5.84 -21.80 -14.24
C VAL B 371 5.86 -22.25 -12.79
N ALA B 372 5.14 -21.51 -11.92
CA ALA B 372 4.90 -21.89 -10.53
C ALA B 372 3.48 -21.52 -10.11
N TYR B 373 2.88 -22.35 -9.25
CA TYR B 373 1.52 -22.17 -8.76
C TYR B 373 1.57 -21.61 -7.33
N THR B 374 0.59 -20.76 -6.97
CA THR B 374 0.37 -20.28 -5.60
C THR B 374 -1.11 -20.43 -5.28
N ASN B 375 -1.45 -21.55 -4.64
CA ASN B 375 -2.84 -21.84 -4.34
C ASN B 375 -3.31 -20.97 -3.18
N HIS B 376 -4.62 -20.66 -3.17
CA HIS B 376 -5.23 -19.79 -2.16
C HIS B 376 -6.41 -20.45 -1.44
N THR B 377 -6.90 -21.58 -1.94
CA THR B 377 -8.17 -22.13 -1.48
C THR B 377 -7.99 -23.36 -0.60
N VAL B 378 -8.98 -23.61 0.25
CA VAL B 378 -8.98 -24.67 1.26
C VAL B 378 -9.66 -25.92 0.70
N LEU B 379 -10.86 -25.76 0.13
CA LEU B 379 -11.79 -26.87 -0.03
C LEU B 379 -11.90 -27.30 -1.51
N PRO B 380 -11.45 -28.51 -1.89
CA PRO B 380 -11.62 -29.03 -3.26
C PRO B 380 -13.05 -28.93 -3.79
N GLU B 381 -13.28 -27.87 -4.58
CA GLU B 381 -14.57 -27.46 -5.11
C GLU B 381 -14.51 -25.95 -5.37
N ALA B 382 -13.55 -25.30 -4.71
CA ALA B 382 -13.23 -23.90 -4.95
C ALA B 382 -12.17 -23.80 -6.06
N LEU B 383 -11.66 -24.98 -6.47
CA LEU B 383 -10.70 -25.12 -7.54
C LEU B 383 -11.45 -25.12 -8.86
N GLU B 384 -10.99 -24.30 -9.82
CA GLU B 384 -11.81 -24.01 -10.99
C GLU B 384 -11.78 -25.17 -11.97
N LYS B 385 -12.97 -25.47 -12.52
CA LYS B 385 -13.23 -26.54 -13.48
C LYS B 385 -14.02 -25.97 -14.67
N TRP B 386 -13.54 -26.25 -15.89
CA TRP B 386 -14.14 -25.72 -17.12
C TRP B 386 -14.96 -26.77 -17.85
N SER B 387 -15.88 -26.28 -18.69
CA SER B 387 -16.58 -27.09 -19.67
C SER B 387 -15.63 -27.42 -20.82
N TYR B 388 -15.50 -28.72 -21.14
CA TYR B 388 -14.66 -29.21 -22.22
C TYR B 388 -15.08 -28.56 -23.54
N GLU B 389 -16.32 -28.85 -23.95
CA GLU B 389 -16.89 -28.41 -25.22
C GLU B 389 -16.74 -26.90 -25.37
N LEU B 390 -16.79 -26.18 -24.24
CA LEU B 390 -16.58 -24.75 -24.22
C LEU B 390 -15.11 -24.44 -24.48
N MET B 391 -14.21 -24.93 -23.63
CA MET B 391 -12.80 -24.66 -23.79
C MET B 391 -12.31 -25.17 -25.16
N GLN B 392 -12.83 -26.32 -25.56
CA GLN B 392 -12.64 -26.89 -26.89
C GLN B 392 -12.85 -25.82 -27.95
N LYS B 393 -14.06 -25.27 -27.94
CA LYS B 393 -14.59 -24.39 -28.98
C LYS B 393 -13.85 -23.05 -28.97
N LEU B 394 -13.27 -22.68 -27.81
CA LEU B 394 -12.67 -21.36 -27.63
C LEU B 394 -11.15 -21.42 -27.80
N LEU B 395 -10.52 -22.46 -27.25
CA LEU B 395 -9.06 -22.56 -27.27
C LEU B 395 -8.64 -23.92 -27.82
N PRO B 396 -9.06 -24.30 -29.05
CA PRO B 396 -8.98 -25.71 -29.49
C PRO B 396 -7.58 -26.27 -29.68
N ARG B 397 -6.57 -25.39 -29.73
CA ARG B 397 -5.17 -25.78 -29.82
C ARG B 397 -4.67 -26.14 -28.42
N HIS B 398 -5.16 -25.39 -27.44
CA HIS B 398 -4.80 -25.53 -26.03
C HIS B 398 -5.39 -26.82 -25.44
N VAL B 399 -6.61 -27.16 -25.89
CA VAL B 399 -7.35 -28.34 -25.46
C VAL B 399 -6.63 -29.61 -25.91
N GLU B 400 -5.89 -29.52 -27.02
CA GLU B 400 -5.07 -30.62 -27.51
C GLU B 400 -3.82 -30.78 -26.65
N ILE B 401 -3.21 -29.66 -26.26
CA ILE B 401 -2.01 -29.70 -25.44
C ILE B 401 -2.36 -30.17 -24.03
N ILE B 402 -3.61 -29.95 -23.61
CA ILE B 402 -4.14 -30.35 -22.32
C ILE B 402 -4.50 -31.85 -22.31
N GLU B 403 -4.79 -32.42 -23.49
CA GLU B 403 -5.06 -33.85 -23.63
C GLU B 403 -3.75 -34.63 -23.66
N ALA B 404 -2.67 -33.96 -24.06
CA ALA B 404 -1.34 -34.54 -24.16
C ALA B 404 -0.64 -34.57 -22.79
N ILE B 405 -0.88 -33.52 -21.97
CA ILE B 405 -0.36 -33.40 -20.60
C ILE B 405 -1.12 -34.34 -19.67
N ASP B 406 -2.33 -34.74 -20.07
CA ASP B 406 -3.17 -35.67 -19.33
C ASP B 406 -2.77 -37.12 -19.62
N GLU B 407 -2.22 -37.36 -20.82
CA GLU B 407 -1.72 -38.65 -21.25
C GLU B 407 -0.32 -38.91 -20.67
N GLU B 408 0.54 -37.88 -20.66
CA GLU B 408 1.87 -37.95 -20.06
C GLU B 408 1.79 -38.29 -18.57
N LEU B 409 0.70 -37.85 -17.94
CA LEU B 409 0.37 -38.09 -16.54
C LEU B 409 -0.14 -39.52 -16.36
N VAL B 410 -1.10 -39.96 -17.21
CA VAL B 410 -1.71 -41.29 -17.18
C VAL B 410 -0.67 -42.40 -17.38
N HIS B 411 0.45 -42.08 -18.06
CA HIS B 411 1.52 -43.01 -18.42
C HIS B 411 2.67 -43.03 -17.40
N GLU B 412 2.65 -42.05 -16.48
CA GLU B 412 3.62 -41.94 -15.41
C GLU B 412 3.02 -42.45 -14.10
N ILE B 413 1.67 -42.46 -14.01
CA ILE B 413 0.89 -43.08 -12.96
C ILE B 413 0.85 -44.60 -13.18
N VAL B 414 1.10 -45.03 -14.43
CA VAL B 414 1.24 -46.42 -14.81
C VAL B 414 2.67 -46.92 -14.55
N LEU B 415 3.66 -46.02 -14.68
CA LEU B 415 5.07 -46.30 -14.46
C LEU B 415 5.38 -46.38 -12.95
N LYS B 416 4.90 -45.41 -12.16
CA LYS B 416 4.85 -45.52 -10.71
C LYS B 416 3.66 -46.40 -10.32
N TYR B 417 3.66 -46.89 -9.07
CA TYR B 417 2.57 -47.71 -8.52
C TYR B 417 2.44 -49.04 -9.27
N GLY B 418 2.27 -48.96 -10.60
CA GLY B 418 2.07 -50.13 -11.43
C GLY B 418 0.59 -50.50 -11.49
N SER B 419 0.36 -51.79 -11.73
CA SER B 419 -0.99 -52.31 -11.96
C SER B 419 -1.11 -53.71 -11.39
N MET B 420 -0.47 -53.91 -10.23
CA MET B 420 -0.76 -55.05 -9.38
C MET B 420 -2.13 -54.83 -8.74
N ASP B 421 -2.38 -53.56 -8.37
CA ASP B 421 -3.53 -53.20 -7.54
C ASP B 421 -4.77 -53.06 -8.42
N LEU B 422 -4.66 -52.23 -9.47
CA LEU B 422 -5.78 -51.94 -10.36
C LEU B 422 -6.84 -51.07 -9.67
N ASN B 423 -7.25 -51.46 -8.46
CA ASN B 423 -8.22 -50.74 -7.66
C ASN B 423 -7.63 -49.45 -7.11
N LYS B 424 -6.30 -49.43 -6.92
CA LYS B 424 -5.55 -48.27 -6.46
C LYS B 424 -5.07 -47.41 -7.63
N LEU B 425 -4.76 -48.04 -8.78
CA LEU B 425 -4.39 -47.32 -9.99
C LEU B 425 -5.58 -46.52 -10.54
N GLU B 426 -6.80 -46.93 -10.18
CA GLU B 426 -8.02 -46.28 -10.59
C GLU B 426 -8.36 -45.10 -9.67
N GLU B 427 -8.07 -45.25 -8.37
CA GLU B 427 -8.21 -44.16 -7.40
C GLU B 427 -7.18 -43.05 -7.68
N LYS B 428 -5.94 -43.42 -8.00
CA LYS B 428 -4.85 -42.51 -8.34
C LYS B 428 -5.17 -41.71 -9.61
N LEU B 429 -5.64 -42.40 -10.65
CA LEU B 429 -5.99 -41.76 -11.92
C LEU B 429 -7.21 -40.84 -11.75
N THR B 430 -8.22 -41.25 -10.96
CA THR B 430 -9.44 -40.47 -10.77
C THR B 430 -9.16 -39.11 -10.11
N THR B 431 -8.21 -39.10 -9.16
CA THR B 431 -7.89 -37.92 -8.38
C THR B 431 -7.06 -36.93 -9.19
N MET B 432 -6.14 -37.46 -10.01
CA MET B 432 -5.00 -36.71 -10.53
C MET B 432 -5.14 -36.35 -12.00
N ARG B 433 -5.99 -37.07 -12.74
CA ARG B 433 -6.19 -36.79 -14.16
C ARG B 433 -6.76 -35.39 -14.34
N ILE B 434 -6.18 -34.65 -15.31
CA ILE B 434 -6.60 -33.29 -15.63
C ILE B 434 -7.94 -33.33 -16.35
N LEU B 435 -8.15 -34.36 -17.20
CA LEU B 435 -9.42 -34.52 -17.88
C LEU B 435 -10.36 -35.32 -16.99
N GLU B 436 -11.48 -34.68 -16.60
CA GLU B 436 -12.52 -35.32 -15.82
C GLU B 436 -13.55 -35.90 -16.78
N ASN B 437 -14.04 -37.12 -16.46
CA ASN B 437 -15.05 -37.85 -17.23
C ASN B 437 -14.57 -38.15 -18.65
N PHE B 438 -13.51 -38.97 -18.75
CA PHE B 438 -12.94 -39.39 -20.01
C PHE B 438 -12.65 -40.89 -20.01
N ASP B 439 -12.49 -41.46 -21.22
CA ASP B 439 -11.82 -42.73 -21.38
C ASP B 439 -10.32 -42.55 -21.15
N LEU B 440 -9.70 -43.62 -20.66
CA LEU B 440 -8.25 -43.71 -20.60
C LEU B 440 -7.75 -44.07 -22.00
N PRO B 441 -6.43 -43.95 -22.31
CA PRO B 441 -5.87 -44.45 -23.57
C PRO B 441 -5.91 -45.97 -23.81
N SER B 442 -5.07 -46.73 -23.10
CA SER B 442 -5.17 -48.17 -23.05
C SER B 442 -5.22 -48.61 -21.60
N SER B 443 -6.30 -49.31 -21.22
CA SER B 443 -6.51 -49.75 -19.86
C SER B 443 -7.02 -51.19 -19.79
N VAL B 444 -7.13 -51.72 -18.56
CA VAL B 444 -7.50 -53.11 -18.28
C VAL B 444 -8.56 -53.12 -17.16
N ALA B 445 -9.59 -53.99 -17.31
CA ALA B 445 -10.65 -54.12 -16.31
C ALA B 445 -11.39 -55.46 -16.46
N GLU B 446 -10.68 -56.53 -16.90
CA GLU B 446 -11.24 -57.85 -17.16
C GLU B 446 -10.14 -58.93 -17.09
N ILE B 511 -25.06 -39.50 -18.08
CA ILE B 511 -24.02 -38.94 -19.00
C ILE B 511 -23.27 -37.83 -18.27
N PRO B 512 -22.18 -38.15 -17.52
CA PRO B 512 -21.51 -37.18 -16.66
C PRO B 512 -20.65 -36.17 -17.43
N PRO B 513 -20.89 -34.83 -17.27
CA PRO B 513 -20.37 -33.82 -18.18
C PRO B 513 -18.85 -33.64 -18.15
N LYS B 514 -18.23 -33.65 -19.34
CA LYS B 514 -16.78 -33.58 -19.47
C LYS B 514 -16.27 -32.25 -18.90
N LYS B 515 -15.19 -32.30 -18.10
CA LYS B 515 -14.63 -31.11 -17.48
C LYS B 515 -13.09 -31.08 -17.56
N VAL B 516 -12.52 -29.86 -17.44
CA VAL B 516 -11.08 -29.66 -17.26
C VAL B 516 -10.81 -29.04 -15.88
N ARG B 517 -10.06 -29.76 -15.04
CA ARG B 517 -9.64 -29.28 -13.74
C ARG B 517 -8.37 -28.46 -13.91
N MET B 518 -8.42 -27.22 -13.43
CA MET B 518 -7.34 -26.29 -13.71
C MET B 518 -6.23 -26.47 -12.67
N ALA B 519 -6.62 -26.50 -11.39
CA ALA B 519 -5.66 -26.64 -10.30
C ALA B 519 -4.80 -27.90 -10.51
N ASN B 520 -5.42 -28.96 -11.03
CA ASN B 520 -4.74 -30.21 -11.38
C ASN B 520 -3.66 -29.93 -12.41
N LEU B 521 -4.05 -29.22 -13.48
CA LEU B 521 -3.14 -28.84 -14.55
C LEU B 521 -2.00 -27.95 -14.02
N CYS B 522 -2.29 -27.19 -12.94
CA CYS B 522 -1.33 -26.24 -12.36
C CYS B 522 -0.23 -26.98 -11.62
N VAL B 523 -0.60 -28.07 -10.93
CA VAL B 523 0.36 -28.87 -10.18
C VAL B 523 1.26 -29.59 -11.20
N VAL B 524 0.65 -30.11 -12.27
CA VAL B 524 1.31 -30.97 -13.24
C VAL B 524 2.37 -30.20 -14.03
N GLY B 525 2.08 -28.94 -14.37
CA GLY B 525 2.97 -28.16 -15.21
C GLY B 525 4.06 -27.46 -14.40
N GLY B 526 3.73 -27.01 -13.20
CA GLY B 526 4.62 -26.13 -12.44
C GLY B 526 5.68 -26.91 -11.68
N HIS B 527 6.80 -26.23 -11.39
CA HIS B 527 7.89 -26.80 -10.62
C HIS B 527 7.67 -26.57 -9.12
N ALA B 528 6.73 -25.68 -8.78
CA ALA B 528 6.47 -25.28 -7.41
C ALA B 528 4.96 -25.09 -7.20
N VAL B 529 4.47 -25.57 -6.06
CA VAL B 529 3.14 -25.26 -5.58
C VAL B 529 3.29 -24.72 -4.16
N ASN B 530 2.62 -23.60 -3.83
CA ASN B 530 2.72 -23.01 -2.50
C ASN B 530 1.35 -22.60 -1.95
N GLY B 531 1.12 -22.94 -0.68
CA GLY B 531 0.07 -22.32 0.12
C GLY B 531 0.58 -21.01 0.71
N VAL B 532 -0.22 -20.43 1.61
CA VAL B 532 -0.05 -19.04 1.99
C VAL B 532 0.05 -18.87 3.52
N ALA B 533 0.07 -20.01 4.23
CA ALA B 533 0.25 -20.10 5.67
C ALA B 533 0.69 -21.52 6.03
N GLU B 534 1.37 -21.66 7.18
CA GLU B 534 1.91 -22.94 7.60
C GLU B 534 0.85 -24.02 7.42
N ILE B 535 -0.27 -23.82 8.10
CA ILE B 535 -1.35 -24.79 8.23
C ILE B 535 -1.91 -25.15 6.85
N HIS B 536 -2.20 -24.11 6.07
CA HIS B 536 -2.79 -24.24 4.74
C HIS B 536 -1.85 -25.05 3.83
N SER B 537 -0.56 -24.70 3.85
CA SER B 537 0.45 -25.31 3.00
C SER B 537 0.55 -26.81 3.28
N GLU B 538 0.14 -27.19 4.51
CA GLU B 538 0.09 -28.58 4.91
C GLU B 538 -1.24 -29.19 4.46
N ILE B 539 -2.32 -28.40 4.49
CA ILE B 539 -3.62 -28.87 4.03
C ILE B 539 -3.52 -29.25 2.54
N VAL B 540 -2.69 -28.52 1.78
CA VAL B 540 -2.47 -28.78 0.35
C VAL B 540 -1.75 -30.11 0.15
N LYS B 541 -0.80 -30.41 1.04
CA LYS B 541 -0.01 -31.63 0.95
C LYS B 541 -0.83 -32.84 1.39
N GLU B 542 -1.68 -32.67 2.41
CA GLU B 542 -2.26 -33.79 3.14
C GLU B 542 -3.77 -33.88 2.95
N GLU B 543 -4.35 -33.05 2.08
CA GLU B 543 -5.78 -33.14 1.79
C GLU B 543 -6.07 -32.78 0.33
N VAL B 544 -5.74 -31.54 -0.03
CA VAL B 544 -6.13 -30.96 -1.31
C VAL B 544 -5.44 -31.73 -2.44
N PHE B 545 -4.12 -31.88 -2.35
CA PHE B 545 -3.36 -32.53 -3.40
C PHE B 545 -2.52 -33.67 -2.82
N ASN B 546 -3.19 -34.75 -2.41
CA ASN B 546 -2.51 -35.78 -1.65
C ASN B 546 -1.67 -36.65 -2.58
N ASP B 547 -2.37 -37.34 -3.48
CA ASP B 547 -1.75 -38.31 -4.37
C ASP B 547 -0.58 -37.64 -5.08
N PHE B 548 -0.82 -36.39 -5.50
CA PHE B 548 0.16 -35.56 -6.18
C PHE B 548 1.34 -35.33 -5.26
N TYR B 549 1.06 -35.07 -3.98
CA TYR B 549 2.09 -34.76 -3.01
C TYR B 549 3.08 -35.91 -2.93
N GLU B 550 2.53 -37.13 -2.97
CA GLU B 550 3.30 -38.34 -2.77
C GLU B 550 4.12 -38.66 -4.02
N LEU B 551 3.62 -38.26 -5.18
CA LEU B 551 4.33 -38.46 -6.45
C LEU B 551 5.50 -37.49 -6.52
N TRP B 552 5.24 -36.20 -6.26
CA TRP B 552 6.26 -35.17 -6.32
C TRP B 552 6.21 -34.32 -5.07
N PRO B 553 6.63 -34.84 -3.90
CA PRO B 553 6.57 -34.06 -2.66
C PRO B 553 7.57 -32.91 -2.70
N GLU B 554 8.54 -32.98 -3.63
CA GLU B 554 9.59 -31.97 -3.76
C GLU B 554 9.01 -30.63 -4.21
N LYS B 555 7.79 -30.68 -4.76
CA LYS B 555 7.15 -29.49 -5.31
C LYS B 555 6.64 -28.58 -4.20
N PHE B 556 5.97 -29.18 -3.21
CA PHE B 556 5.13 -28.46 -2.26
C PHE B 556 5.95 -27.55 -1.35
N GLN B 557 5.41 -26.36 -1.10
CA GLN B 557 6.05 -25.33 -0.31
C GLN B 557 5.01 -24.60 0.53
N ASN B 558 5.51 -23.59 1.25
CA ASN B 558 4.70 -22.60 1.92
C ASN B 558 5.38 -21.25 1.78
N LYS B 559 4.57 -20.21 1.63
CA LYS B 559 5.05 -18.85 1.67
C LYS B 559 3.97 -18.00 2.34
N THR B 560 4.09 -17.87 3.67
CA THR B 560 3.11 -17.16 4.48
C THR B 560 3.04 -15.71 4.05
N ASN B 561 1.81 -15.17 4.02
CA ASN B 561 1.51 -13.86 3.49
C ASN B 561 2.16 -12.76 4.34
N GLY B 562 2.39 -11.60 3.71
CA GLY B 562 2.85 -10.39 4.36
C GLY B 562 2.34 -9.14 3.65
N VAL B 563 2.27 -8.01 4.37
CA VAL B 563 1.76 -6.76 3.83
C VAL B 563 2.82 -5.69 4.05
N THR B 564 3.02 -4.78 3.07
CA THR B 564 4.17 -3.88 3.08
C THR B 564 4.03 -2.81 4.16
N PRO B 565 5.09 -2.52 4.93
CA PRO B 565 5.00 -1.58 6.05
C PRO B 565 5.10 -0.11 5.62
N ARG B 566 5.73 0.14 4.47
CA ARG B 566 5.76 1.46 3.86
C ARG B 566 4.33 2.00 3.85
N ARG B 567 3.47 1.32 3.10
CA ARG B 567 2.11 1.76 2.89
C ARG B 567 1.31 1.64 4.18
N TRP B 568 1.48 0.52 4.88
CA TRP B 568 0.54 0.14 5.93
C TRP B 568 0.99 0.61 7.30
N ILE B 569 2.17 1.23 7.39
CA ILE B 569 2.60 1.83 8.63
C ILE B 569 3.11 3.24 8.34
N ARG B 570 4.18 3.33 7.55
CA ARG B 570 4.97 4.53 7.44
C ARG B 570 4.17 5.64 6.80
N PHE B 571 3.26 5.26 5.90
CA PHE B 571 2.53 6.26 5.14
C PHE B 571 1.14 6.44 5.72
N CYS B 572 0.46 5.33 6.01
CA CYS B 572 -0.94 5.41 6.43
C CYS B 572 -1.06 5.84 7.88
N ASN B 573 0.01 5.70 8.67
CA ASN B 573 -0.05 6.00 10.09
C ASN B 573 1.22 6.72 10.53
N PRO B 574 1.33 8.03 10.24
CA PRO B 574 2.51 8.83 10.63
C PRO B 574 2.78 9.08 12.12
N PRO B 575 1.76 9.28 12.99
CA PRO B 575 2.02 9.56 14.41
C PRO B 575 2.55 8.33 15.13
N LEU B 576 2.15 7.15 14.67
CA LEU B 576 2.77 5.91 15.13
C LEU B 576 4.20 5.83 14.57
N SER B 577 4.36 6.13 13.28
CA SER B 577 5.63 6.02 12.57
C SER B 577 6.71 6.85 13.25
N ALA B 578 6.28 7.90 13.96
CA ALA B 578 7.17 8.77 14.72
C ALA B 578 7.58 8.09 16.02
N ILE B 579 6.58 7.53 16.72
CA ILE B 579 6.81 6.74 17.91
C ILE B 579 7.85 5.67 17.58
N ILE B 580 7.62 4.96 16.46
CA ILE B 580 8.44 3.85 16.01
C ILE B 580 9.88 4.32 15.75
N THR B 581 10.05 5.43 15.05
CA THR B 581 11.38 5.92 14.69
C THR B 581 12.16 6.35 15.92
N LYS B 582 11.45 6.96 16.88
CA LYS B 582 12.06 7.47 18.11
C LYS B 582 12.55 6.31 18.95
N TRP B 583 11.63 5.39 19.25
CA TRP B 583 11.88 4.35 20.22
C TRP B 583 12.76 3.23 19.68
N THR B 584 12.96 3.19 18.36
CA THR B 584 13.90 2.23 17.81
C THR B 584 15.24 2.91 17.51
N GLY B 585 15.21 4.25 17.42
CA GLY B 585 16.44 5.01 17.38
C GLY B 585 16.90 5.37 15.97
N THR B 586 16.38 4.69 14.95
CA THR B 586 16.61 5.09 13.57
C THR B 586 15.30 5.03 12.77
N GLU B 587 15.38 5.45 11.50
CA GLU B 587 14.27 5.35 10.57
C GLU B 587 14.28 3.98 9.89
N ASP B 588 15.42 3.28 10.02
CA ASP B 588 15.77 2.14 9.16
C ASP B 588 14.77 1.00 9.29
N TRP B 589 13.80 1.16 10.20
CA TRP B 589 12.83 0.10 10.47
C TRP B 589 11.86 -0.06 9.31
N VAL B 590 11.63 1.03 8.55
CA VAL B 590 10.77 0.94 7.39
C VAL B 590 11.27 -0.21 6.50
N LEU B 591 12.60 -0.30 6.36
CA LEU B 591 13.23 -1.43 5.67
C LEU B 591 13.31 -2.62 6.61
N LYS B 592 14.20 -2.50 7.62
CA LYS B 592 14.60 -3.57 8.53
C LYS B 592 13.56 -3.76 9.62
N THR B 593 12.37 -4.22 9.20
CA THR B 593 11.13 -4.22 9.98
C THR B 593 11.26 -5.06 11.25
N GLU B 594 12.33 -5.86 11.36
CA GLU B 594 12.51 -6.73 12.51
C GLU B 594 12.63 -5.91 13.79
N LYS B 595 13.14 -4.69 13.65
CA LYS B 595 13.45 -3.85 14.81
C LYS B 595 12.17 -3.47 15.55
N LEU B 596 11.01 -3.80 14.96
CA LEU B 596 9.70 -3.59 15.55
C LEU B 596 9.64 -4.25 16.93
N ALA B 597 10.40 -5.33 17.07
CA ALA B 597 10.31 -6.15 18.27
C ALA B 597 11.06 -5.49 19.43
N GLU B 598 11.86 -4.46 19.13
CA GLU B 598 12.67 -3.80 20.14
C GLU B 598 11.80 -3.05 21.14
N LEU B 599 10.51 -2.95 20.84
CA LEU B 599 9.51 -2.32 21.68
C LEU B 599 9.02 -3.28 22.76
N GLN B 600 9.30 -4.58 22.61
CA GLN B 600 8.91 -5.60 23.59
C GLN B 600 9.20 -5.05 24.98
N LYS B 601 10.39 -4.46 25.08
CA LYS B 601 11.01 -4.08 26.34
C LYS B 601 10.42 -2.78 26.86
N PHE B 602 9.59 -2.10 26.08
CA PHE B 602 9.11 -0.81 26.50
C PHE B 602 7.60 -0.85 26.75
N ALA B 603 6.96 -1.99 26.47
CA ALA B 603 5.51 -2.09 26.46
C ALA B 603 4.91 -1.74 27.82
N ASP B 604 5.80 -1.69 28.82
CA ASP B 604 5.43 -1.40 30.19
C ASP B 604 5.49 0.11 30.45
N ASN B 605 6.35 0.80 29.68
CA ASN B 605 6.69 2.21 29.85
C ASN B 605 5.44 3.09 29.83
N GLU B 606 5.46 4.16 30.64
CA GLU B 606 4.30 5.03 30.79
C GLU B 606 4.34 6.15 29.77
N ASP B 607 5.56 6.58 29.41
CA ASP B 607 5.81 7.63 28.42
C ASP B 607 5.36 7.14 27.04
N LEU B 608 5.90 5.97 26.64
CA LEU B 608 5.51 5.35 25.37
C LEU B 608 4.02 5.00 25.38
N GLN B 609 3.47 4.64 26.55
CA GLN B 609 2.04 4.33 26.69
C GLN B 609 1.20 5.56 26.31
N ASN B 610 1.57 6.71 26.88
CA ASN B 610 0.85 7.95 26.65
C ASN B 610 0.96 8.38 25.18
N GLU B 611 2.19 8.33 24.65
CA GLU B 611 2.48 8.65 23.25
C GLU B 611 1.62 7.80 22.32
N TRP B 612 1.46 6.52 22.69
CA TRP B 612 0.76 5.49 21.95
C TRP B 612 -0.73 5.77 21.95
N ARG B 613 -1.29 6.07 23.13
CA ARG B 613 -2.71 6.37 23.27
C ARG B 613 -3.04 7.69 22.58
N GLU B 614 -2.04 8.59 22.48
CA GLU B 614 -2.24 9.90 21.88
C GLU B 614 -2.24 9.79 20.35
N ALA B 615 -1.34 8.95 19.80
CA ALA B 615 -1.26 8.71 18.36
C ALA B 615 -2.55 8.04 17.86
N LYS B 616 -3.11 7.15 18.69
CA LYS B 616 -4.30 6.37 18.35
C LYS B 616 -5.56 7.24 18.44
N ARG B 617 -5.59 8.15 19.43
CA ARG B 617 -6.63 9.15 19.51
C ARG B 617 -6.60 9.99 18.24
N SER B 618 -5.46 10.67 18.02
CA SER B 618 -5.14 11.46 16.84
C SER B 618 -5.68 10.82 15.55
N ASN B 619 -5.46 9.51 15.37
CA ASN B 619 -5.82 8.83 14.14
C ASN B 619 -7.33 8.61 14.06
N LYS B 620 -7.98 8.52 15.23
CA LYS B 620 -9.42 8.31 15.35
C LYS B 620 -10.19 9.59 15.03
N ILE B 621 -9.64 10.73 15.48
CA ILE B 621 -10.26 12.04 15.30
C ILE B 621 -10.59 12.26 13.82
N LYS B 622 -9.65 11.88 12.95
CA LYS B 622 -9.79 11.95 11.49
C LYS B 622 -10.98 11.12 11.03
N VAL B 623 -11.22 10.00 11.71
CA VAL B 623 -12.23 9.05 11.28
C VAL B 623 -13.63 9.55 11.64
N VAL B 624 -13.76 10.26 12.78
CA VAL B 624 -15.04 10.76 13.25
C VAL B 624 -15.68 11.60 12.14
N SER B 625 -14.80 12.36 11.47
CA SER B 625 -15.13 13.29 10.41
C SER B 625 -15.55 12.55 9.13
N PHE B 626 -14.69 11.64 8.67
CA PHE B 626 -14.97 10.82 7.51
C PHE B 626 -16.33 10.15 7.66
N LEU B 627 -16.63 9.70 8.88
CA LEU B 627 -17.85 8.96 9.19
C LEU B 627 -19.06 9.87 9.05
N LYS B 628 -19.07 10.93 9.87
CA LYS B 628 -20.07 11.98 9.73
C LYS B 628 -20.41 12.15 8.26
N GLU B 629 -19.34 12.29 7.45
CA GLU B 629 -19.42 12.62 6.03
C GLU B 629 -20.09 11.50 5.23
N LYS B 630 -19.51 10.30 5.25
CA LYS B 630 -19.88 9.27 4.27
C LYS B 630 -21.08 8.45 4.75
N THR B 631 -21.32 8.43 6.07
CA THR B 631 -22.36 7.57 6.62
C THR B 631 -23.53 8.43 7.09
N GLY B 632 -23.19 9.64 7.54
CA GLY B 632 -24.17 10.58 8.06
C GLY B 632 -24.42 10.33 9.54
N TYR B 633 -23.34 10.07 10.27
CA TYR B 633 -23.44 9.78 11.69
C TYR B 633 -22.28 10.42 12.44
N SER B 634 -22.61 11.09 13.54
CA SER B 634 -21.62 11.68 14.42
C SER B 634 -21.30 10.72 15.57
N VAL B 635 -20.00 10.42 15.77
CA VAL B 635 -19.54 9.50 16.80
C VAL B 635 -18.53 10.21 17.69
N VAL B 636 -18.39 9.76 18.94
CA VAL B 636 -17.35 10.26 19.83
C VAL B 636 -16.03 9.56 19.50
N PRO B 637 -14.86 10.20 19.71
CA PRO B 637 -13.56 9.52 19.56
C PRO B 637 -13.11 8.76 20.80
N ASP B 638 -13.86 8.89 21.92
CA ASP B 638 -13.52 8.32 23.21
C ASP B 638 -14.33 7.04 23.49
N ALA B 639 -14.32 6.13 22.52
CA ALA B 639 -14.98 4.84 22.60
C ALA B 639 -14.12 3.81 21.87
N MET B 640 -14.45 2.53 22.05
CA MET B 640 -13.68 1.52 21.34
C MET B 640 -14.14 1.47 19.89
N PHE B 641 -13.17 1.44 18.97
CA PHE B 641 -13.45 1.29 17.55
C PHE B 641 -13.33 -0.19 17.21
N ASP B 642 -14.49 -0.79 16.87
CA ASP B 642 -14.66 -2.22 16.67
C ASP B 642 -15.00 -2.45 15.20
N ILE B 643 -14.01 -2.95 14.43
CA ILE B 643 -14.06 -2.94 12.99
C ILE B 643 -14.19 -4.36 12.43
N GLN B 644 -15.18 -4.55 11.54
CA GLN B 644 -15.26 -5.75 10.72
C GLN B 644 -15.39 -5.38 9.25
N VAL B 645 -14.23 -5.26 8.59
CA VAL B 645 -14.15 -4.88 7.20
C VAL B 645 -13.55 -6.03 6.40
N LYS B 646 -14.42 -6.65 5.60
CA LYS B 646 -14.11 -7.75 4.70
C LYS B 646 -15.40 -8.15 3.99
N ARG B 647 -15.26 -8.86 2.86
CA ARG B 647 -16.37 -9.27 2.00
C ARG B 647 -17.57 -9.61 2.90
N ILE B 648 -18.77 -9.18 2.48
CA ILE B 648 -19.98 -9.58 3.16
C ILE B 648 -20.39 -10.96 2.63
N HIS B 649 -20.09 -11.99 3.41
CA HIS B 649 -20.47 -13.37 3.14
C HIS B 649 -20.99 -13.99 4.43
N GLU B 650 -21.93 -14.94 4.31
CA GLU B 650 -22.47 -15.66 5.45
C GLU B 650 -21.32 -16.23 6.28
N TYR B 651 -20.29 -16.74 5.57
CA TYR B 651 -19.19 -17.49 6.17
C TYR B 651 -18.18 -16.57 6.87
N LYS B 652 -18.16 -15.28 6.52
CA LYS B 652 -17.31 -14.36 7.27
C LYS B 652 -18.02 -14.00 8.57
N ARG B 653 -19.35 -14.18 8.57
CA ARG B 653 -20.22 -14.13 9.73
C ARG B 653 -20.22 -12.73 10.32
N GLN B 654 -20.61 -11.76 9.50
CA GLN B 654 -20.89 -10.44 10.04
C GLN B 654 -22.12 -10.59 10.95
N LEU B 655 -22.99 -11.52 10.56
CA LEU B 655 -24.24 -11.73 11.27
C LEU B 655 -23.95 -11.98 12.75
N LEU B 656 -22.76 -12.53 13.00
CA LEU B 656 -22.32 -12.84 14.35
C LEU B 656 -22.00 -11.56 15.11
N ASN B 657 -21.14 -10.71 14.53
CA ASN B 657 -20.72 -9.47 15.16
C ASN B 657 -21.97 -8.71 15.60
N ILE B 658 -22.89 -8.52 14.64
CA ILE B 658 -24.08 -7.70 14.83
C ILE B 658 -24.97 -8.35 15.88
N PHE B 659 -25.20 -9.67 15.77
CA PHE B 659 -25.96 -10.33 16.81
C PHE B 659 -25.37 -9.99 18.16
N GLY B 660 -24.03 -9.94 18.23
CA GLY B 660 -23.29 -9.57 19.42
C GLY B 660 -23.65 -8.17 19.89
N ILE B 661 -23.76 -7.24 18.93
CA ILE B 661 -24.25 -5.91 19.23
C ILE B 661 -25.68 -6.01 19.74
N VAL B 662 -26.58 -6.65 18.96
CA VAL B 662 -28.02 -6.68 19.23
C VAL B 662 -28.25 -7.10 20.67
N TYR B 663 -27.46 -8.07 21.13
CA TYR B 663 -27.58 -8.55 22.48
C TYR B 663 -27.15 -7.47 23.47
N ARG B 664 -25.93 -6.94 23.29
CA ARG B 664 -25.37 -5.93 24.18
C ARG B 664 -26.35 -4.76 24.31
N TYR B 665 -27.02 -4.44 23.21
CA TYR B 665 -28.07 -3.42 23.18
C TYR B 665 -29.23 -3.87 24.05
N LYS B 666 -29.90 -4.96 23.66
CA LYS B 666 -31.11 -5.41 24.33
C LYS B 666 -30.93 -5.30 25.83
N LYS B 667 -29.76 -5.75 26.32
CA LYS B 667 -29.43 -5.78 27.73
C LYS B 667 -29.36 -4.35 28.26
N MET B 668 -28.73 -3.46 27.48
CA MET B 668 -28.64 -2.03 27.80
C MET B 668 -30.03 -1.48 28.09
N LYS B 669 -31.00 -1.84 27.23
CA LYS B 669 -32.35 -1.29 27.30
C LYS B 669 -33.04 -1.71 28.59
N GLU B 670 -32.77 -2.95 29.04
CA GLU B 670 -33.40 -3.48 30.24
C GLU B 670 -32.56 -3.11 31.46
N MET B 671 -32.09 -1.86 31.52
CA MET B 671 -31.08 -1.47 32.50
C MET B 671 -31.46 -0.11 33.08
N THR B 672 -30.55 0.44 33.90
CA THR B 672 -30.57 1.83 34.30
C THR B 672 -29.29 2.50 33.82
N ALA B 673 -29.28 3.83 33.91
CA ALA B 673 -28.17 4.67 33.46
C ALA B 673 -26.90 4.25 34.22
N ALA B 674 -27.01 4.22 35.55
CA ALA B 674 -25.96 3.77 36.45
C ALA B 674 -25.40 2.44 35.94
N GLU B 675 -26.30 1.48 35.71
CA GLU B 675 -25.97 0.10 35.39
C GLU B 675 -25.27 0.00 34.04
N ARG B 676 -25.77 0.73 33.04
CA ARG B 676 -25.26 0.66 31.68
C ARG B 676 -23.77 1.02 31.61
N LYS B 677 -23.40 2.20 32.13
CA LYS B 677 -22.03 2.72 32.11
C LYS B 677 -21.09 1.75 32.82
N THR B 678 -21.61 1.12 33.88
CA THR B 678 -20.88 0.13 34.66
C THR B 678 -20.59 -1.11 33.83
N ASN B 679 -21.57 -1.56 33.02
CA ASN B 679 -21.54 -2.86 32.37
C ASN B 679 -20.79 -2.80 31.04
N PHE B 680 -21.04 -1.75 30.27
CA PHE B 680 -20.48 -1.67 28.93
C PHE B 680 -19.55 -0.47 28.83
N VAL B 681 -18.57 -0.59 27.93
CA VAL B 681 -17.69 0.51 27.58
C VAL B 681 -18.26 1.23 26.36
N PRO B 682 -17.99 2.55 26.17
CA PRO B 682 -18.40 3.27 24.97
C PRO B 682 -17.78 2.65 23.72
N ARG B 683 -18.61 2.43 22.68
CA ARG B 683 -18.21 1.67 21.52
C ARG B 683 -18.73 2.29 20.23
N VAL B 684 -17.98 2.10 19.14
CA VAL B 684 -18.39 2.41 17.80
C VAL B 684 -18.04 1.19 16.95
N CYS B 685 -19.08 0.46 16.53
CA CYS B 685 -18.87 -0.78 15.81
C CYS B 685 -18.99 -0.53 14.32
N ILE B 686 -17.83 -0.55 13.66
CA ILE B 686 -17.68 -0.19 12.26
C ILE B 686 -17.82 -1.46 11.42
N PHE B 687 -18.76 -1.44 10.47
CA PHE B 687 -18.89 -2.50 9.48
C PHE B 687 -18.54 -1.95 8.10
N GLY B 688 -17.93 -2.79 7.25
CA GLY B 688 -17.60 -2.38 5.88
C GLY B 688 -17.46 -3.56 4.93
N GLY B 689 -17.72 -3.30 3.63
CA GLY B 689 -17.44 -4.27 2.60
C GLY B 689 -18.63 -4.52 1.68
N LYS B 690 -18.37 -5.27 0.59
CA LYS B 690 -19.30 -5.37 -0.53
C LYS B 690 -19.92 -6.76 -0.57
N ALA B 691 -21.23 -6.80 -0.88
CA ALA B 691 -21.98 -8.01 -1.16
C ALA B 691 -22.01 -8.27 -2.67
N PHE B 692 -21.64 -9.49 -3.09
CA PHE B 692 -21.88 -9.93 -4.45
C PHE B 692 -23.32 -9.55 -4.77
N ALA B 693 -23.57 -9.17 -6.03
CA ALA B 693 -24.81 -8.51 -6.41
C ALA B 693 -26.00 -9.44 -6.20
N THR B 694 -25.80 -10.70 -6.62
CA THR B 694 -26.86 -11.68 -6.76
C THR B 694 -26.86 -12.67 -5.59
N TYR B 695 -26.46 -12.17 -4.41
CA TYR B 695 -26.34 -12.99 -3.21
C TYR B 695 -27.38 -12.50 -2.21
N VAL B 696 -28.64 -12.90 -2.46
CA VAL B 696 -29.82 -12.38 -1.78
C VAL B 696 -29.51 -12.06 -0.32
N GLN B 697 -28.84 -13.01 0.35
CA GLN B 697 -28.68 -12.94 1.80
C GLN B 697 -27.65 -11.87 2.16
N ALA B 698 -26.48 -11.94 1.50
CA ALA B 698 -25.39 -11.00 1.75
C ALA B 698 -25.94 -9.58 1.79
N LYS B 699 -26.87 -9.30 0.87
CA LYS B 699 -27.45 -7.97 0.74
C LYS B 699 -28.45 -7.74 1.87
N ARG B 700 -29.18 -8.79 2.27
CA ARG B 700 -30.17 -8.66 3.33
C ARG B 700 -29.50 -8.34 4.67
N ILE B 701 -28.20 -8.66 4.75
CA ILE B 701 -27.41 -8.45 5.96
C ILE B 701 -27.02 -6.98 6.08
N VAL B 702 -26.38 -6.44 5.02
CA VAL B 702 -26.02 -5.04 5.02
C VAL B 702 -27.27 -4.22 5.35
N LYS B 703 -28.40 -4.63 4.76
CA LYS B 703 -29.71 -4.05 5.03
C LYS B 703 -30.00 -4.10 6.53
N PHE B 704 -29.80 -5.28 7.12
CA PHE B 704 -30.03 -5.43 8.54
C PHE B 704 -29.15 -4.43 9.30
N ILE B 705 -27.83 -4.54 9.08
CA ILE B 705 -26.82 -3.79 9.82
C ILE B 705 -27.20 -2.31 9.85
N THR B 706 -27.72 -1.81 8.74
CA THR B 706 -28.05 -0.41 8.60
C THR B 706 -29.30 -0.09 9.40
N ASP B 707 -30.26 -1.01 9.42
CA ASP B 707 -31.48 -0.85 10.21
C ASP B 707 -31.13 -0.79 11.69
N VAL B 708 -30.32 -1.77 12.11
CA VAL B 708 -29.84 -1.83 13.49
C VAL B 708 -29.24 -0.48 13.87
N GLY B 709 -28.17 -0.08 13.15
CA GLY B 709 -27.47 1.18 13.37
C GLY B 709 -28.44 2.35 13.52
N ALA B 710 -29.40 2.44 12.59
CA ALA B 710 -30.42 3.47 12.56
C ALA B 710 -31.14 3.56 13.90
N THR B 711 -31.70 2.42 14.34
CA THR B 711 -32.49 2.32 15.56
C THR B 711 -31.65 2.77 16.77
N ILE B 712 -30.39 2.32 16.82
CA ILE B 712 -29.46 2.51 17.92
C ILE B 712 -29.00 3.96 17.97
N ASN B 713 -28.41 4.41 16.86
CA ASN B 713 -27.73 5.69 16.80
C ASN B 713 -28.70 6.80 17.15
N HIS B 714 -29.99 6.56 16.92
CA HIS B 714 -31.02 7.55 17.19
C HIS B 714 -31.88 7.16 18.39
N ASP B 715 -31.51 6.08 19.10
CA ASP B 715 -32.10 5.83 20.41
C ASP B 715 -31.50 6.85 21.39
N PRO B 716 -32.36 7.63 22.11
CA PRO B 716 -31.88 8.67 23.03
C PRO B 716 -31.22 8.12 24.30
N GLU B 717 -31.56 6.88 24.66
CA GLU B 717 -31.10 6.28 25.90
C GLU B 717 -29.66 5.79 25.73
N ILE B 718 -29.26 5.52 24.48
CA ILE B 718 -27.97 4.95 24.17
C ILE B 718 -26.87 6.02 24.23
N GLY B 719 -27.21 7.24 23.79
CA GLY B 719 -26.27 8.35 23.77
C GLY B 719 -25.09 8.06 22.83
N ASP B 720 -23.87 8.18 23.37
CA ASP B 720 -22.66 7.86 22.63
C ASP B 720 -22.00 6.59 23.17
N LEU B 721 -22.74 5.83 24.00
CA LEU B 721 -22.26 4.59 24.61
C LEU B 721 -22.20 3.48 23.55
N LEU B 722 -23.01 3.61 22.51
CA LEU B 722 -22.95 2.70 21.37
C LEU B 722 -23.33 3.43 20.09
N LYS B 723 -22.55 3.18 19.03
CA LYS B 723 -22.88 3.55 17.67
C LYS B 723 -22.56 2.38 16.73
N VAL B 724 -23.43 2.17 15.71
CA VAL B 724 -23.21 1.16 14.68
C VAL B 724 -23.37 1.81 13.31
N VAL B 725 -22.25 1.90 12.58
CA VAL B 725 -22.24 2.52 11.27
C VAL B 725 -21.88 1.47 10.22
N PHE B 726 -22.06 1.82 8.94
CA PHE B 726 -21.61 1.00 7.83
C PHE B 726 -20.91 1.89 6.81
N VAL B 727 -19.57 1.82 6.77
CA VAL B 727 -18.78 2.64 5.85
C VAL B 727 -19.00 2.16 4.43
N PRO B 728 -19.48 3.06 3.53
CA PRO B 728 -19.83 2.66 2.17
C PRO B 728 -18.59 2.68 1.29
N ASP B 729 -18.52 1.68 0.40
CA ASP B 729 -17.49 1.53 -0.60
C ASP B 729 -16.13 1.32 0.06
N TYR B 730 -16.02 0.26 0.87
CA TYR B 730 -14.75 -0.10 1.47
C TYR B 730 -13.73 -0.34 0.36
N ASN B 731 -12.51 0.18 0.55
CA ASN B 731 -11.38 -0.08 -0.33
C ASN B 731 -10.09 0.34 0.37
N VAL B 732 -8.99 0.24 -0.38
CA VAL B 732 -7.64 0.48 0.11
C VAL B 732 -7.59 1.74 0.97
N SER B 733 -8.12 2.83 0.41
CA SER B 733 -8.09 4.12 1.09
C SER B 733 -8.88 4.06 2.40
N VAL B 734 -10.12 3.55 2.34
CA VAL B 734 -10.95 3.45 3.53
C VAL B 734 -10.13 2.78 4.62
N ALA B 735 -9.46 1.68 4.25
CA ALA B 735 -8.65 0.89 5.16
C ALA B 735 -7.50 1.74 5.69
N GLU B 736 -6.85 2.48 4.80
CA GLU B 736 -5.72 3.30 5.21
C GLU B 736 -6.16 4.32 6.26
N LEU B 737 -7.47 4.46 6.47
CA LEU B 737 -7.98 5.44 7.42
C LEU B 737 -8.55 4.75 8.67
N LEU B 738 -9.26 3.63 8.48
CA LEU B 738 -9.84 2.91 9.61
C LEU B 738 -8.74 2.25 10.45
N ILE B 739 -7.82 1.54 9.79
CA ILE B 739 -6.83 0.70 10.45
C ILE B 739 -5.99 1.52 11.44
N PRO B 740 -5.28 2.59 11.03
CA PRO B 740 -4.46 3.36 11.97
C PRO B 740 -5.23 3.86 13.18
N ALA B 741 -6.54 3.60 13.23
CA ALA B 741 -7.40 4.17 14.24
C ALA B 741 -8.34 3.12 14.83
N SER B 742 -8.01 1.84 14.63
CA SER B 742 -8.80 0.77 15.20
C SER B 742 -8.37 0.50 16.64
N ASP B 743 -9.31 -0.03 17.42
CA ASP B 743 -8.98 -0.56 18.73
C ASP B 743 -9.03 -2.08 18.66
N LEU B 744 -10.14 -2.60 18.11
CA LEU B 744 -10.39 -4.03 17.99
C LEU B 744 -10.79 -4.34 16.55
N SER B 745 -10.30 -5.47 16.02
CA SER B 745 -10.60 -5.88 14.65
C SER B 745 -11.02 -7.34 14.62
N GLU B 746 -12.21 -7.60 14.06
CA GLU B 746 -12.79 -8.92 14.06
C GLU B 746 -12.44 -9.67 12.78
N HIS B 747 -12.15 -10.96 12.92
CA HIS B 747 -11.89 -11.87 11.81
C HIS B 747 -12.53 -13.20 12.18
N ILE B 748 -13.88 -13.22 12.21
CA ILE B 748 -14.60 -14.20 13.00
C ILE B 748 -15.22 -15.28 12.12
N SER B 749 -14.59 -15.52 10.97
CA SER B 749 -15.05 -16.48 9.98
C SER B 749 -15.03 -17.90 10.54
N THR B 750 -16.05 -18.71 10.21
CA THR B 750 -16.19 -20.11 10.61
C THR B 750 -14.83 -20.81 10.45
N ALA B 751 -14.29 -21.25 11.59
CA ALA B 751 -12.88 -21.57 11.74
C ALA B 751 -12.43 -22.63 10.74
N GLY B 752 -11.29 -22.37 10.08
CA GLY B 752 -10.62 -23.35 9.26
C GLY B 752 -10.83 -23.09 7.77
N MET B 753 -11.83 -22.26 7.43
CA MET B 753 -12.17 -22.01 6.04
C MET B 753 -11.21 -20.98 5.43
N GLU B 754 -10.61 -20.13 6.28
CA GLU B 754 -9.82 -19.00 5.81
C GLU B 754 -8.37 -19.41 5.67
N ALA B 755 -7.80 -19.13 4.50
CA ALA B 755 -6.52 -19.67 4.11
C ALA B 755 -5.36 -18.85 4.67
N SER B 756 -5.57 -17.53 4.88
CA SER B 756 -4.59 -16.67 5.52
C SER B 756 -5.26 -15.42 6.09
N GLY B 757 -5.38 -14.39 5.25
CA GLY B 757 -5.83 -13.08 5.67
C GLY B 757 -4.72 -12.05 5.54
N THR B 758 -5.10 -10.81 5.23
CA THR B 758 -4.11 -9.76 5.10
C THR B 758 -4.47 -8.62 6.06
N SER B 759 -5.77 -8.36 6.21
CA SER B 759 -6.28 -7.20 6.93
C SER B 759 -5.75 -7.20 8.36
N ASN B 760 -5.88 -8.36 9.01
CA ASN B 760 -5.35 -8.55 10.35
C ASN B 760 -3.90 -8.14 10.40
N MET B 761 -3.07 -8.69 9.50
CA MET B 761 -1.65 -8.40 9.48
C MET B 761 -1.42 -6.89 9.58
N1 LLP B 762 -9.24 -5.24 1.42
C2 LLP B 762 -8.23 -4.38 1.31
C2' LLP B 762 -8.53 -3.04 0.74
C3 LLP B 762 -6.94 -4.73 1.70
O3 LLP B 762 -5.97 -3.80 1.58
C4 LLP B 762 -6.68 -6.02 2.21
C4' LLP B 762 -5.32 -6.34 2.70
C5 LLP B 762 -7.77 -6.91 2.34
C6 LLP B 762 -9.01 -6.47 1.93
C5' LLP B 762 -7.62 -8.30 2.89
OP4 LLP B 762 -8.85 -8.59 3.62
P LLP B 762 -8.91 -9.79 4.60
OP1 LLP B 762 -10.33 -9.75 5.09
OP2 LLP B 762 -8.51 -10.99 3.77
OP3 LLP B 762 -7.92 -9.50 5.68
N LLP B 762 -2.23 -6.11 8.86
CA LLP B 762 -2.22 -4.66 8.98
CB LLP B 762 -3.02 -4.00 7.85
CG LLP B 762 -2.70 -4.49 6.44
CD LLP B 762 -3.88 -4.51 5.47
CE LLP B 762 -3.86 -5.71 4.52
NZ LLP B 762 -4.55 -5.44 3.25
C LLP B 762 -2.63 -4.29 10.40
O LLP B 762 -1.78 -3.93 11.20
N PHE B 763 -3.93 -4.46 10.69
CA PHE B 763 -4.51 -4.14 12.00
C PHE B 763 -3.49 -4.39 13.10
N ALA B 764 -2.81 -5.54 13.03
CA ALA B 764 -1.80 -5.91 13.99
C ALA B 764 -0.74 -4.83 14.05
N MET B 765 -0.15 -4.52 12.88
CA MET B 765 0.98 -3.62 12.79
C MET B 765 0.66 -2.28 13.44
N ASN B 766 -0.62 -1.89 13.39
CA ASN B 766 -1.07 -0.60 13.85
C ASN B 766 -1.57 -0.68 15.29
N GLY B 767 -1.24 -1.77 15.99
CA GLY B 767 -1.51 -1.89 17.42
C GLY B 767 -2.94 -2.35 17.71
N CYS B 768 -3.73 -2.55 16.65
CA CYS B 768 -5.10 -3.01 16.84
C CYS B 768 -5.06 -4.40 17.46
N ILE B 769 -5.96 -4.58 18.43
CA ILE B 769 -6.17 -5.85 19.11
C ILE B 769 -7.24 -6.62 18.32
N GLN B 770 -6.91 -7.86 17.96
CA GLN B 770 -7.74 -8.72 17.12
C GLN B 770 -8.62 -9.62 17.99
N ILE B 771 -9.87 -9.86 17.55
CA ILE B 771 -10.72 -10.94 18.07
C ILE B 771 -11.08 -11.86 16.90
N GLY B 772 -10.85 -13.16 17.08
CA GLY B 772 -11.08 -14.08 15.96
C GLY B 772 -11.12 -15.54 16.38
N THR B 773 -11.61 -16.37 15.46
CA THR B 773 -11.50 -17.81 15.58
C THR B 773 -10.10 -18.20 15.10
N LEU B 774 -9.70 -19.41 15.51
CA LEU B 774 -8.36 -19.91 15.28
C LEU B 774 -8.26 -20.42 13.86
N ASP B 775 -8.09 -19.49 12.89
CA ASP B 775 -7.93 -19.92 11.51
C ASP B 775 -7.04 -18.95 10.74
N GLY B 776 -6.50 -19.48 9.65
CA GLY B 776 -5.65 -18.73 8.75
C GLY B 776 -4.45 -18.11 9.45
N ALA B 777 -4.37 -16.79 9.35
CA ALA B 777 -3.27 -16.03 9.94
C ALA B 777 -3.48 -15.90 11.45
N ASN B 778 -4.75 -15.75 11.86
CA ASN B 778 -5.15 -15.60 13.26
C ASN B 778 -4.18 -16.38 14.16
N VAL B 779 -3.83 -17.59 13.69
CA VAL B 779 -2.87 -18.51 14.29
C VAL B 779 -1.50 -17.84 14.44
N GLU B 780 -0.88 -17.53 13.30
CA GLU B 780 0.50 -17.07 13.24
C GLU B 780 0.65 -15.70 13.88
N ILE B 781 -0.40 -14.86 13.81
CA ILE B 781 -0.42 -13.56 14.48
C ILE B 781 -0.49 -13.79 15.99
N ARG B 782 -1.59 -14.39 16.47
CA ARG B 782 -1.76 -14.70 17.88
C ARG B 782 -0.42 -15.12 18.46
N GLU B 783 0.17 -16.15 17.85
CA GLU B 783 1.48 -16.68 18.21
C GLU B 783 2.50 -15.54 18.34
N GLU B 784 2.82 -14.91 17.22
CA GLU B 784 3.92 -13.95 17.17
C GLU B 784 3.72 -12.81 18.16
N VAL B 785 2.47 -12.49 18.52
CA VAL B 785 2.19 -11.33 19.36
C VAL B 785 2.03 -11.74 20.83
N GLY B 786 1.55 -12.96 21.05
CA GLY B 786 1.30 -13.45 22.39
C GLY B 786 -0.17 -13.79 22.58
N GLU B 787 -0.44 -14.93 23.20
CA GLU B 787 -1.78 -15.45 23.38
C GLU B 787 -2.59 -14.48 24.26
N GLU B 788 -1.90 -13.77 25.15
CA GLU B 788 -2.54 -12.86 26.06
C GLU B 788 -2.71 -11.49 25.40
N ASN B 789 -2.69 -11.46 24.06
CA ASN B 789 -2.73 -10.21 23.31
C ASN B 789 -3.66 -10.39 22.11
N PHE B 790 -4.64 -11.29 22.25
CA PHE B 790 -5.49 -11.69 21.14
C PHE B 790 -6.69 -12.46 21.67
N PHE B 791 -7.89 -11.92 21.44
CA PHE B 791 -9.10 -12.55 21.91
C PHE B 791 -9.46 -13.71 20.98
N LEU B 792 -9.51 -14.92 21.56
CA LEU B 792 -9.91 -16.11 20.82
C LEU B 792 -11.29 -16.56 21.29
N PHE B 793 -11.97 -17.39 20.47
CA PHE B 793 -13.26 -17.94 20.84
C PHE B 793 -13.72 -18.97 19.80
N GLY B 794 -14.77 -19.71 20.17
CA GLY B 794 -15.53 -20.56 19.27
C GLY B 794 -14.87 -21.90 18.94
N ALA B 795 -15.57 -22.71 18.14
CA ALA B 795 -15.10 -24.02 17.73
C ALA B 795 -13.82 -23.90 16.90
N GLN B 796 -13.15 -25.04 16.70
CA GLN B 796 -11.92 -25.12 15.95
C GLN B 796 -12.09 -26.06 14.76
N ALA B 797 -11.05 -26.10 13.91
CA ALA B 797 -11.05 -26.70 12.57
C ALA B 797 -11.69 -28.08 12.56
N HIS B 798 -11.11 -28.97 13.38
CA HIS B 798 -11.45 -30.38 13.48
C HIS B 798 -12.95 -30.56 13.76
N GLU B 799 -13.50 -29.75 14.68
CA GLU B 799 -14.82 -29.96 15.28
C GLU B 799 -15.96 -29.84 14.26
N ILE B 800 -15.72 -29.08 13.17
CA ILE B 800 -16.78 -28.50 12.36
C ILE B 800 -17.64 -29.58 11.71
N ALA B 801 -16.97 -30.63 11.17
CA ALA B 801 -17.68 -31.73 10.54
C ALA B 801 -18.64 -32.37 11.54
N GLY B 802 -18.15 -32.57 12.77
CA GLY B 802 -18.89 -33.18 13.85
C GLY B 802 -20.05 -32.32 14.35
N LEU B 803 -19.84 -31.00 14.38
CA LEU B 803 -20.83 -30.07 14.92
C LEU B 803 -21.97 -29.89 13.93
N ARG B 804 -21.65 -30.06 12.64
CA ARG B 804 -22.60 -30.04 11.53
C ARG B 804 -23.37 -31.36 11.50
N LYS B 805 -22.72 -32.43 11.95
CA LYS B 805 -23.35 -33.73 12.12
C LYS B 805 -24.36 -33.65 13.25
N GLU B 806 -23.99 -33.02 14.38
CA GLU B 806 -24.86 -32.82 15.54
C GLU B 806 -26.12 -32.06 15.13
N ARG B 807 -25.95 -31.01 14.33
CA ARG B 807 -27.07 -30.25 13.79
C ARG B 807 -27.92 -31.17 12.91
N ALA B 808 -27.24 -31.93 12.04
CA ALA B 808 -27.85 -32.75 11.01
C ALA B 808 -28.70 -33.88 11.61
N ASP B 809 -28.39 -34.28 12.85
CA ASP B 809 -29.06 -35.41 13.49
C ASP B 809 -30.11 -34.93 14.47
N GLY B 810 -30.26 -33.60 14.57
CA GLY B 810 -31.21 -32.98 15.49
C GLY B 810 -30.68 -32.98 16.92
N LYS B 811 -29.35 -32.80 17.05
CA LYS B 811 -28.62 -32.94 18.29
C LYS B 811 -28.09 -31.58 18.77
N PHE B 812 -28.41 -30.50 18.05
CA PHE B 812 -28.04 -29.18 18.53
C PHE B 812 -29.21 -28.58 19.34
N VAL B 813 -28.88 -28.13 20.57
CA VAL B 813 -29.79 -27.34 21.39
C VAL B 813 -29.24 -25.92 21.48
N PRO B 814 -29.95 -24.92 20.92
CA PRO B 814 -29.50 -23.52 20.94
C PRO B 814 -29.37 -22.94 22.34
N ASP B 815 -28.53 -21.91 22.46
CA ASP B 815 -28.49 -21.07 23.65
C ASP B 815 -29.80 -20.29 23.73
N GLU B 816 -30.10 -19.76 24.94
CA GLU B 816 -31.37 -19.09 25.19
C GLU B 816 -31.23 -17.57 25.04
N ARG B 817 -29.99 -17.08 24.93
CA ARG B 817 -29.71 -15.69 24.62
C ARG B 817 -29.76 -15.46 23.10
N PHE B 818 -29.45 -16.52 22.34
CA PHE B 818 -29.52 -16.55 20.88
C PHE B 818 -30.97 -16.35 20.44
N GLU B 819 -31.89 -17.06 21.11
CA GLU B 819 -33.33 -17.01 20.84
C GLU B 819 -33.91 -15.71 21.37
N GLU B 820 -33.22 -15.12 22.36
CA GLU B 820 -33.57 -13.84 22.96
C GLU B 820 -33.39 -12.73 21.92
N VAL B 821 -32.28 -12.79 21.14
CA VAL B 821 -31.97 -11.86 20.05
C VAL B 821 -32.94 -12.05 18.89
N LYS B 822 -33.18 -13.33 18.54
CA LYS B 822 -33.98 -13.75 17.38
C LYS B 822 -35.44 -13.31 17.50
N GLU B 823 -36.04 -13.51 18.69
CA GLU B 823 -37.41 -13.09 18.97
C GLU B 823 -37.50 -11.57 19.08
N PHE B 824 -36.38 -10.92 19.45
CA PHE B 824 -36.30 -9.48 19.61
C PHE B 824 -36.37 -8.80 18.23
N VAL B 825 -35.80 -9.47 17.21
CA VAL B 825 -35.78 -8.98 15.84
C VAL B 825 -37.19 -9.16 15.23
N ARG B 826 -37.83 -10.27 15.58
CA ARG B 826 -39.17 -10.60 15.10
C ARG B 826 -40.21 -9.69 15.76
N SER B 827 -39.81 -9.01 16.85
CA SER B 827 -40.67 -8.08 17.56
C SER B 827 -40.86 -6.79 16.76
N GLY B 828 -39.83 -6.44 15.97
CA GLY B 828 -39.88 -5.33 15.03
C GLY B 828 -39.10 -4.11 15.51
N ALA B 829 -38.11 -4.34 16.37
CA ALA B 829 -37.39 -3.28 17.06
C ALA B 829 -36.40 -2.58 16.12
N PHE B 830 -36.16 -3.20 14.96
CA PHE B 830 -35.33 -2.61 13.91
C PHE B 830 -36.12 -2.47 12.62
N GLY B 831 -36.89 -1.38 12.54
CA GLY B 831 -37.68 -1.04 11.36
C GLY B 831 -38.82 -2.03 11.09
N SER B 832 -39.62 -1.67 10.09
CA SER B 832 -40.72 -2.50 9.67
C SER B 832 -40.24 -3.50 8.62
N TYR B 833 -39.00 -3.34 8.15
CA TYR B 833 -38.43 -4.32 7.23
C TYR B 833 -38.46 -5.68 7.92
N ASN B 834 -39.11 -6.64 7.24
CA ASN B 834 -39.26 -7.99 7.74
C ASN B 834 -38.00 -8.78 7.41
N TYR B 835 -37.39 -9.37 8.46
CA TYR B 835 -36.17 -10.15 8.32
C TYR B 835 -36.44 -11.62 8.63
N ASP B 836 -37.65 -12.09 8.33
CA ASP B 836 -38.08 -13.45 8.67
C ASP B 836 -37.31 -14.46 7.82
N ASP B 837 -36.91 -14.04 6.61
CA ASP B 837 -36.18 -14.89 5.68
C ASP B 837 -34.68 -14.88 6.02
N LEU B 838 -34.23 -13.80 6.70
CA LEU B 838 -32.89 -13.68 7.23
C LEU B 838 -32.72 -14.65 8.41
N ILE B 839 -33.65 -14.60 9.36
CA ILE B 839 -33.63 -15.46 10.54
C ILE B 839 -33.91 -16.91 10.15
N GLY B 840 -34.59 -17.08 9.00
CA GLY B 840 -34.87 -18.39 8.43
C GLY B 840 -33.61 -19.23 8.21
N SER B 841 -32.54 -18.59 7.70
CA SER B 841 -31.34 -19.30 7.29
C SER B 841 -30.58 -19.85 8.49
N LEU B 842 -31.02 -19.46 9.70
CA LEU B 842 -30.40 -19.89 10.94
C LEU B 842 -31.06 -21.15 11.49
N GLU B 843 -32.32 -21.43 11.08
CA GLU B 843 -33.13 -22.46 11.71
C GLU B 843 -33.29 -23.68 10.82
N GLY B 844 -33.60 -24.82 11.46
CA GLY B 844 -33.85 -26.08 10.78
C GLY B 844 -32.73 -27.09 11.03
N ASN B 845 -32.70 -28.16 10.21
CA ASN B 845 -31.72 -29.23 10.31
C ASN B 845 -31.03 -29.45 8.95
N GLU B 846 -31.76 -29.18 7.85
CA GLU B 846 -31.32 -29.40 6.47
C GLU B 846 -31.92 -28.34 5.53
N GLY B 847 -31.44 -28.30 4.27
CA GLY B 847 -31.83 -27.28 3.29
C GLY B 847 -30.66 -26.35 2.95
N PHE B 848 -30.49 -26.07 1.66
CA PHE B 848 -29.32 -25.39 1.10
C PHE B 848 -29.12 -24.02 1.78
N GLY B 849 -30.23 -23.35 2.09
CA GLY B 849 -30.20 -22.05 2.73
C GLY B 849 -30.82 -22.06 4.12
N ARG B 850 -30.82 -23.22 4.78
CA ARG B 850 -31.35 -23.32 6.13
C ARG B 850 -30.26 -23.87 7.07
N ALA B 851 -30.62 -23.99 8.36
CA ALA B 851 -29.90 -24.76 9.38
C ALA B 851 -28.46 -24.27 9.61
N ASP B 852 -28.26 -22.95 9.60
CA ASP B 852 -27.11 -22.29 10.20
C ASP B 852 -25.82 -23.07 9.93
N TYR B 853 -25.53 -23.34 8.65
CA TYR B 853 -24.40 -24.14 8.22
C TYR B 853 -23.10 -23.59 8.79
N PHE B 854 -23.08 -22.31 9.21
CA PHE B 854 -21.87 -21.62 9.63
C PHE B 854 -21.80 -21.42 11.14
N LEU B 855 -22.60 -22.19 11.86
CA LEU B 855 -22.47 -22.33 13.31
C LEU B 855 -22.38 -20.94 13.94
N VAL B 856 -23.37 -20.10 13.60
CA VAL B 856 -23.48 -18.80 14.23
C VAL B 856 -24.13 -18.99 15.60
N GLY B 857 -25.17 -19.83 15.65
CA GLY B 857 -25.82 -20.23 16.89
C GLY B 857 -24.84 -20.86 17.87
N LYS B 858 -24.00 -21.78 17.37
CA LYS B 858 -23.08 -22.52 18.21
C LYS B 858 -22.01 -21.59 18.77
N ASP B 859 -21.43 -20.73 17.91
CA ASP B 859 -20.30 -19.91 18.31
C ASP B 859 -20.77 -18.70 19.11
N PHE B 860 -22.08 -18.39 19.04
CA PHE B 860 -22.67 -17.19 19.62
C PHE B 860 -22.29 -17.03 21.09
N PRO B 861 -22.56 -18.05 21.96
CA PRO B 861 -22.27 -17.92 23.40
C PRO B 861 -20.80 -17.61 23.70
N SER B 862 -19.89 -18.42 23.14
CA SER B 862 -18.45 -18.28 23.31
C SER B 862 -17.97 -16.91 22.85
N TYR B 863 -18.61 -16.39 21.79
CA TYR B 863 -18.31 -15.09 21.25
C TYR B 863 -18.70 -13.99 22.25
N ILE B 864 -19.98 -13.95 22.64
CA ILE B 864 -20.49 -12.83 23.43
C ILE B 864 -19.81 -12.82 24.79
N GLU B 865 -19.50 -14.03 25.29
CA GLU B 865 -18.71 -14.19 26.47
C GLU B 865 -17.35 -13.52 26.26
N CYS B 866 -16.75 -13.76 25.08
CA CYS B 866 -15.42 -13.26 24.73
C CYS B 866 -15.44 -11.73 24.68
N GLN B 867 -16.60 -11.15 24.36
CA GLN B 867 -16.76 -9.72 24.25
C GLN B 867 -16.81 -9.08 25.63
N GLU B 868 -17.43 -9.78 26.59
CA GLU B 868 -17.37 -9.33 27.97
C GLU B 868 -15.91 -9.19 28.39
N LYS B 869 -15.06 -10.12 27.93
CA LYS B 869 -13.64 -10.13 28.26
C LYS B 869 -12.93 -8.95 27.60
N VAL B 870 -13.42 -8.52 26.44
CA VAL B 870 -12.84 -7.34 25.82
C VAL B 870 -13.20 -6.12 26.66
N ASP B 871 -14.48 -6.02 27.06
CA ASP B 871 -14.99 -4.96 27.91
C ASP B 871 -14.06 -4.82 29.10
N GLU B 872 -13.86 -5.94 29.81
CA GLU B 872 -13.02 -6.03 30.98
C GLU B 872 -11.63 -5.46 30.67
N ALA B 873 -11.07 -5.87 29.51
CA ALA B 873 -9.68 -5.58 29.13
C ALA B 873 -9.48 -4.10 28.88
N TYR B 874 -10.50 -3.46 28.29
CA TYR B 874 -10.45 -2.07 27.89
C TYR B 874 -10.49 -1.16 29.12
N ARG B 875 -11.24 -1.60 30.15
CA ARG B 875 -11.40 -0.83 31.39
C ARG B 875 -10.03 -0.63 32.04
N ASP B 876 -9.19 -1.67 31.95
CA ASP B 876 -7.79 -1.55 32.33
C ASP B 876 -7.01 -0.96 31.16
N GLN B 877 -6.83 0.36 31.21
CA GLN B 877 -6.25 1.09 30.10
C GLN B 877 -4.75 0.79 30.00
N LYS B 878 -4.09 0.62 31.15
CA LYS B 878 -2.68 0.32 31.15
C LYS B 878 -2.43 -1.03 30.48
N ARG B 879 -3.21 -2.03 30.88
CA ARG B 879 -3.15 -3.36 30.30
C ARG B 879 -3.35 -3.23 28.80
N TRP B 880 -4.50 -2.67 28.42
CA TRP B 880 -4.95 -2.58 27.04
C TRP B 880 -3.86 -1.99 26.15
N THR B 881 -3.24 -0.88 26.61
CA THR B 881 -2.20 -0.18 25.87
C THR B 881 -1.00 -1.11 25.68
N THR B 882 -0.67 -1.86 26.71
CA THR B 882 0.44 -2.80 26.62
C THR B 882 0.10 -3.84 25.55
N MET B 883 -1.09 -4.43 25.65
CA MET B 883 -1.54 -5.42 24.69
C MET B 883 -1.35 -4.88 23.27
N SER B 884 -1.69 -3.61 23.09
CA SER B 884 -1.54 -2.92 21.81
C SER B 884 -0.08 -2.88 21.37
N ILE B 885 0.80 -2.39 22.25
CA ILE B 885 2.19 -2.15 21.91
C ILE B 885 2.84 -3.44 21.43
N LEU B 886 2.37 -4.55 21.99
CA LEU B 886 2.94 -5.85 21.70
C LEU B 886 2.44 -6.34 20.34
N ASN B 887 1.18 -6.02 20.01
CA ASN B 887 0.66 -6.37 18.70
C ASN B 887 1.64 -5.87 17.65
N THR B 888 2.10 -4.61 17.80
CA THR B 888 3.02 -3.95 16.88
C THR B 888 4.39 -4.63 16.89
N ALA B 889 4.90 -4.89 18.10
CA ALA B 889 6.21 -5.47 18.28
C ALA B 889 6.32 -6.83 17.60
N GLY B 890 5.19 -7.54 17.48
CA GLY B 890 5.19 -8.92 17.02
C GLY B 890 4.76 -9.09 15.57
N SER B 891 4.87 -8.04 14.78
CA SER B 891 4.30 -8.02 13.45
C SER B 891 5.37 -8.35 12.42
N TYR B 892 6.62 -8.05 12.77
CA TYR B 892 7.67 -7.75 11.83
C TYR B 892 7.91 -8.88 10.82
N LYS B 893 7.28 -10.04 11.08
CA LYS B 893 7.48 -11.21 10.26
C LYS B 893 6.38 -11.26 9.20
N PHE B 894 5.46 -10.30 9.25
CA PHE B 894 4.38 -10.20 8.28
C PHE B 894 4.65 -9.08 7.27
N SER B 895 5.90 -8.60 7.25
CA SER B 895 6.36 -7.74 6.18
C SER B 895 6.39 -8.55 4.88
N SER B 896 5.82 -8.01 3.82
CA SER B 896 5.86 -8.69 2.54
C SER B 896 7.32 -8.90 2.12
N ASP B 897 8.21 -8.04 2.62
CA ASP B 897 9.64 -8.11 2.34
C ASP B 897 10.15 -9.53 2.56
N ARG B 898 9.75 -10.08 3.71
CA ARG B 898 10.08 -11.44 4.12
C ARG B 898 9.46 -12.43 3.12
N THR B 899 8.14 -12.34 2.93
CA THR B 899 7.41 -13.26 2.07
C THR B 899 8.05 -13.33 0.70
N ILE B 900 8.46 -12.17 0.16
CA ILE B 900 9.05 -12.09 -1.17
C ILE B 900 10.44 -12.72 -1.16
N HIS B 901 11.33 -12.22 -0.30
CA HIS B 901 12.65 -12.81 -0.14
C HIS B 901 12.57 -14.32 -0.31
N GLU B 902 11.56 -14.91 0.35
CA GLU B 902 11.29 -16.35 0.34
C GLU B 902 10.93 -16.80 -1.08
N TYR B 903 9.96 -16.12 -1.71
CA TYR B 903 9.58 -16.45 -3.08
C TYR B 903 10.80 -16.29 -3.98
N ALA B 904 11.53 -15.17 -3.81
CA ALA B 904 12.61 -14.77 -4.69
C ALA B 904 13.74 -15.80 -4.68
N LYS B 905 13.99 -16.35 -3.48
CA LYS B 905 15.12 -17.23 -3.23
C LYS B 905 14.74 -18.70 -3.45
N ASP B 906 13.50 -19.07 -3.11
CA ASP B 906 13.11 -20.46 -3.01
C ASP B 906 12.16 -20.89 -4.14
N ILE B 907 11.75 -19.97 -5.01
CA ILE B 907 10.90 -20.37 -6.13
C ILE B 907 11.46 -19.82 -7.44
N TRP B 908 11.73 -18.52 -7.49
CA TRP B 908 12.04 -17.89 -8.77
C TRP B 908 13.53 -18.02 -9.05
N ASN B 909 14.33 -17.92 -8.00
CA ASN B 909 15.77 -17.92 -8.16
C ASN B 909 16.18 -16.64 -8.87
N ILE B 910 16.06 -15.51 -8.16
CA ILE B 910 16.46 -14.21 -8.66
C ILE B 910 17.28 -13.50 -7.60
N GLU B 911 18.37 -12.84 -8.04
CA GLU B 911 19.24 -12.05 -7.18
C GLU B 911 18.88 -10.58 -7.33
N ALA B 912 19.29 -9.75 -6.37
CA ALA B 912 19.02 -8.32 -6.39
C ALA B 912 19.70 -7.66 -7.60
N VAL B 913 19.22 -6.46 -8.00
CA VAL B 913 19.91 -5.65 -8.98
C VAL B 913 20.01 -4.20 -8.49
N GLU B 914 21.26 -3.78 -8.22
CA GLU B 914 21.58 -2.42 -7.83
C GLU B 914 21.50 -1.53 -9.06
N ILE B 915 20.93 -0.33 -8.84
CA ILE B 915 20.61 0.61 -9.89
C ILE B 915 21.37 1.91 -9.61
N ALA B 916 22.47 2.08 -10.35
CA ALA B 916 23.49 3.09 -10.13
C ALA B 916 22.90 4.50 -10.27
N ALA C 23 11.57 33.95 -27.19
CA ALA C 23 11.99 33.42 -28.52
C ALA C 23 12.72 32.08 -28.32
N PRO C 24 12.11 30.94 -28.73
CA PRO C 24 12.84 29.66 -28.83
C PRO C 24 13.89 29.69 -29.95
N ASP C 25 15.03 29.04 -29.71
CA ASP C 25 16.09 28.81 -30.70
C ASP C 25 16.20 27.30 -30.97
N ALA C 26 16.88 26.93 -32.07
CA ALA C 26 17.01 25.55 -32.49
C ALA C 26 17.37 24.64 -31.31
N ALA C 27 18.24 25.13 -30.42
CA ALA C 27 18.78 24.36 -29.30
C ALA C 27 17.69 24.15 -28.23
N SER C 28 16.92 25.20 -27.93
CA SER C 28 15.82 25.11 -26.98
C SER C 28 14.79 24.10 -27.46
N ILE C 29 14.53 24.09 -28.77
CA ILE C 29 13.55 23.21 -29.38
C ILE C 29 14.02 21.76 -29.24
N THR C 30 15.31 21.51 -29.56
CA THR C 30 15.86 20.17 -29.44
C THR C 30 15.57 19.61 -28.04
N SER C 31 15.76 20.45 -27.02
CA SER C 31 15.51 20.14 -25.63
C SER C 31 14.04 19.79 -25.39
N SER C 32 13.16 20.55 -26.03
CA SER C 32 11.72 20.36 -25.91
C SER C 32 11.32 19.01 -26.50
N ILE C 33 11.87 18.68 -27.68
CA ILE C 33 11.56 17.44 -28.36
C ILE C 33 11.99 16.26 -27.49
N LYS C 34 13.22 16.34 -26.98
CA LYS C 34 13.76 15.31 -26.10
C LYS C 34 12.82 15.17 -24.90
N TYR C 35 12.55 16.29 -24.23
CA TYR C 35 11.77 16.33 -23.00
C TYR C 35 10.47 15.54 -23.14
N HIS C 36 9.73 15.80 -24.23
CA HIS C 36 8.43 15.18 -24.45
C HIS C 36 8.61 13.71 -24.82
N ALA C 37 9.67 13.41 -25.58
CA ALA C 37 9.94 12.07 -26.08
C ALA C 37 10.05 11.08 -24.92
N GLU C 38 10.40 11.62 -23.75
CA GLU C 38 10.72 10.85 -22.55
C GLU C 38 9.63 11.01 -21.49
N PHE C 39 9.09 12.23 -21.30
CA PHE C 39 8.36 12.55 -20.08
C PHE C 39 6.85 12.62 -20.28
N THR C 40 6.41 12.65 -21.54
CA THR C 40 5.01 12.50 -21.89
C THR C 40 4.94 11.57 -23.09
N PRO C 41 5.33 10.29 -22.95
CA PRO C 41 5.53 9.44 -24.12
C PRO C 41 4.28 8.62 -24.45
N VAL C 42 4.27 8.06 -25.66
CA VAL C 42 3.20 7.18 -26.14
C VAL C 42 3.82 5.97 -26.81
N PHE C 43 5.11 5.71 -26.51
CA PHE C 43 5.79 4.55 -27.05
C PHE C 43 6.75 3.96 -26.00
N SER C 44 7.36 2.82 -26.34
CA SER C 44 8.46 2.25 -25.57
C SER C 44 9.70 3.12 -25.74
N PRO C 45 10.63 3.11 -24.76
CA PRO C 45 11.71 4.10 -24.73
C PRO C 45 12.88 3.75 -25.64
N GLU C 46 12.75 2.67 -26.40
CA GLU C 46 13.82 2.19 -27.27
C GLU C 46 13.85 2.95 -28.59
N ARG C 47 15.03 3.54 -28.88
CA ARG C 47 15.37 4.32 -30.06
C ARG C 47 14.33 5.39 -30.40
N PHE C 48 14.65 6.20 -31.42
CA PHE C 48 13.92 7.42 -31.75
C PHE C 48 13.42 7.33 -33.19
N GLU C 49 12.48 6.40 -33.42
CA GLU C 49 11.86 6.15 -34.72
C GLU C 49 10.92 7.29 -35.09
N LEU C 50 10.60 7.40 -36.38
CA LEU C 50 9.75 8.48 -36.90
C LEU C 50 8.52 8.67 -36.02
N PRO C 51 7.60 7.67 -35.87
CA PRO C 51 6.37 7.86 -35.12
C PRO C 51 6.58 8.61 -33.80
N LYS C 52 7.54 8.14 -33.00
CA LYS C 52 7.87 8.81 -31.75
C LYS C 52 8.33 10.24 -32.04
N ALA C 53 9.20 10.39 -33.07
CA ALA C 53 9.84 11.66 -33.39
C ALA C 53 8.80 12.72 -33.73
N PHE C 54 7.70 12.29 -34.36
CA PHE C 54 6.62 13.20 -34.70
C PHE C 54 5.98 13.70 -33.41
N PHE C 55 5.36 12.80 -32.65
CA PHE C 55 4.61 13.16 -31.47
C PHE C 55 5.42 14.08 -30.57
N ALA C 56 6.70 13.73 -30.40
CA ALA C 56 7.61 14.55 -29.60
C ALA C 56 7.71 15.94 -30.22
N THR C 57 7.90 16.00 -31.54
CA THR C 57 8.05 17.27 -32.23
C THR C 57 6.73 18.06 -32.15
N ALA C 58 5.61 17.35 -32.28
CA ALA C 58 4.29 17.96 -32.34
C ALA C 58 3.95 18.59 -30.99
N GLN C 59 4.18 17.83 -29.91
CA GLN C 59 3.89 18.28 -28.57
C GLN C 59 4.81 19.44 -28.21
N SER C 60 6.01 19.46 -28.80
CA SER C 60 6.96 20.55 -28.61
C SER C 60 6.38 21.84 -29.18
N VAL C 61 5.79 21.74 -30.37
CA VAL C 61 5.08 22.83 -31.03
C VAL C 61 3.94 23.29 -30.11
N ARG C 62 3.16 22.33 -29.61
CA ARG C 62 1.89 22.58 -28.94
C ARG C 62 2.10 23.35 -27.65
N ASP C 63 3.29 23.21 -27.07
CA ASP C 63 3.73 24.03 -25.95
C ASP C 63 3.62 25.49 -26.36
N SER C 64 4.18 25.84 -27.53
CA SER C 64 4.15 27.20 -28.04
C SER C 64 2.69 27.62 -28.26
N LEU C 65 1.95 26.77 -28.98
CA LEU C 65 0.57 27.05 -29.36
C LEU C 65 -0.26 27.41 -28.13
N LEU C 66 0.03 26.76 -27.00
CA LEU C 66 -0.75 26.98 -25.79
C LEU C 66 -0.49 28.38 -25.21
N ILE C 67 0.78 28.78 -25.13
CA ILE C 67 1.16 30.08 -24.56
C ILE C 67 0.30 31.16 -25.20
N ASN C 68 0.14 31.06 -26.53
CA ASN C 68 -0.57 32.04 -27.32
C ASN C 68 -2.07 31.87 -27.14
N TRP C 69 -2.54 30.61 -27.10
CA TRP C 69 -3.95 30.31 -26.94
C TRP C 69 -4.44 30.92 -25.63
N ASN C 70 -3.56 30.91 -24.63
CA ASN C 70 -3.87 31.47 -23.32
C ASN C 70 -3.79 32.99 -23.40
N ALA C 71 -2.68 33.50 -23.92
CA ALA C 71 -2.50 34.93 -24.11
C ALA C 71 -3.75 35.54 -24.75
N THR C 72 -4.28 34.84 -25.77
CA THR C 72 -5.43 35.24 -26.57
C THR C 72 -6.71 35.12 -25.76
N TYR C 73 -6.88 33.97 -25.10
CA TYR C 73 -8.04 33.69 -24.28
C TYR C 73 -8.28 34.81 -23.27
N ASP C 74 -7.21 35.18 -22.55
CA ASP C 74 -7.28 36.20 -21.51
C ASP C 74 -7.83 37.51 -22.05
N ILE C 75 -7.24 37.96 -23.17
CA ILE C 75 -7.62 39.25 -23.72
C ILE C 75 -9.10 39.23 -24.11
N TYR C 76 -9.49 38.26 -24.96
CA TYR C 76 -10.88 38.12 -25.40
C TYR C 76 -11.84 38.09 -24.21
N GLU C 77 -11.34 37.61 -23.07
CA GLU C 77 -12.14 37.45 -21.87
C GLU C 77 -12.30 38.77 -21.13
N LYS C 78 -11.17 39.49 -20.95
CA LYS C 78 -11.11 40.72 -20.17
C LYS C 78 -11.76 41.88 -20.92
N LEU C 79 -11.47 41.99 -22.22
CA LEU C 79 -11.96 43.05 -23.10
C LEU C 79 -13.47 42.96 -23.24
N ASN C 80 -13.97 41.74 -23.45
CA ASN C 80 -15.39 41.43 -23.51
C ASN C 80 -16.00 41.98 -24.81
N MET C 81 -15.17 42.15 -25.85
CA MET C 81 -15.71 42.64 -27.11
C MET C 81 -16.52 41.53 -27.79
N LYS C 82 -17.11 41.85 -28.93
CA LYS C 82 -17.89 40.89 -29.70
C LYS C 82 -16.95 39.77 -30.15
N GLN C 83 -17.55 38.59 -30.38
CA GLN C 83 -16.83 37.39 -30.83
C GLN C 83 -17.74 36.67 -31.81
N ALA C 84 -17.13 36.02 -32.79
CA ALA C 84 -17.91 35.33 -33.79
C ALA C 84 -17.73 33.83 -33.62
N TYR C 85 -18.74 33.07 -34.05
CA TYR C 85 -18.75 31.63 -33.85
C TYR C 85 -19.19 30.94 -35.13
N TYR C 86 -18.21 30.39 -35.87
CA TYR C 86 -18.45 29.77 -37.16
C TYR C 86 -18.85 28.31 -36.96
N LEU C 87 -20.11 27.98 -37.23
CA LEU C 87 -20.63 26.64 -37.01
C LEU C 87 -20.67 25.87 -38.32
N SER C 88 -20.18 24.62 -38.29
CA SER C 88 -20.01 23.80 -39.48
C SER C 88 -20.01 22.32 -39.10
N MET C 89 -20.75 21.53 -39.88
CA MET C 89 -20.79 20.10 -39.69
C MET C 89 -19.43 19.49 -40.04
N GLU C 90 -18.60 20.23 -40.79
CA GLU C 90 -17.33 19.70 -41.22
C GLU C 90 -16.27 20.79 -41.32
N PHE C 91 -15.11 20.55 -40.72
CA PHE C 91 -13.89 21.28 -41.02
C PHE C 91 -12.87 20.30 -41.57
N LEU C 92 -12.11 20.72 -42.59
CA LEU C 92 -11.16 19.84 -43.26
C LEU C 92 -9.76 20.38 -43.05
N GLN C 93 -9.28 20.24 -41.81
CA GLN C 93 -8.12 20.96 -41.32
C GLN C 93 -6.84 20.45 -41.99
N GLY C 94 -6.78 19.15 -42.31
CA GLY C 94 -5.57 18.53 -42.86
C GLY C 94 -4.44 18.45 -41.82
N ARG C 95 -3.19 18.44 -42.32
CA ARG C 95 -2.03 18.34 -41.44
C ARG C 95 -1.75 19.69 -40.80
N ALA C 96 -1.58 19.69 -39.48
CA ALA C 96 -1.45 20.95 -38.74
C ALA C 96 0.01 21.37 -38.64
N LEU C 97 0.92 20.41 -38.77
CA LEU C 97 2.28 20.56 -38.28
C LEU C 97 3.04 21.67 -39.01
N LEU C 98 3.18 21.53 -40.32
CA LEU C 98 4.12 22.41 -41.00
C LEU C 98 3.61 23.85 -40.98
N ASN C 99 2.28 24.03 -40.96
CA ASN C 99 1.63 25.34 -40.97
C ASN C 99 1.74 25.99 -39.60
N ALA C 100 1.60 25.18 -38.55
CA ALA C 100 1.79 25.63 -37.19
C ALA C 100 3.19 26.20 -37.00
N ILE C 101 4.21 25.49 -37.51
CA ILE C 101 5.59 25.92 -37.33
C ILE C 101 5.89 27.07 -38.29
N GLY C 102 5.24 27.04 -39.46
CA GLY C 102 5.35 28.10 -40.44
C GLY C 102 4.93 29.45 -39.86
N ASN C 103 3.68 29.52 -39.37
CA ASN C 103 3.10 30.71 -38.77
C ASN C 103 3.95 31.16 -37.58
N LEU C 104 4.49 30.22 -36.82
CA LEU C 104 5.26 30.60 -35.65
C LEU C 104 6.59 31.20 -36.09
N GLU C 105 6.94 30.97 -37.35
CA GLU C 105 8.22 31.39 -37.93
C GLU C 105 9.34 30.62 -37.26
N LEU C 106 9.29 29.29 -37.37
CA LEU C 106 10.28 28.43 -36.72
C LEU C 106 10.60 27.24 -37.62
N THR C 107 10.14 27.30 -38.88
CA THR C 107 10.37 26.24 -39.86
C THR C 107 11.85 25.87 -39.87
N GLY C 108 12.71 26.85 -39.56
CA GLY C 108 14.17 26.68 -39.60
C GLY C 108 14.78 26.13 -38.31
N ALA C 109 14.24 26.58 -37.17
CA ALA C 109 14.70 26.10 -35.88
C ALA C 109 14.33 24.63 -35.70
N PHE C 110 13.12 24.27 -36.15
CA PHE C 110 12.57 22.93 -35.98
C PHE C 110 13.25 21.94 -36.91
N ALA C 111 13.59 22.38 -38.14
CA ALA C 111 14.27 21.53 -39.10
C ALA C 111 15.71 21.26 -38.68
N GLU C 112 16.29 22.15 -37.86
CA GLU C 112 17.65 22.02 -37.37
C GLU C 112 17.67 21.11 -36.14
N ALA C 113 16.69 21.30 -35.25
CA ALA C 113 16.54 20.50 -34.04
C ALA C 113 16.25 19.04 -34.37
N LEU C 114 15.53 18.82 -35.49
CA LEU C 114 15.21 17.47 -35.95
C LEU C 114 16.42 16.85 -36.66
N LYS C 115 17.33 17.67 -37.18
CA LYS C 115 18.57 17.15 -37.75
C LYS C 115 19.50 16.70 -36.64
N ASN C 116 19.51 17.48 -35.55
CA ASN C 116 20.21 17.12 -34.32
C ASN C 116 19.76 15.75 -33.84
N LEU C 117 18.46 15.46 -33.96
CA LEU C 117 17.92 14.19 -33.50
C LEU C 117 17.80 13.21 -34.66
N GLY C 118 18.66 13.41 -35.68
CA GLY C 118 18.87 12.47 -36.77
C GLY C 118 17.66 12.30 -37.68
N HIS C 119 16.87 13.38 -37.80
CA HIS C 119 15.71 13.39 -38.68
C HIS C 119 15.80 14.58 -39.64
N ASN C 120 14.84 14.65 -40.59
CA ASN C 120 14.54 15.88 -41.31
C ASN C 120 13.04 16.16 -41.21
N LEU C 121 12.67 17.44 -41.30
CA LEU C 121 11.34 17.92 -40.94
C LEU C 121 10.30 17.26 -41.83
N GLU C 122 10.60 17.10 -43.12
CA GLU C 122 9.56 16.67 -44.04
C GLU C 122 9.25 15.19 -43.82
N ASN C 123 10.24 14.43 -43.37
CA ASN C 123 10.02 13.03 -43.06
C ASN C 123 9.27 12.90 -41.75
N VAL C 124 9.40 13.91 -40.88
CA VAL C 124 8.68 13.93 -39.63
C VAL C 124 7.23 14.32 -39.91
N ALA C 125 7.02 15.26 -40.82
CA ALA C 125 5.69 15.70 -41.16
C ALA C 125 4.95 14.58 -41.89
N SER C 126 5.73 13.72 -42.56
CA SER C 126 5.17 12.59 -43.30
C SER C 126 4.26 11.78 -42.39
N GLN C 127 4.63 11.65 -41.11
CA GLN C 127 3.97 10.75 -40.19
C GLN C 127 2.52 11.20 -39.96
N GLU C 128 2.36 12.42 -39.45
CA GLU C 128 1.06 12.99 -39.10
C GLU C 128 -0.02 12.53 -40.08
N PRO C 129 -1.16 12.00 -39.59
CA PRO C 129 -2.30 11.74 -40.46
C PRO C 129 -3.04 13.05 -40.72
N ASP C 130 -3.79 13.12 -41.83
CA ASP C 130 -4.72 14.20 -42.03
C ASP C 130 -5.87 14.03 -41.03
N ALA C 131 -6.06 15.02 -40.16
CA ALA C 131 -7.11 14.97 -39.16
C ALA C 131 -8.47 15.03 -39.86
N ALA C 132 -9.19 13.90 -39.91
CA ALA C 132 -10.39 13.75 -40.74
C ALA C 132 -11.68 14.16 -39.99
N LEU C 133 -11.98 15.47 -40.01
CA LEU C 133 -13.15 16.07 -39.36
C LEU C 133 -14.09 16.72 -40.38
N GLY C 134 -13.88 16.44 -41.67
CA GLY C 134 -14.59 17.08 -42.77
C GLY C 134 -14.44 16.32 -44.10
N ASN C 135 -14.92 16.88 -45.20
CA ASN C 135 -14.95 16.15 -46.45
C ASN C 135 -14.65 17.07 -47.64
N GLY C 136 -15.55 18.05 -47.87
CA GLY C 136 -15.54 18.83 -49.10
C GLY C 136 -15.18 20.30 -48.87
N GLY C 137 -15.29 21.09 -49.94
CA GLY C 137 -15.03 22.51 -49.85
C GLY C 137 -15.67 23.09 -48.59
N LEU C 138 -16.90 22.66 -48.31
CA LEU C 138 -17.67 23.20 -47.20
C LEU C 138 -16.76 23.24 -45.99
N GLY C 139 -16.12 22.10 -45.74
CA GLY C 139 -15.09 22.00 -44.73
C GLY C 139 -13.90 22.92 -45.04
N ARG C 140 -13.28 22.73 -46.21
CA ARG C 140 -11.99 23.35 -46.48
C ARG C 140 -12.14 24.87 -46.40
N LEU C 141 -13.27 25.38 -46.89
CA LEU C 141 -13.56 26.78 -46.68
C LEU C 141 -13.42 27.07 -45.18
N ALA C 142 -14.32 26.46 -44.39
CA ALA C 142 -14.42 26.74 -42.96
C ALA C 142 -13.03 26.73 -42.33
N SER C 143 -12.18 25.81 -42.80
CA SER C 143 -10.80 25.70 -42.36
C SER C 143 -10.02 26.93 -42.76
N CYS C 144 -9.92 27.18 -44.08
CA CYS C 144 -9.21 28.35 -44.58
C CYS C 144 -9.58 29.57 -43.73
N PHE C 145 -10.89 29.73 -43.46
CA PHE C 145 -11.45 30.87 -42.77
C PHE C 145 -10.81 31.05 -41.40
N LEU C 146 -10.71 29.94 -40.65
CA LEU C 146 -10.15 29.99 -39.33
C LEU C 146 -8.71 30.48 -39.41
N ASP C 147 -7.99 30.05 -40.46
CA ASP C 147 -6.63 30.50 -40.70
C ASP C 147 -6.62 32.03 -40.69
N SER C 148 -7.44 32.62 -41.56
CA SER C 148 -7.54 34.06 -41.70
C SER C 148 -7.93 34.66 -40.34
N LEU C 149 -9.12 34.29 -39.86
CA LEU C 149 -9.70 34.84 -38.66
C LEU C 149 -8.63 35.04 -37.60
N ALA C 150 -7.68 34.10 -37.51
CA ALA C 150 -6.63 34.17 -36.52
C ALA C 150 -5.45 34.99 -37.04
N THR C 151 -5.15 34.88 -38.34
CA THR C 151 -4.03 35.60 -38.90
C THR C 151 -4.24 37.09 -38.71
N LEU C 152 -5.51 37.51 -38.83
CA LEU C 152 -5.81 38.93 -38.89
C LEU C 152 -6.41 39.41 -37.56
N ASN C 153 -6.39 38.56 -36.54
CA ASN C 153 -6.62 38.97 -35.17
C ASN C 153 -8.10 39.21 -34.89
N TYR C 154 -8.99 38.50 -35.59
CA TYR C 154 -10.43 38.67 -35.41
C TYR C 154 -10.98 37.68 -34.39
N PRO C 155 -11.48 38.13 -33.20
CA PRO C 155 -12.11 37.23 -32.23
C PRO C 155 -13.26 36.37 -32.76
N ALA C 156 -12.94 35.10 -33.06
CA ALA C 156 -13.88 34.12 -33.55
C ALA C 156 -13.32 32.71 -33.37
N TRP C 157 -14.21 31.77 -32.97
CA TRP C 157 -13.88 30.36 -32.86
C TRP C 157 -14.65 29.58 -33.92
N GLY C 158 -14.19 28.35 -34.21
CA GLY C 158 -14.99 27.39 -34.96
C GLY C 158 -15.58 26.34 -34.01
N TYR C 159 -16.83 25.92 -34.28
CA TYR C 159 -17.46 24.84 -33.53
C TYR C 159 -17.81 23.72 -34.51
N GLY C 160 -17.47 22.48 -34.12
CA GLY C 160 -17.70 21.32 -34.98
C GLY C 160 -17.86 20.03 -34.19
N LEU C 161 -18.22 18.96 -34.90
CA LEU C 161 -18.21 17.64 -34.29
C LEU C 161 -16.82 17.05 -34.47
N ARG C 162 -16.40 16.25 -33.48
CA ARG C 162 -15.12 15.55 -33.45
C ARG C 162 -15.32 14.13 -33.95
N TYR C 163 -15.08 13.93 -35.24
CA TYR C 163 -15.38 12.67 -35.91
C TYR C 163 -14.25 11.66 -35.65
N LYS C 164 -14.63 10.45 -35.21
CA LYS C 164 -13.67 9.41 -34.90
C LYS C 164 -13.06 8.88 -36.19
N TYR C 165 -13.95 8.49 -37.11
CA TYR C 165 -13.55 7.70 -38.27
C TYR C 165 -13.70 8.51 -39.56
N GLY C 166 -13.71 9.84 -39.44
CA GLY C 166 -13.86 10.72 -40.60
C GLY C 166 -15.10 10.34 -41.42
N LEU C 167 -14.98 10.39 -42.74
CA LEU C 167 -16.02 9.87 -43.61
C LEU C 167 -15.58 8.50 -44.10
N PHE C 168 -14.45 8.45 -44.82
CA PHE C 168 -13.75 7.19 -45.07
C PHE C 168 -12.41 7.44 -45.75
N LYS C 169 -11.61 6.38 -45.81
CA LYS C 169 -10.38 6.34 -46.57
C LYS C 169 -10.65 5.53 -47.82
N GLN C 170 -10.03 5.94 -48.92
CA GLN C 170 -10.25 5.29 -50.20
C GLN C 170 -9.08 4.34 -50.49
N ARG C 171 -9.42 3.10 -50.89
CA ARG C 171 -8.42 2.16 -51.39
C ARG C 171 -8.69 1.93 -52.87
N ILE C 172 -7.64 2.05 -53.68
CA ILE C 172 -7.77 1.79 -55.10
C ILE C 172 -7.15 0.43 -55.40
N THR C 173 -8.00 -0.49 -55.87
CA THR C 173 -7.61 -1.88 -56.05
C THR C 173 -7.92 -2.30 -57.48
N LYS C 174 -7.74 -3.60 -57.76
CA LYS C 174 -8.05 -4.14 -59.07
C LYS C 174 -9.54 -3.95 -59.37
N ASP C 175 -10.37 -3.92 -58.33
CA ASP C 175 -11.82 -3.83 -58.50
C ASP C 175 -12.28 -2.38 -58.50
N GLY C 176 -11.40 -1.48 -58.03
CA GLY C 176 -11.70 -0.06 -58.01
C GLY C 176 -11.59 0.53 -56.60
N GLN C 177 -12.63 1.29 -56.22
CA GLN C 177 -12.63 1.93 -54.91
C GLN C 177 -13.18 0.96 -53.87
N GLU C 178 -12.45 0.87 -52.75
CA GLU C 178 -12.96 0.29 -51.53
C GLU C 178 -12.83 1.35 -50.43
N GLU C 179 -13.62 1.20 -49.37
CA GLU C 179 -13.71 2.20 -48.31
C GLU C 179 -13.37 1.56 -46.97
N VAL C 180 -12.48 2.21 -46.20
CA VAL C 180 -12.07 1.73 -44.89
C VAL C 180 -12.08 2.91 -43.92
N ALA C 181 -12.59 2.66 -42.71
CA ALA C 181 -12.73 3.70 -41.69
C ALA C 181 -11.37 4.32 -41.38
N GLU C 182 -11.37 5.64 -41.15
CA GLU C 182 -10.12 6.40 -40.97
C GLU C 182 -9.50 6.04 -39.63
N ASP C 183 -8.18 6.24 -39.53
CA ASP C 183 -7.41 5.71 -38.42
C ASP C 183 -6.73 6.87 -37.70
N TRP C 184 -7.20 8.09 -37.96
CA TRP C 184 -6.45 9.26 -37.56
C TRP C 184 -6.33 9.34 -36.04
N LEU C 185 -7.33 8.80 -35.32
CA LEU C 185 -7.36 8.87 -33.86
C LEU C 185 -6.92 7.55 -33.26
N GLU C 186 -6.32 6.69 -34.09
CA GLU C 186 -5.84 5.36 -33.71
C GLU C 186 -4.96 5.46 -32.46
N ILE C 187 -4.03 6.40 -32.48
CA ILE C 187 -3.11 6.60 -31.38
C ILE C 187 -3.64 7.74 -30.51
N GLY C 188 -4.53 8.54 -31.11
CA GLY C 188 -4.97 9.82 -30.53
C GLY C 188 -4.23 10.99 -31.18
N SER C 189 -4.79 12.19 -31.04
CA SER C 189 -4.24 13.34 -31.73
C SER C 189 -3.35 14.17 -30.80
N PRO C 190 -2.13 14.53 -31.24
CA PRO C 190 -1.18 15.25 -30.39
C PRO C 190 -1.52 16.73 -30.26
N TRP C 191 -2.47 17.18 -31.07
CA TRP C 191 -2.82 18.59 -31.07
C TRP C 191 -3.88 18.86 -30.02
N GLU C 192 -4.97 18.10 -30.06
CA GLU C 192 -6.17 18.44 -29.31
C GLU C 192 -5.90 18.51 -27.81
N VAL C 193 -6.57 19.45 -27.13
CA VAL C 193 -6.46 19.67 -25.70
C VAL C 193 -7.84 19.49 -25.07
N VAL C 194 -7.99 18.45 -24.25
CA VAL C 194 -9.30 18.05 -23.77
C VAL C 194 -9.64 18.84 -22.52
N ARG C 195 -10.81 19.49 -22.54
CA ARG C 195 -11.34 20.23 -21.40
C ARG C 195 -12.47 19.43 -20.77
N ASN C 196 -12.17 18.77 -19.64
CA ASN C 196 -13.07 17.86 -18.96
C ASN C 196 -14.08 18.62 -18.10
N ASP C 197 -13.76 19.89 -17.81
CA ASP C 197 -14.63 20.75 -17.04
C ASP C 197 -15.53 21.53 -17.98
N VAL C 198 -15.46 21.18 -19.27
CA VAL C 198 -16.33 21.76 -20.28
C VAL C 198 -17.22 20.65 -20.83
N SER C 199 -18.33 20.44 -20.12
CA SER C 199 -19.35 19.53 -20.62
C SER C 199 -20.73 20.15 -20.48
N TYR C 200 -21.54 19.94 -21.51
CA TYR C 200 -22.89 20.46 -21.55
C TYR C 200 -23.87 19.32 -21.77
N PRO C 201 -25.04 19.35 -21.10
CA PRO C 201 -26.04 18.29 -21.23
C PRO C 201 -26.89 18.46 -22.49
N ILE C 202 -27.01 17.37 -23.24
CA ILE C 202 -27.83 17.32 -24.44
C ILE C 202 -29.01 16.40 -24.13
N LYS C 203 -30.13 16.60 -24.85
CA LYS C 203 -31.34 15.84 -24.57
C LYS C 203 -32.04 15.50 -25.88
N PHE C 204 -32.61 14.29 -25.94
CA PHE C 204 -33.43 13.85 -27.06
C PHE C 204 -34.73 13.27 -26.52
N TYR C 205 -35.75 13.14 -27.40
CA TYR C 205 -37.05 12.54 -27.09
C TYR C 205 -37.71 13.23 -25.89
N GLY C 206 -38.56 12.50 -25.16
CA GLY C 206 -39.18 13.01 -23.95
C GLY C 206 -40.36 13.95 -24.23
N LYS C 207 -40.80 14.71 -23.21
CA LYS C 207 -42.05 15.44 -23.28
C LYS C 207 -41.91 16.85 -22.68
N VAL C 208 -42.90 17.72 -22.98
CA VAL C 208 -42.92 19.10 -22.48
C VAL C 208 -44.22 19.32 -21.69
N SER C 209 -44.18 20.30 -20.77
CA SER C 209 -45.26 20.60 -19.85
C SER C 209 -45.03 21.98 -19.23
N THR C 210 -46.11 22.59 -18.72
CA THR C 210 -46.00 23.98 -18.27
C THR C 210 -46.03 24.07 -16.75
N GLY C 211 -44.95 24.65 -16.20
CA GLY C 211 -44.78 24.85 -14.78
C GLY C 211 -45.69 25.94 -14.24
N SER C 212 -45.89 25.90 -12.92
CA SER C 212 -46.83 26.78 -12.22
C SER C 212 -46.20 28.16 -12.01
N ASP C 213 -45.00 28.35 -12.58
CA ASP C 213 -44.30 29.63 -12.55
C ASP C 213 -44.54 30.35 -13.88
N GLY C 214 -44.96 29.56 -14.88
CA GLY C 214 -45.22 30.07 -16.22
C GLY C 214 -43.95 30.05 -17.08
N LYS C 215 -43.21 28.94 -16.99
CA LYS C 215 -42.25 28.53 -18.01
C LYS C 215 -42.61 27.12 -18.49
N ARG C 216 -42.03 26.74 -19.62
CA ARG C 216 -42.22 25.37 -20.14
C ARG C 216 -41.07 24.53 -19.60
N TYR C 217 -41.29 23.22 -19.48
CA TYR C 217 -40.33 22.27 -18.95
C TYR C 217 -40.30 21.05 -19.87
N TRP C 218 -39.12 20.81 -20.45
CA TRP C 218 -38.89 19.65 -21.29
C TRP C 218 -38.06 18.65 -20.49
N ILE C 219 -38.67 17.49 -20.19
CA ILE C 219 -38.06 16.44 -19.38
C ILE C 219 -38.17 15.09 -20.10
N GLY C 220 -37.52 14.07 -19.53
CA GLY C 220 -37.64 12.70 -20.02
C GLY C 220 -36.73 12.43 -21.23
N GLY C 221 -37.05 11.35 -21.95
CA GLY C 221 -36.26 10.92 -23.10
C GLY C 221 -34.86 10.45 -22.69
N GLU C 222 -33.84 10.95 -23.38
CA GLU C 222 -32.45 10.59 -23.14
C GLU C 222 -31.67 11.84 -22.72
N ASP C 223 -30.70 11.65 -21.82
CA ASP C 223 -29.72 12.68 -21.53
C ASP C 223 -28.35 12.12 -21.89
N ILE C 224 -27.53 12.95 -22.57
CA ILE C 224 -26.15 12.63 -22.84
C ILE C 224 -25.30 13.88 -22.60
N LYS C 225 -23.98 13.74 -22.80
CA LYS C 225 -23.05 14.82 -22.51
C LYS C 225 -22.30 15.18 -23.80
N ALA C 226 -21.84 16.43 -23.87
CA ALA C 226 -20.96 16.87 -24.93
C ALA C 226 -19.77 17.55 -24.29
N VAL C 227 -18.57 17.11 -24.69
CA VAL C 227 -17.36 17.56 -24.01
C VAL C 227 -16.44 18.24 -25.00
N ALA C 228 -15.86 19.35 -24.55
CA ALA C 228 -15.07 20.19 -25.42
C ALA C 228 -13.67 19.63 -25.60
N TYR C 229 -13.22 19.62 -26.85
CA TYR C 229 -11.82 19.47 -27.21
C TYR C 229 -11.41 20.65 -28.06
N ASP C 230 -10.40 21.40 -27.60
CA ASP C 230 -9.94 22.58 -28.31
C ASP C 230 -8.79 22.20 -29.23
N VAL C 231 -8.93 22.49 -30.53
CA VAL C 231 -7.86 22.42 -31.50
C VAL C 231 -7.37 23.84 -31.73
N PRO C 232 -6.14 24.22 -31.31
CA PRO C 232 -5.67 25.59 -31.47
C PRO C 232 -5.50 25.92 -32.95
N ILE C 233 -5.73 27.17 -33.32
CA ILE C 233 -5.35 27.68 -34.63
C ILE C 233 -4.51 28.93 -34.42
N PRO C 234 -3.27 28.94 -34.92
CA PRO C 234 -2.40 30.10 -34.80
C PRO C 234 -2.46 30.89 -36.10
N GLY C 235 -2.17 32.19 -36.02
CA GLY C 235 -2.17 33.07 -37.17
C GLY C 235 -0.77 33.31 -37.72
N TYR C 236 -0.69 33.63 -39.02
CA TYR C 236 0.57 33.93 -39.65
C TYR C 236 1.14 35.21 -39.05
N LYS C 237 2.30 35.06 -38.38
CA LYS C 237 3.13 36.13 -37.86
C LYS C 237 2.43 36.89 -36.74
N THR C 238 1.48 36.25 -36.07
CA THR C 238 0.75 36.88 -34.98
C THR C 238 0.64 35.93 -33.81
N ARG C 239 0.29 36.49 -32.65
CA ARG C 239 0.06 35.74 -31.42
C ARG C 239 -1.39 35.29 -31.35
N THR C 240 -2.25 35.91 -32.16
CA THR C 240 -3.67 35.62 -32.10
C THR C 240 -3.89 34.14 -32.43
N THR C 241 -4.36 33.40 -31.42
CA THR C 241 -4.55 31.97 -31.53
C THR C 241 -5.94 31.61 -31.01
N ILE C 242 -6.78 31.16 -31.93
CA ILE C 242 -8.18 30.94 -31.62
C ILE C 242 -8.40 29.45 -31.53
N SER C 243 -9.67 29.03 -31.40
CA SER C 243 -10.00 27.64 -31.20
C SER C 243 -10.85 27.07 -32.34
N LEU C 244 -10.66 25.78 -32.62
CA LEU C 244 -11.66 24.97 -33.31
C LEU C 244 -12.17 23.94 -32.32
N ARG C 245 -13.13 24.36 -31.48
CA ARG C 245 -13.66 23.57 -30.39
C ARG C 245 -14.59 22.50 -30.94
N LEU C 246 -14.14 21.24 -30.91
CA LEU C 246 -14.90 20.10 -31.40
C LEU C 246 -15.59 19.40 -30.24
N TRP C 247 -16.83 18.97 -30.49
CA TRP C 247 -17.62 18.32 -29.45
C TRP C 247 -17.46 16.81 -29.55
N SER C 248 -17.45 16.15 -28.39
CA SER C 248 -17.45 14.69 -28.33
C SER C 248 -18.57 14.24 -27.39
N THR C 249 -19.42 13.36 -27.93
CA THR C 249 -20.62 12.89 -27.25
C THR C 249 -20.32 11.59 -26.53
N GLN C 250 -20.84 11.48 -25.29
CA GLN C 250 -20.63 10.33 -24.43
C GLN C 250 -21.68 10.28 -23.33
N VAL C 251 -21.50 9.34 -22.42
CA VAL C 251 -22.36 9.11 -21.28
C VAL C 251 -21.47 9.05 -20.04
N PRO C 252 -21.91 9.50 -18.83
CA PRO C 252 -21.12 9.31 -17.60
C PRO C 252 -21.06 7.82 -17.29
N SER C 253 -19.94 7.36 -16.72
CA SER C 253 -19.69 5.95 -16.54
C SER C 253 -20.82 5.28 -15.77
N ALA C 254 -21.38 6.00 -14.79
CA ALA C 254 -22.47 5.52 -13.94
C ALA C 254 -23.60 4.91 -14.79
N ASP C 255 -23.61 5.24 -16.08
CA ASP C 255 -24.70 4.83 -16.97
C ASP C 255 -24.32 3.54 -17.68
N PHE C 256 -23.33 2.83 -17.12
CA PHE C 256 -23.03 1.48 -17.57
C PHE C 256 -23.87 0.52 -16.75
N ASP C 257 -24.65 -0.34 -17.40
CA ASP C 257 -25.60 -1.17 -16.68
C ASP C 257 -24.90 -2.41 -16.13
N LEU C 258 -24.55 -2.37 -14.85
CA LEU C 258 -23.89 -3.48 -14.18
C LEU C 258 -24.88 -4.64 -14.09
N SER C 259 -26.08 -4.33 -13.58
CA SER C 259 -27.17 -5.28 -13.44
C SER C 259 -27.28 -6.19 -14.67
N ALA C 260 -27.24 -5.58 -15.86
CA ALA C 260 -27.40 -6.33 -17.10
C ALA C 260 -26.11 -7.04 -17.49
N PHE C 261 -24.97 -6.32 -17.41
CA PHE C 261 -23.69 -6.88 -17.86
C PHE C 261 -23.43 -8.20 -17.14
N ASN C 262 -23.70 -8.22 -15.83
CA ASN C 262 -23.47 -9.36 -14.97
C ASN C 262 -24.53 -10.42 -15.19
N ALA C 263 -25.69 -10.00 -15.73
CA ALA C 263 -26.77 -10.91 -16.05
C ALA C 263 -26.44 -11.71 -17.31
N GLY C 264 -25.49 -11.18 -18.11
CA GLY C 264 -24.98 -11.85 -19.29
C GLY C 264 -25.11 -10.96 -20.52
N GLU C 265 -26.13 -10.07 -20.50
CA GLU C 265 -26.45 -9.25 -21.64
C GLU C 265 -25.45 -8.09 -21.74
N HIS C 266 -24.35 -8.33 -22.46
CA HIS C 266 -23.24 -7.39 -22.62
C HIS C 266 -23.61 -6.26 -23.57
N THR C 267 -24.26 -6.61 -24.68
CA THR C 267 -24.76 -5.63 -25.62
C THR C 267 -25.67 -4.65 -24.88
N LYS C 268 -26.67 -5.20 -24.20
CA LYS C 268 -27.71 -4.39 -23.55
C LYS C 268 -27.09 -3.38 -22.60
N ALA C 269 -25.96 -3.72 -21.98
CA ALA C 269 -25.36 -2.86 -20.98
C ALA C 269 -24.69 -1.65 -21.62
N CYS C 270 -24.26 -1.80 -22.88
CA CYS C 270 -23.51 -0.76 -23.56
C CYS C 270 -24.41 0.22 -24.31
N GLU C 271 -25.68 -0.16 -24.49
CA GLU C 271 -26.70 0.67 -25.13
C GLU C 271 -26.43 2.16 -24.93
N ALA C 272 -26.37 2.58 -23.66
CA ALA C 272 -26.32 3.97 -23.27
C ALA C 272 -25.19 4.71 -23.97
N GLN C 273 -23.94 4.24 -23.76
CA GLN C 273 -22.77 4.92 -24.29
C GLN C 273 -22.62 4.66 -25.79
N ALA C 274 -23.23 3.58 -26.30
CA ALA C 274 -23.08 3.21 -27.70
C ALA C 274 -23.94 4.11 -28.58
N ASN C 275 -25.12 4.48 -28.07
CA ASN C 275 -26.00 5.44 -28.72
C ASN C 275 -25.35 6.82 -28.64
N ALA C 276 -24.81 7.15 -27.46
CA ALA C 276 -24.32 8.47 -27.15
C ALA C 276 -23.02 8.75 -27.89
N GLU C 277 -22.28 7.70 -28.27
CA GLU C 277 -20.96 7.86 -28.85
C GLU C 277 -21.03 7.87 -30.37
N LYS C 278 -21.96 7.09 -30.94
CA LYS C 278 -22.04 6.86 -32.37
C LYS C 278 -22.37 8.17 -33.11
N ILE C 279 -22.81 9.15 -32.32
CA ILE C 279 -23.06 10.51 -32.79
C ILE C 279 -21.79 11.05 -33.43
N CYS C 280 -20.62 10.74 -32.87
CA CYS C 280 -19.40 11.36 -33.36
C CYS C 280 -18.55 10.37 -34.14
N TYR C 281 -19.16 9.27 -34.60
CA TYR C 281 -18.38 8.24 -35.27
C TYR C 281 -17.96 8.72 -36.66
N ILE C 282 -18.93 8.84 -37.57
CA ILE C 282 -18.67 9.21 -38.95
C ILE C 282 -19.51 10.42 -39.40
N LEU C 283 -18.93 11.12 -40.37
CA LEU C 283 -19.43 12.35 -40.96
C LEU C 283 -20.35 11.99 -42.12
N TYR C 284 -21.54 12.60 -42.12
CA TYR C 284 -22.58 12.26 -43.07
C TYR C 284 -22.82 10.75 -43.00
N PRO C 285 -23.49 10.26 -41.94
CA PRO C 285 -23.97 8.88 -41.91
C PRO C 285 -25.06 8.63 -42.96
N GLY C 286 -25.06 7.42 -43.54
CA GLY C 286 -26.15 6.99 -44.40
C GLY C 286 -27.51 7.21 -43.72
N ASP C 287 -28.47 7.76 -44.48
CA ASP C 287 -29.71 8.26 -43.91
C ASP C 287 -30.91 7.71 -44.68
N GLU C 288 -30.68 6.62 -45.42
CA GLU C 288 -31.75 5.95 -46.15
C GLU C 288 -32.77 5.38 -45.18
N SER C 289 -32.29 4.79 -44.09
CA SER C 289 -33.14 4.23 -43.04
C SER C 289 -33.49 5.29 -42.00
N GLU C 290 -34.60 5.08 -41.28
CA GLU C 290 -35.08 6.06 -40.32
C GLU C 290 -34.05 6.24 -39.20
N GLU C 291 -33.25 5.19 -38.97
CA GLU C 291 -32.16 5.22 -37.99
C GLU C 291 -31.14 6.29 -38.41
N GLY C 292 -30.71 6.22 -39.68
CA GLY C 292 -29.73 7.14 -40.23
C GLY C 292 -30.18 8.58 -40.09
N LYS C 293 -31.49 8.81 -40.31
CA LYS C 293 -32.11 10.11 -40.21
C LYS C 293 -31.98 10.63 -38.77
N ILE C 294 -32.43 9.83 -37.80
CA ILE C 294 -32.44 10.25 -36.40
C ILE C 294 -31.02 10.64 -35.99
N LEU C 295 -30.04 9.86 -36.45
CA LEU C 295 -28.63 10.07 -36.16
C LEU C 295 -28.18 11.41 -36.73
N ARG C 296 -28.42 11.61 -38.03
CA ARG C 296 -28.15 12.88 -38.68
C ARG C 296 -28.65 14.01 -37.79
N LEU C 297 -29.93 13.91 -37.42
CA LEU C 297 -30.61 14.98 -36.70
C LEU C 297 -29.92 15.20 -35.36
N LYS C 298 -29.62 14.10 -34.65
CA LYS C 298 -28.92 14.19 -33.39
C LYS C 298 -27.61 14.95 -33.59
N GLN C 299 -26.81 14.53 -34.59
CA GLN C 299 -25.54 15.15 -34.94
C GLN C 299 -25.72 16.67 -34.92
N GLN C 300 -26.68 17.13 -35.73
CA GLN C 300 -26.97 18.55 -35.88
C GLN C 300 -27.28 19.13 -34.50
N TYR C 301 -28.38 18.68 -33.90
CA TYR C 301 -28.90 19.34 -32.70
C TYR C 301 -27.81 19.45 -31.64
N THR C 302 -26.99 18.40 -31.56
CA THR C 302 -25.89 18.38 -30.61
C THR C 302 -24.98 19.58 -30.90
N LEU C 303 -24.43 19.62 -32.12
CA LEU C 303 -23.51 20.68 -32.51
C LEU C 303 -24.08 22.03 -32.08
N CYS C 304 -25.37 22.20 -32.30
CA CYS C 304 -26.07 23.46 -32.05
C CYS C 304 -26.10 23.74 -30.55
N SER C 305 -26.80 22.86 -29.82
CA SER C 305 -27.11 23.11 -28.43
C SER C 305 -25.82 23.26 -27.62
N ALA C 306 -24.90 22.33 -27.87
CA ALA C 306 -23.60 22.32 -27.20
C ALA C 306 -22.92 23.65 -27.42
N SER C 307 -22.76 24.04 -28.70
CA SER C 307 -22.05 25.24 -29.06
C SER C 307 -22.69 26.45 -28.38
N LEU C 308 -24.00 26.62 -28.58
CA LEU C 308 -24.74 27.77 -28.08
C LEU C 308 -24.55 27.88 -26.57
N GLN C 309 -24.79 26.76 -25.88
CA GLN C 309 -24.68 26.68 -24.43
C GLN C 309 -23.34 27.27 -23.98
N ASP C 310 -22.27 26.85 -24.67
CA ASP C 310 -20.91 27.24 -24.35
C ASP C 310 -20.75 28.74 -24.56
N ILE C 311 -21.35 29.23 -25.64
CA ILE C 311 -21.27 30.62 -26.03
C ILE C 311 -21.96 31.48 -24.98
N ILE C 312 -23.19 31.10 -24.63
CA ILE C 312 -24.04 31.79 -23.67
C ILE C 312 -23.32 31.86 -22.33
N SER C 313 -22.72 30.73 -21.96
CA SER C 313 -21.97 30.62 -20.72
C SER C 313 -20.84 31.65 -20.73
N ARG C 314 -20.17 31.80 -21.88
CA ARG C 314 -19.05 32.73 -21.98
C ARG C 314 -19.57 34.17 -21.87
N PHE C 315 -20.75 34.42 -22.44
CA PHE C 315 -21.40 35.71 -22.32
C PHE C 315 -21.64 36.00 -20.84
N GLU C 316 -22.44 35.13 -20.21
CA GLU C 316 -22.85 35.33 -18.83
C GLU C 316 -21.62 35.62 -17.98
N ARG C 317 -20.59 34.78 -18.14
CA ARG C 317 -19.37 34.91 -17.36
C ARG C 317 -18.75 36.29 -17.57
N ARG C 318 -18.65 36.72 -18.84
CA ARG C 318 -17.97 37.96 -19.18
C ARG C 318 -18.77 39.16 -18.65
N SER C 319 -20.08 38.94 -18.42
CA SER C 319 -21.01 39.98 -17.98
C SER C 319 -20.80 40.32 -16.50
N GLY C 320 -20.78 39.30 -15.65
CA GLY C 320 -20.81 39.48 -14.21
C GLY C 320 -22.22 39.85 -13.73
N ASP C 321 -22.31 41.00 -13.03
CA ASP C 321 -23.56 41.48 -12.48
C ASP C 321 -24.32 42.26 -13.55
N ARG C 322 -23.58 42.76 -14.56
CA ARG C 322 -24.07 43.66 -15.60
C ARG C 322 -24.87 42.91 -16.69
N ILE C 323 -25.38 41.72 -16.36
CA ILE C 323 -26.05 40.81 -17.29
C ILE C 323 -27.25 41.46 -17.95
N LYS C 324 -27.09 41.94 -19.20
CA LYS C 324 -28.18 42.55 -19.95
C LYS C 324 -28.40 41.74 -21.22
N TRP C 325 -29.55 41.05 -21.30
CA TRP C 325 -29.84 40.14 -22.40
C TRP C 325 -30.08 40.89 -23.71
N GLU C 326 -30.51 42.15 -23.57
CA GLU C 326 -30.55 43.16 -24.62
C GLU C 326 -29.24 43.13 -25.41
N GLU C 327 -28.14 42.96 -24.67
CA GLU C 327 -26.78 43.15 -25.14
C GLU C 327 -26.26 41.94 -25.92
N PHE C 328 -27.06 40.85 -25.96
CA PHE C 328 -26.54 39.58 -26.45
C PHE C 328 -26.02 39.72 -27.89
N PRO C 329 -26.87 40.15 -28.84
CA PRO C 329 -26.47 40.17 -30.25
C PRO C 329 -25.30 41.12 -30.53
N GLU C 330 -25.06 42.05 -29.59
CA GLU C 330 -24.01 43.06 -29.69
C GLU C 330 -22.66 42.45 -29.30
N LYS C 331 -22.70 41.21 -28.79
CA LYS C 331 -21.52 40.56 -28.24
C LYS C 331 -21.21 39.27 -28.99
N VAL C 332 -22.23 38.73 -29.68
CA VAL C 332 -22.17 37.37 -30.20
C VAL C 332 -22.72 37.32 -31.62
N ALA C 333 -22.12 36.47 -32.46
CA ALA C 333 -22.62 36.21 -33.80
C ALA C 333 -22.35 34.76 -34.20
N VAL C 334 -23.40 34.10 -34.70
CA VAL C 334 -23.38 32.69 -34.98
C VAL C 334 -23.70 32.49 -36.46
N GLN C 335 -22.77 31.88 -37.22
CA GLN C 335 -22.94 31.74 -38.66
C GLN C 335 -23.13 30.27 -39.02
N MET C 336 -24.33 29.95 -39.50
CA MET C 336 -24.66 28.59 -39.88
C MET C 336 -24.13 28.32 -41.28
N ASN C 337 -23.05 27.54 -41.36
CA ASN C 337 -22.42 27.18 -42.62
C ASN C 337 -23.26 26.11 -43.31
N ASP C 338 -24.20 26.57 -44.14
CA ASP C 338 -25.22 25.75 -44.78
C ASP C 338 -26.33 25.43 -43.78
N THR C 339 -27.29 24.61 -44.24
CA THR C 339 -28.58 24.39 -43.60
C THR C 339 -28.44 23.49 -42.36
N HIS C 340 -27.24 22.94 -42.13
CA HIS C 340 -27.02 22.00 -41.04
C HIS C 340 -27.30 22.67 -39.70
N PRO C 341 -26.56 23.74 -39.31
CA PRO C 341 -26.66 24.30 -37.96
C PRO C 341 -27.96 25.07 -37.72
N THR C 342 -28.97 24.79 -38.56
CA THR C 342 -30.24 25.50 -38.57
C THR C 342 -30.86 25.56 -37.17
N LEU C 343 -30.80 24.45 -36.44
CA LEU C 343 -31.52 24.37 -35.19
C LEU C 343 -31.02 25.40 -34.18
N CYS C 344 -29.89 26.07 -34.47
CA CYS C 344 -29.36 27.14 -33.63
C CYS C 344 -30.48 28.10 -33.26
N ILE C 345 -31.40 28.29 -34.20
CA ILE C 345 -32.49 29.25 -34.11
C ILE C 345 -33.50 28.77 -33.07
N PRO C 346 -34.29 27.70 -33.30
CA PRO C 346 -35.28 27.26 -32.32
C PRO C 346 -34.65 26.95 -30.96
N GLU C 347 -33.34 26.65 -30.97
CA GLU C 347 -32.60 26.34 -29.76
C GLU C 347 -32.32 27.62 -28.97
N LEU C 348 -31.68 28.61 -29.60
CA LEU C 348 -31.33 29.83 -28.90
C LEU C 348 -32.60 30.47 -28.34
N MET C 349 -33.71 30.30 -29.06
CA MET C 349 -35.02 30.75 -28.61
C MET C 349 -35.41 29.99 -27.33
N ARG C 350 -35.40 28.65 -27.42
CA ARG C 350 -35.77 27.79 -26.31
C ARG C 350 -35.00 28.18 -25.04
N ILE C 351 -33.69 28.41 -25.18
CA ILE C 351 -32.81 28.80 -24.10
C ILE C 351 -33.29 30.13 -23.51
N LEU C 352 -33.50 31.11 -24.40
CA LEU C 352 -33.80 32.45 -23.96
C LEU C 352 -35.23 32.55 -23.42
N ILE C 353 -36.04 31.50 -23.63
CA ILE C 353 -37.44 31.50 -23.22
C ILE C 353 -37.63 30.65 -21.96
N ASP C 354 -37.18 29.40 -22.05
CA ASP C 354 -37.51 28.41 -21.04
C ASP C 354 -36.51 28.49 -19.89
N LEU C 355 -35.30 28.95 -20.18
CA LEU C 355 -34.25 29.03 -19.18
C LEU C 355 -34.04 30.48 -18.75
N LYS C 356 -33.70 31.36 -19.70
CA LYS C 356 -33.40 32.76 -19.40
C LYS C 356 -34.68 33.52 -19.07
N GLY C 357 -35.82 32.96 -19.50
CA GLY C 357 -37.15 33.36 -19.05
C GLY C 357 -37.65 34.65 -19.70
N LEU C 358 -36.99 35.09 -20.79
CA LEU C 358 -37.33 36.34 -21.48
C LEU C 358 -38.61 36.15 -22.30
N ASN C 359 -39.24 37.28 -22.67
CA ASN C 359 -40.48 37.31 -23.44
C ASN C 359 -40.20 37.05 -24.92
N TRP C 360 -41.16 36.38 -25.59
CA TRP C 360 -40.94 35.79 -26.90
C TRP C 360 -40.24 36.75 -27.84
N ASN C 361 -40.74 37.99 -27.92
CA ASN C 361 -40.30 38.97 -28.91
C ASN C 361 -38.85 39.35 -28.63
N GLU C 362 -38.60 39.83 -27.41
CA GLU C 362 -37.28 40.25 -26.97
C GLU C 362 -36.26 39.20 -27.42
N ALA C 363 -36.63 37.92 -27.24
CA ALA C 363 -35.78 36.78 -27.52
C ALA C 363 -35.58 36.65 -29.03
N TRP C 364 -36.70 36.72 -29.78
CA TRP C 364 -36.73 36.53 -31.22
C TRP C 364 -35.85 37.56 -31.93
N ASN C 365 -35.90 38.80 -31.39
CA ASN C 365 -35.10 39.93 -31.79
C ASN C 365 -33.62 39.57 -31.63
N ILE C 366 -33.26 39.05 -30.44
CA ILE C 366 -31.88 38.74 -30.12
C ILE C 366 -31.36 37.65 -31.07
N THR C 367 -32.23 36.68 -31.38
CA THR C 367 -31.93 35.55 -32.23
C THR C 367 -31.60 36.01 -33.65
N GLN C 368 -32.50 36.80 -34.23
CA GLN C 368 -32.36 37.30 -35.58
C GLN C 368 -31.07 38.10 -35.72
N ARG C 369 -30.74 38.83 -34.65
CA ARG C 369 -29.65 39.79 -34.65
C ARG C 369 -28.32 39.10 -34.36
N THR C 370 -28.34 37.78 -34.15
CA THR C 370 -27.15 37.02 -33.81
C THR C 370 -26.82 36.00 -34.90
N VAL C 371 -27.87 35.33 -35.39
CA VAL C 371 -27.79 34.26 -36.37
C VAL C 371 -27.61 34.86 -37.76
N ALA C 372 -26.80 34.17 -38.60
CA ALA C 372 -26.64 34.47 -40.02
C ALA C 372 -26.51 33.17 -40.82
N TYR C 373 -27.12 33.16 -42.02
CA TYR C 373 -27.11 32.02 -42.93
C TYR C 373 -26.06 32.25 -44.03
N THR C 374 -25.41 31.17 -44.49
CA THR C 374 -24.52 31.18 -45.63
C THR C 374 -24.90 30.00 -46.54
N ASN C 375 -25.74 30.27 -47.54
CA ASN C 375 -26.22 29.22 -48.41
C ASN C 375 -25.11 28.80 -49.38
N HIS C 376 -25.14 27.52 -49.80
CA HIS C 376 -24.12 26.94 -50.67
C HIS C 376 -24.70 26.30 -51.94
N THR C 377 -26.03 26.12 -51.99
CA THR C 377 -26.64 25.29 -53.03
C THR C 377 -27.35 26.14 -54.09
N VAL C 378 -27.48 25.55 -55.29
CA VAL C 378 -28.03 26.17 -56.49
C VAL C 378 -29.54 25.88 -56.59
N LEU C 379 -29.90 24.61 -56.44
CA LEU C 379 -31.18 24.11 -56.95
C LEU C 379 -32.13 23.78 -55.79
N PRO C 380 -33.23 24.55 -55.58
CA PRO C 380 -34.24 24.22 -54.56
C PRO C 380 -34.74 22.78 -54.60
N GLU C 381 -34.16 21.97 -53.72
CA GLU C 381 -34.33 20.53 -53.61
C GLU C 381 -33.06 19.96 -52.97
N ALA C 382 -31.98 20.75 -53.04
CA ALA C 382 -30.75 20.46 -52.32
C ALA C 382 -30.82 21.08 -50.92
N LEU C 383 -31.91 21.85 -50.68
CA LEU C 383 -32.20 22.47 -49.40
C LEU C 383 -32.91 21.43 -48.53
N GLU C 384 -32.42 21.28 -47.29
CA GLU C 384 -32.79 20.12 -46.49
C GLU C 384 -34.20 20.27 -45.92
N LYS C 385 -34.94 19.16 -45.96
CA LYS C 385 -36.32 19.03 -45.51
C LYS C 385 -36.45 17.82 -44.58
N TRP C 386 -37.07 18.03 -43.40
CA TRP C 386 -37.21 17.01 -42.36
C TRP C 386 -38.64 16.49 -42.27
N SER C 387 -38.83 15.48 -41.41
CA SER C 387 -39.92 14.53 -41.54
C SER C 387 -41.08 14.81 -40.58
N TYR C 388 -41.23 16.06 -40.11
CA TYR C 388 -42.14 16.45 -39.03
C TYR C 388 -42.24 15.44 -37.88
N GLU C 389 -42.95 14.33 -38.09
CA GLU C 389 -43.19 13.31 -37.08
C GLU C 389 -41.87 12.84 -36.46
N LEU C 390 -40.80 12.87 -37.27
CA LEU C 390 -39.45 12.57 -36.82
C LEU C 390 -38.97 13.68 -35.89
N MET C 391 -38.88 14.92 -36.42
CA MET C 391 -38.38 16.03 -35.63
C MET C 391 -39.26 16.23 -34.40
N GLN C 392 -40.58 16.06 -34.58
CA GLN C 392 -41.56 16.04 -33.51
C GLN C 392 -41.07 15.17 -32.35
N LYS C 393 -40.84 13.89 -32.68
CA LYS C 393 -40.58 12.83 -31.72
C LYS C 393 -39.21 13.02 -31.06
N LEU C 394 -38.29 13.73 -31.74
CA LEU C 394 -36.92 13.86 -31.30
C LEU C 394 -36.68 15.18 -30.58
N LEU C 395 -37.25 16.27 -31.11
CA LEU C 395 -37.01 17.60 -30.55
C LEU C 395 -38.33 18.30 -30.28
N PRO C 396 -39.28 17.71 -29.49
CA PRO C 396 -40.67 18.17 -29.48
C PRO C 396 -40.89 19.57 -28.89
N ARG C 397 -39.87 20.11 -28.19
CA ARG C 397 -39.91 21.49 -27.72
C ARG C 397 -39.58 22.45 -28.85
N HIS C 398 -38.65 22.02 -29.71
CA HIS C 398 -38.17 22.78 -30.87
C HIS C 398 -39.23 22.88 -31.96
N VAL C 399 -40.00 21.79 -32.12
CA VAL C 399 -41.06 21.66 -33.11
C VAL C 399 -42.20 22.63 -32.77
N GLU C 400 -42.36 22.94 -31.48
CA GLU C 400 -43.33 23.94 -31.02
C GLU C 400 -42.86 25.35 -31.36
N ILE C 401 -41.55 25.60 -31.17
CA ILE C 401 -40.97 26.91 -31.44
C ILE C 401 -40.96 27.16 -32.96
N ILE C 402 -40.90 26.08 -33.74
CA ILE C 402 -40.89 26.13 -35.20
C ILE C 402 -42.31 26.33 -35.75
N GLU C 403 -43.34 25.94 -34.97
CA GLU C 403 -44.74 26.16 -35.33
C GLU C 403 -45.14 27.61 -35.02
N ALA C 404 -44.43 28.23 -34.07
CA ALA C 404 -44.65 29.60 -33.64
C ALA C 404 -43.98 30.60 -34.61
N ILE C 405 -42.80 30.24 -35.14
CA ILE C 405 -42.04 31.02 -36.12
C ILE C 405 -42.73 30.95 -37.49
N ASP C 406 -43.53 29.88 -37.70
CA ASP C 406 -44.29 29.67 -38.92
C ASP C 406 -45.59 30.47 -38.92
N GLU C 407 -46.12 30.71 -37.69
CA GLU C 407 -47.32 31.51 -37.45
C GLU C 407 -46.99 33.00 -37.50
N GLU C 408 -45.84 33.42 -36.93
CA GLU C 408 -45.37 34.80 -36.96
C GLU C 408 -45.14 35.27 -38.38
N LEU C 409 -44.77 34.30 -39.26
CA LEU C 409 -44.54 34.51 -40.68
C LEU C 409 -45.88 34.62 -41.42
N VAL C 410 -46.81 33.67 -41.15
CA VAL C 410 -48.14 33.58 -41.76
C VAL C 410 -48.97 34.83 -41.47
N HIS C 411 -48.68 35.51 -40.35
CA HIS C 411 -49.44 36.65 -39.84
C HIS C 411 -48.80 37.99 -40.24
N GLU C 412 -47.59 37.92 -40.82
CA GLU C 412 -46.92 39.11 -41.34
C GLU C 412 -47.04 39.17 -42.87
N ILE C 413 -47.29 38.00 -43.49
CA ILE C 413 -47.63 37.85 -44.91
C ILE C 413 -49.10 38.23 -45.11
N VAL C 414 -49.89 38.18 -44.02
CA VAL C 414 -51.29 38.61 -43.97
C VAL C 414 -51.37 40.11 -43.72
N LEU C 415 -50.39 40.65 -42.96
CA LEU C 415 -50.31 42.08 -42.63
C LEU C 415 -49.79 42.90 -43.82
N LYS C 416 -48.71 42.42 -44.48
CA LYS C 416 -48.31 42.91 -45.80
C LYS C 416 -49.22 42.28 -46.85
N TYR C 417 -49.29 42.88 -48.05
CA TYR C 417 -50.03 42.34 -49.21
C TYR C 417 -51.54 42.32 -48.95
N GLY C 418 -51.95 41.69 -47.84
CA GLY C 418 -53.34 41.59 -47.47
C GLY C 418 -53.99 40.35 -48.08
N SER C 419 -55.31 40.45 -48.29
CA SER C 419 -56.12 39.35 -48.80
C SER C 419 -57.21 39.90 -49.72
N MET C 420 -56.84 40.93 -50.48
CA MET C 420 -57.61 41.35 -51.65
C MET C 420 -57.38 40.29 -52.73
N ASP C 421 -56.13 39.79 -52.81
CA ASP C 421 -55.68 38.90 -53.87
C ASP C 421 -56.17 37.47 -53.63
N LEU C 422 -55.85 36.93 -52.45
CA LEU C 422 -56.16 35.53 -52.10
C LEU C 422 -55.31 34.55 -52.91
N ASN C 423 -55.31 34.71 -54.25
CA ASN C 423 -54.63 33.83 -55.19
C ASN C 423 -53.11 34.00 -55.10
N LYS C 424 -52.68 35.22 -54.74
CA LYS C 424 -51.27 35.55 -54.60
C LYS C 424 -50.80 35.40 -53.14
N LEU C 425 -51.71 35.58 -52.16
CA LEU C 425 -51.43 35.34 -50.76
C LEU C 425 -51.21 33.83 -50.51
N GLU C 426 -51.77 32.98 -51.40
CA GLU C 426 -51.63 31.54 -51.32
C GLU C 426 -50.32 31.09 -51.96
N GLU C 427 -49.88 31.76 -53.04
CA GLU C 427 -48.61 31.52 -53.70
C GLU C 427 -47.45 31.93 -52.77
N LYS C 428 -47.58 33.11 -52.11
CA LYS C 428 -46.63 33.66 -51.15
C LYS C 428 -46.44 32.71 -49.95
N LEU C 429 -47.57 32.24 -49.39
CA LEU C 429 -47.56 31.36 -48.22
C LEU C 429 -47.00 29.99 -48.59
N THR C 430 -47.32 29.46 -49.78
CA THR C 430 -46.87 28.14 -50.21
C THR C 430 -45.34 28.07 -50.36
N THR C 431 -44.74 29.17 -50.83
CA THR C 431 -43.31 29.24 -51.09
C THR C 431 -42.54 29.41 -49.78
N MET C 432 -43.09 30.21 -48.85
CA MET C 432 -42.32 30.84 -47.77
C MET C 432 -42.59 30.21 -46.40
N ARG C 433 -43.73 29.50 -46.24
CA ARG C 433 -44.06 28.85 -44.98
C ARG C 433 -43.01 27.77 -44.67
N ILE C 434 -42.59 27.74 -43.40
CA ILE C 434 -41.61 26.78 -42.91
C ILE C 434 -42.26 25.40 -42.82
N LEU C 435 -43.55 25.35 -42.44
CA LEU C 435 -44.30 24.09 -42.39
C LEU C 435 -44.88 23.78 -43.77
N GLU C 436 -44.41 22.66 -44.36
CA GLU C 436 -44.93 22.17 -45.62
C GLU C 436 -46.06 21.17 -45.34
N ASN C 437 -47.11 21.23 -46.17
CA ASN C 437 -48.28 20.34 -46.11
C ASN C 437 -49.02 20.49 -44.79
N PHE C 438 -49.52 21.71 -44.54
CA PHE C 438 -50.26 22.04 -43.34
C PHE C 438 -51.51 22.85 -43.67
N ASP C 439 -52.48 22.85 -42.75
CA ASP C 439 -53.53 23.85 -42.70
C ASP C 439 -52.91 25.17 -42.23
N LEU C 440 -53.51 26.28 -42.71
CA LEU C 440 -53.24 27.60 -42.19
C LEU C 440 -54.03 27.77 -40.88
N PRO C 441 -53.70 28.77 -40.02
CA PRO C 441 -54.29 28.86 -38.68
C PRO C 441 -55.78 29.22 -38.57
N SER C 442 -56.11 30.49 -38.82
CA SER C 442 -57.49 30.98 -38.79
C SER C 442 -57.76 31.75 -40.08
N SER C 443 -57.30 31.18 -41.19
CA SER C 443 -57.45 31.79 -42.51
C SER C 443 -58.85 31.54 -43.08
N VAL C 444 -59.13 32.22 -44.21
CA VAL C 444 -60.38 32.17 -44.94
C VAL C 444 -60.05 32.24 -46.44
N ALA C 445 -60.77 31.48 -47.28
CA ALA C 445 -60.53 31.51 -48.72
C ALA C 445 -61.79 31.13 -49.52
N GLU C 446 -62.94 31.68 -49.08
CA GLU C 446 -64.24 31.53 -49.73
C GLU C 446 -65.14 32.74 -49.42
N ILE C 511 -52.71 11.76 -49.03
CA ILE C 511 -52.19 12.37 -47.76
C ILE C 511 -50.73 12.75 -47.97
N PRO C 512 -50.44 14.00 -48.44
CA PRO C 512 -49.06 14.45 -48.70
C PRO C 512 -48.22 14.68 -47.43
N PRO C 513 -47.05 14.01 -47.31
CA PRO C 513 -46.34 13.88 -46.02
C PRO C 513 -45.78 15.19 -45.47
N LYS C 514 -46.08 15.45 -44.18
CA LYS C 514 -45.74 16.70 -43.51
C LYS C 514 -44.22 16.87 -43.49
N LYS C 515 -43.72 18.07 -43.81
CA LYS C 515 -42.28 18.33 -43.83
C LYS C 515 -41.94 19.68 -43.17
N VAL C 516 -40.66 19.81 -42.76
CA VAL C 516 -40.07 21.05 -42.26
C VAL C 516 -38.93 21.46 -43.20
N ARG C 517 -39.07 22.63 -43.82
CA ARG C 517 -38.04 23.20 -44.67
C ARG C 517 -37.06 23.99 -43.81
N MET C 518 -35.78 23.64 -43.92
CA MET C 518 -34.79 24.20 -43.04
C MET C 518 -34.30 25.54 -43.59
N ALA C 519 -33.95 25.57 -44.88
CA ALA C 519 -33.44 26.78 -45.51
C ALA C 519 -34.42 27.94 -45.32
N ASN C 520 -35.73 27.61 -45.37
CA ASN C 520 -36.81 28.56 -45.14
C ASN C 520 -36.69 29.14 -43.74
N LEU C 521 -36.54 28.25 -42.75
CA LEU C 521 -36.38 28.63 -41.36
C LEU C 521 -35.10 29.46 -41.16
N CYS C 522 -34.08 29.24 -42.01
CA CYS C 522 -32.79 29.91 -41.91
C CYS C 522 -32.89 31.38 -42.34
N VAL C 523 -33.69 31.63 -43.39
CA VAL C 523 -33.91 32.98 -43.88
C VAL C 523 -34.72 33.74 -42.83
N VAL C 524 -35.74 33.08 -42.25
CA VAL C 524 -36.72 33.69 -41.36
C VAL C 524 -36.07 34.14 -40.05
N GLY C 525 -35.13 33.34 -39.54
CA GLY C 525 -34.52 33.65 -38.25
C GLY C 525 -33.35 34.62 -38.36
N GLY C 526 -32.56 34.49 -39.44
CA GLY C 526 -31.28 35.18 -39.55
C GLY C 526 -31.44 36.62 -40.03
N HIS C 527 -30.45 37.44 -39.67
CA HIS C 527 -30.39 38.84 -40.10
C HIS C 527 -29.68 38.95 -41.45
N ALA C 528 -28.97 37.89 -41.85
CA ALA C 528 -28.17 37.91 -43.07
C ALA C 528 -28.27 36.56 -43.78
N VAL C 529 -28.37 36.59 -45.11
CA VAL C 529 -28.26 35.43 -45.96
C VAL C 529 -27.21 35.76 -47.03
N ASN C 530 -26.25 34.85 -47.27
CA ASN C 530 -25.20 35.09 -48.25
C ASN C 530 -24.95 33.87 -49.13
N GLY C 531 -24.83 34.14 -50.44
CA GLY C 531 -24.24 33.21 -51.38
C GLY C 531 -22.73 33.35 -51.36
N VAL C 532 -22.07 32.66 -52.30
CA VAL C 532 -20.65 32.40 -52.22
C VAL C 532 -19.92 32.85 -53.49
N ALA C 533 -20.66 33.47 -54.42
CA ALA C 533 -20.15 34.04 -55.66
C ALA C 533 -21.13 35.09 -56.19
N GLU C 534 -20.64 36.04 -56.99
CA GLU C 534 -21.46 37.11 -57.50
C GLU C 534 -22.75 36.52 -58.06
N ILE C 535 -22.58 35.62 -59.03
CA ILE C 535 -23.63 35.01 -59.83
C ILE C 535 -24.64 34.31 -58.92
N HIS C 536 -24.09 33.47 -58.02
CA HIS C 536 -24.86 32.64 -57.11
C HIS C 536 -25.71 33.54 -56.20
N SER C 537 -25.08 34.57 -55.64
CA SER C 537 -25.73 35.47 -54.68
C SER C 537 -26.90 36.18 -55.33
N GLU C 538 -26.87 36.27 -56.67
CA GLU C 538 -27.97 36.82 -57.44
C GLU C 538 -29.01 35.73 -57.67
N ILE C 539 -28.55 34.49 -57.88
CA ILE C 539 -29.44 33.37 -58.07
C ILE C 539 -30.33 33.19 -56.84
N VAL C 540 -29.78 33.47 -55.63
CA VAL C 540 -30.50 33.35 -54.37
C VAL C 540 -31.60 34.41 -54.27
N LYS C 541 -31.31 35.62 -54.78
CA LYS C 541 -32.25 36.73 -54.71
C LYS C 541 -33.36 36.54 -55.75
N GLU C 542 -33.01 36.05 -56.95
CA GLU C 542 -33.95 36.10 -58.06
C GLU C 542 -34.34 34.73 -58.59
N GLU C 543 -34.08 33.68 -57.81
CA GLU C 543 -34.58 32.35 -58.14
C GLU C 543 -34.89 31.56 -56.86
N VAL C 544 -33.85 31.31 -56.04
CA VAL C 544 -33.93 30.41 -54.90
C VAL C 544 -34.90 30.97 -53.87
N PHE C 545 -34.70 32.24 -53.48
CA PHE C 545 -35.49 32.85 -52.43
C PHE C 545 -36.10 34.16 -52.92
N ASN C 546 -37.08 34.07 -53.83
CA ASN C 546 -37.57 35.27 -54.48
C ASN C 546 -38.51 36.04 -53.55
N ASP C 547 -39.62 35.39 -53.20
CA ASP C 547 -40.67 36.00 -52.41
C ASP C 547 -40.05 36.62 -51.18
N PHE C 548 -39.13 35.84 -50.57
CA PHE C 548 -38.40 36.22 -49.37
C PHE C 548 -37.56 37.47 -49.64
N TYR C 549 -36.93 37.48 -50.83
CA TYR C 549 -36.03 38.57 -51.21
C TYR C 549 -36.81 39.89 -51.18
N GLU C 550 -38.06 39.82 -51.68
CA GLU C 550 -38.88 41.00 -51.86
C GLU C 550 -39.41 41.49 -50.51
N LEU C 551 -39.61 40.57 -49.55
CA LEU C 551 -40.08 40.95 -48.23
C LEU C 551 -38.96 41.66 -47.47
N TRP C 552 -37.78 41.00 -47.44
CA TRP C 552 -36.64 41.58 -46.75
C TRP C 552 -35.43 41.53 -47.67
N PRO C 553 -35.35 42.40 -48.69
CA PRO C 553 -34.20 42.42 -49.59
C PRO C 553 -32.95 42.89 -48.86
N GLU C 554 -33.14 43.52 -47.69
CA GLU C 554 -32.05 44.03 -46.87
C GLU C 554 -31.15 42.91 -46.34
N LYS C 555 -31.67 41.67 -46.37
CA LYS C 555 -30.98 40.53 -45.82
C LYS C 555 -29.85 40.08 -46.76
N PHE C 556 -30.17 39.98 -48.05
CA PHE C 556 -29.38 39.24 -49.02
C PHE C 556 -28.03 39.90 -49.28
N GLN C 557 -27.01 39.05 -49.39
CA GLN C 557 -25.64 39.50 -49.57
C GLN C 557 -24.92 38.53 -50.51
N ASN C 558 -23.63 38.81 -50.69
CA ASN C 558 -22.68 37.91 -51.33
C ASN C 558 -21.36 38.00 -50.57
N LYS C 559 -20.68 36.85 -50.47
CA LYS C 559 -19.32 36.80 -49.96
C LYS C 559 -18.59 35.71 -50.74
N THR C 560 -17.94 36.13 -51.84
CA THR C 560 -17.25 35.22 -52.75
C THR C 560 -16.12 34.50 -52.01
N ASN C 561 -15.97 33.20 -52.31
CA ASN C 561 -15.05 32.31 -51.61
C ASN C 561 -13.60 32.73 -51.80
N GLY C 562 -12.75 32.33 -50.83
CA GLY C 562 -11.31 32.49 -50.90
C GLY C 562 -10.58 31.39 -50.11
N VAL C 563 -9.31 31.14 -50.47
CA VAL C 563 -8.49 30.11 -49.83
C VAL C 563 -7.19 30.73 -49.35
N THR C 564 -6.70 30.31 -48.18
CA THR C 564 -5.61 31.01 -47.51
C THR C 564 -4.28 30.78 -48.22
N PRO C 565 -3.46 31.84 -48.43
CA PRO C 565 -2.20 31.72 -49.18
C PRO C 565 -1.02 31.18 -48.36
N ARG C 566 -1.10 31.33 -47.04
CA ARG C 566 -0.11 30.73 -46.15
C ARG C 566 0.03 29.25 -46.50
N ARG C 567 -1.08 28.52 -46.34
CA ARG C 567 -1.10 27.09 -46.54
C ARG C 567 -0.93 26.77 -48.03
N TRP C 568 -1.63 27.51 -48.88
CA TRP C 568 -1.79 27.09 -50.27
C TRP C 568 -0.75 27.71 -51.18
N ILE C 569 0.14 28.56 -50.63
CA ILE C 569 1.25 29.08 -51.41
C ILE C 569 2.53 28.95 -50.59
N ARG C 570 2.57 29.66 -49.46
CA ARG C 570 3.80 29.88 -48.74
C ARG C 570 4.34 28.57 -48.19
N PHE C 571 3.44 27.66 -47.84
CA PHE C 571 3.84 26.45 -47.16
C PHE C 571 3.87 25.29 -48.15
N CYS C 572 2.83 25.18 -48.97
CA CYS C 572 2.71 24.02 -49.84
C CYS C 572 3.62 24.16 -51.07
N ASN C 573 4.08 25.37 -51.37
CA ASN C 573 4.89 25.58 -52.55
C ASN C 573 6.01 26.56 -52.24
N PRO C 574 7.09 26.09 -51.58
CA PRO C 574 8.23 26.94 -51.24
C PRO C 574 9.12 27.48 -52.37
N PRO C 575 9.40 26.75 -53.48
CA PRO C 575 10.28 27.26 -54.52
C PRO C 575 9.62 28.39 -55.31
N LEU C 576 8.28 28.34 -55.40
CA LEU C 576 7.53 29.47 -55.91
C LEU C 576 7.59 30.63 -54.91
N SER C 577 7.37 30.30 -53.62
CA SER C 577 7.29 31.28 -52.55
C SER C 577 8.58 32.10 -52.48
N ALA C 578 9.70 31.52 -52.96
CA ALA C 578 10.99 32.17 -53.00
C ALA C 578 11.03 33.14 -54.18
N ILE C 579 10.57 32.67 -55.35
CA ILE C 579 10.42 33.50 -56.53
C ILE C 579 9.60 34.73 -56.14
N ILE C 580 8.46 34.49 -55.46
CA ILE C 580 7.52 35.54 -55.08
C ILE C 580 8.17 36.55 -54.15
N THR C 581 8.90 36.08 -53.13
CA THR C 581 9.51 36.97 -52.15
C THR C 581 10.62 37.81 -52.80
N LYS C 582 11.38 37.20 -53.71
CA LYS C 582 12.48 37.84 -54.41
C LYS C 582 11.95 38.97 -55.29
N TRP C 583 11.03 38.61 -56.17
CA TRP C 583 10.60 39.50 -57.23
C TRP C 583 9.65 40.57 -56.72
N THR C 584 9.11 40.40 -55.51
CA THR C 584 8.30 41.48 -54.93
C THR C 584 9.16 42.30 -53.96
N GLY C 585 10.26 41.72 -53.51
CA GLY C 585 11.26 42.46 -52.75
C GLY C 585 11.10 42.36 -51.23
N THR C 586 9.92 41.88 -50.78
CA THR C 586 9.65 41.63 -49.38
C THR C 586 8.90 40.31 -49.24
N GLU C 587 8.71 39.92 -47.98
CA GLU C 587 7.93 38.75 -47.61
C GLU C 587 6.46 39.11 -47.49
N ASP C 588 6.16 40.42 -47.47
CA ASP C 588 4.91 40.95 -46.96
C ASP C 588 3.70 40.40 -47.70
N TRP C 589 3.96 39.72 -48.81
CA TRP C 589 2.91 39.28 -49.72
C TRP C 589 2.08 38.15 -49.10
N VAL C 590 2.71 37.37 -48.21
CA VAL C 590 1.99 36.28 -47.54
C VAL C 590 0.74 36.89 -46.89
N LEU C 591 0.93 38.07 -46.28
CA LEU C 591 -0.16 38.82 -45.69
C LEU C 591 -0.88 39.59 -46.80
N LYS C 592 -0.18 40.62 -47.33
CA LYS C 592 -0.71 41.61 -48.24
C LYS C 592 -0.73 41.05 -49.67
N THR C 593 -1.60 40.05 -49.87
CA THR C 593 -1.63 39.16 -51.01
C THR C 593 -1.85 39.92 -52.33
N GLU C 594 -2.23 41.19 -52.24
CA GLU C 594 -2.51 41.97 -53.43
C GLU C 594 -1.25 42.11 -54.28
N LYS C 595 -0.08 42.09 -53.61
CA LYS C 595 1.18 42.38 -54.27
C LYS C 595 1.51 41.29 -55.29
N LEU C 596 0.70 40.22 -55.30
CA LEU C 596 0.80 39.14 -56.27
C LEU C 596 0.74 39.70 -57.69
N ALA C 597 0.03 40.82 -57.83
CA ALA C 597 -0.24 41.37 -59.15
C ALA C 597 0.99 42.11 -59.68
N GLU C 598 1.97 42.37 -58.80
CA GLU C 598 3.13 43.16 -59.17
C GLU C 598 4.02 42.39 -60.13
N LEU C 599 3.72 41.11 -60.33
CA LEU C 599 4.52 40.34 -61.27
C LEU C 599 3.88 40.37 -62.66
N GLN C 600 2.72 41.01 -62.80
CA GLN C 600 2.13 41.16 -64.13
C GLN C 600 3.16 41.77 -65.06
N LYS C 601 3.99 42.66 -64.52
CA LYS C 601 4.97 43.43 -65.27
C LYS C 601 6.22 42.58 -65.59
N PHE C 602 6.30 41.37 -65.05
CA PHE C 602 7.50 40.57 -65.25
C PHE C 602 7.18 39.33 -66.08
N ALA C 603 5.90 39.11 -66.40
CA ALA C 603 5.43 37.86 -66.99
C ALA C 603 6.10 37.61 -68.34
N ASP C 604 6.77 38.65 -68.85
CA ASP C 604 7.48 38.63 -70.11
C ASP C 604 8.92 38.17 -69.90
N ASN C 605 9.45 38.43 -68.71
CA ASN C 605 10.85 38.27 -68.36
C ASN C 605 11.32 36.84 -68.60
N GLU C 606 12.58 36.66 -69.04
CA GLU C 606 13.10 35.35 -69.37
C GLU C 606 13.73 34.69 -68.14
N ASP C 607 14.30 35.51 -67.26
CA ASP C 607 14.91 35.06 -66.02
C ASP C 607 13.85 34.51 -65.08
N LEU C 608 12.79 35.32 -64.83
CA LEU C 608 11.67 34.88 -64.03
C LEU C 608 10.98 33.68 -64.68
N GLN C 609 10.95 33.63 -66.03
CA GLN C 609 10.36 32.51 -66.75
C GLN C 609 11.10 31.22 -66.42
N ASN C 610 12.44 31.26 -66.47
CA ASN C 610 13.28 30.11 -66.21
C ASN C 610 13.13 29.66 -64.76
N GLU C 611 13.18 30.63 -63.83
CA GLU C 611 13.03 30.40 -62.40
C GLU C 611 11.68 29.70 -62.14
N TRP C 612 10.65 30.14 -62.87
CA TRP C 612 9.27 29.70 -62.74
C TRP C 612 9.16 28.26 -63.24
N ARG C 613 9.73 27.98 -64.42
CA ARG C 613 9.70 26.66 -65.00
C ARG C 613 10.54 25.68 -64.17
N GLU C 614 11.53 26.21 -63.46
CA GLU C 614 12.42 25.41 -62.64
C GLU C 614 11.76 25.01 -61.32
N ALA C 615 11.02 25.96 -60.73
CA ALA C 615 10.27 25.72 -59.51
C ALA C 615 9.16 24.69 -59.75
N LYS C 616 8.54 24.74 -60.94
CA LYS C 616 7.44 23.87 -61.32
C LYS C 616 7.94 22.46 -61.65
N ARG C 617 9.13 22.38 -62.27
CA ARG C 617 9.83 21.11 -62.46
C ARG C 617 10.06 20.48 -61.08
N SER C 618 10.86 21.18 -60.26
CA SER C 618 11.16 20.86 -58.87
C SER C 618 9.95 20.30 -58.12
N ASN C 619 8.77 20.92 -58.28
CA ASN C 619 7.58 20.53 -57.54
C ASN C 619 7.00 19.25 -58.09
N LYS C 620 7.23 19.00 -59.39
CA LYS C 620 6.74 17.81 -60.08
C LYS C 620 7.58 16.59 -59.71
N ILE C 621 8.91 16.79 -59.57
CA ILE C 621 9.85 15.71 -59.24
C ILE C 621 9.37 14.98 -57.99
N LYS C 622 8.90 15.73 -56.99
CA LYS C 622 8.35 15.21 -55.75
C LYS C 622 7.14 14.32 -56.03
N VAL C 623 6.36 14.68 -57.05
CA VAL C 623 5.11 14.00 -57.31
C VAL C 623 5.37 12.67 -58.01
N VAL C 624 6.41 12.61 -58.87
CA VAL C 624 6.74 11.40 -59.62
C VAL C 624 6.91 10.24 -58.63
N SER C 625 7.52 10.58 -57.48
CA SER C 625 7.84 9.68 -56.39
C SER C 625 6.59 9.24 -55.65
N PHE C 626 5.81 10.22 -55.19
CA PHE C 626 4.55 9.96 -54.50
C PHE C 626 3.68 9.04 -55.34
N LEU C 627 3.70 9.25 -56.66
CA LEU C 627 2.88 8.52 -57.61
C LEU C 627 3.34 7.07 -57.68
N LYS C 628 4.61 6.87 -58.09
CA LYS C 628 5.23 5.56 -58.03
C LYS C 628 4.69 4.82 -56.81
N GLU C 629 4.73 5.51 -55.66
CA GLU C 629 4.42 4.94 -54.36
C GLU C 629 2.94 4.55 -54.26
N LYS C 630 2.04 5.53 -54.40
CA LYS C 630 0.65 5.33 -54.01
C LYS C 630 -0.17 4.70 -55.13
N THR C 631 0.29 4.85 -56.37
CA THR C 631 -0.48 4.38 -57.52
C THR C 631 0.18 3.16 -58.12
N GLY C 632 1.50 3.13 -58.02
CA GLY C 632 2.30 2.04 -58.58
C GLY C 632 2.65 2.31 -60.03
N TYR C 633 2.97 3.56 -60.34
CA TYR C 633 3.27 3.93 -61.71
C TYR C 633 4.41 4.93 -61.75
N SER C 634 5.36 4.68 -62.63
CA SER C 634 6.47 5.57 -62.87
C SER C 634 6.15 6.48 -64.06
N VAL C 635 6.27 7.80 -63.85
CA VAL C 635 5.96 8.81 -64.86
C VAL C 635 7.18 9.70 -65.06
N VAL C 636 7.29 10.29 -66.25
CA VAL C 636 8.33 11.29 -66.52
C VAL C 636 7.87 12.64 -65.95
N PRO C 637 8.80 13.53 -65.55
CA PRO C 637 8.44 14.90 -65.14
C PRO C 637 8.33 15.90 -66.30
N ASP C 638 8.62 15.44 -67.52
CA ASP C 638 8.77 16.24 -68.73
C ASP C 638 7.51 16.12 -69.60
N ALA C 639 6.33 16.20 -68.97
CA ALA C 639 5.04 16.04 -69.59
C ALA C 639 4.06 16.97 -68.90
N MET C 640 2.90 17.19 -69.54
CA MET C 640 1.91 18.05 -68.92
C MET C 640 1.20 17.28 -67.82
N PHE C 641 1.07 17.92 -66.65
CA PHE C 641 0.32 17.36 -65.54
C PHE C 641 -1.11 17.89 -65.62
N ASP C 642 -2.04 16.99 -65.92
CA ASP C 642 -3.43 17.30 -66.19
C ASP C 642 -4.27 16.69 -65.07
N ILE C 643 -4.78 17.54 -64.17
CA ILE C 643 -5.36 17.08 -62.93
C ILE C 643 -6.87 17.33 -62.91
N GLN C 644 -7.62 16.28 -62.58
CA GLN C 644 -9.02 16.43 -62.19
C GLN C 644 -9.26 15.78 -60.84
N VAL C 645 -9.14 16.59 -59.79
CA VAL C 645 -9.36 16.14 -58.43
C VAL C 645 -10.57 16.87 -57.86
N LYS C 646 -11.64 16.09 -57.67
CA LYS C 646 -12.88 16.52 -57.03
C LYS C 646 -13.82 15.33 -56.98
N ARG C 647 -14.86 15.43 -56.13
CA ARG C 647 -15.82 14.36 -55.89
C ARG C 647 -16.08 13.63 -57.21
N ILE C 648 -16.15 12.30 -57.15
CA ILE C 648 -16.53 11.52 -58.32
C ILE C 648 -18.06 11.50 -58.39
N HIS C 649 -18.61 12.33 -59.28
CA HIS C 649 -20.04 12.40 -59.56
C HIS C 649 -20.23 12.49 -61.08
N GLU C 650 -21.36 11.96 -61.58
CA GLU C 650 -21.69 12.03 -62.99
C GLU C 650 -21.59 13.49 -63.45
N TYR C 651 -22.08 14.41 -62.60
CA TYR C 651 -22.25 15.82 -62.93
C TYR C 651 -20.93 16.58 -62.91
N LYS C 652 -19.91 16.04 -62.23
CA LYS C 652 -18.59 16.67 -62.30
C LYS C 652 -17.93 16.26 -63.62
N ARG C 653 -18.41 15.12 -64.16
CA ARG C 653 -18.12 14.62 -65.49
C ARG C 653 -16.64 14.30 -65.63
N GLN C 654 -16.17 13.39 -64.77
CA GLN C 654 -14.85 12.84 -64.98
C GLN C 654 -14.90 12.04 -66.27
N LEU C 655 -16.10 11.48 -66.55
CA LEU C 655 -16.30 10.63 -67.70
C LEU C 655 -15.85 11.37 -68.95
N LEU C 656 -15.97 12.71 -68.88
CA LEU C 656 -15.60 13.57 -69.99
C LEU C 656 -14.09 13.60 -70.17
N ASN C 657 -13.37 13.91 -69.09
CA ASN C 657 -11.92 14.00 -69.14
C ASN C 657 -11.36 12.73 -69.79
N ILE C 658 -11.77 11.59 -69.23
CA ILE C 658 -11.26 10.28 -69.60
C ILE C 658 -11.64 9.98 -71.06
N PHE C 659 -12.89 10.21 -71.42
CA PHE C 659 -13.28 10.04 -72.80
C PHE C 659 -12.29 10.80 -73.69
N GLY C 660 -11.90 12.00 -73.23
CA GLY C 660 -10.93 12.86 -73.89
C GLY C 660 -9.59 12.15 -74.06
N ILE C 661 -9.17 11.48 -72.99
CA ILE C 661 -7.99 10.65 -73.04
C ILE C 661 -8.20 9.52 -74.06
N VAL C 662 -9.28 8.74 -73.89
CA VAL C 662 -9.54 7.54 -74.67
C VAL C 662 -9.41 7.83 -76.16
N TYR C 663 -9.91 9.02 -76.54
CA TYR C 663 -9.84 9.43 -77.92
C TYR C 663 -8.38 9.68 -78.32
N ARG C 664 -7.69 10.54 -77.56
CA ARG C 664 -6.32 10.92 -77.86
C ARG C 664 -5.44 9.67 -77.99
N TYR C 665 -5.75 8.66 -77.17
CA TYR C 665 -5.11 7.36 -77.24
C TYR C 665 -5.42 6.70 -78.58
N LYS C 666 -6.71 6.39 -78.80
CA LYS C 666 -7.12 5.63 -79.97
C LYS C 666 -6.38 6.15 -81.20
N LYS C 667 -6.33 7.49 -81.32
CA LYS C 667 -5.70 8.19 -82.44
C LYS C 667 -4.21 7.87 -82.48
N MET C 668 -3.59 7.92 -81.30
CA MET C 668 -2.17 7.58 -81.14
C MET C 668 -1.90 6.22 -81.76
N LYS C 669 -2.78 5.26 -81.48
CA LYS C 669 -2.54 3.87 -81.88
C LYS C 669 -2.61 3.73 -83.40
N GLU C 670 -3.48 4.53 -84.03
CA GLU C 670 -3.63 4.46 -85.48
C GLU C 670 -2.63 5.39 -86.15
N MET C 671 -1.38 5.38 -85.67
CA MET C 671 -0.40 6.39 -86.05
C MET C 671 0.96 5.73 -86.31
N THR C 672 1.98 6.57 -86.53
CA THR C 672 3.37 6.16 -86.48
C THR C 672 4.08 6.97 -85.40
N ALA C 673 5.31 6.54 -85.06
CA ALA C 673 6.16 7.16 -84.06
C ALA C 673 6.37 8.64 -84.40
N ALA C 674 6.83 8.90 -85.64
CA ALA C 674 7.00 10.23 -86.18
C ALA C 674 5.76 11.07 -85.89
N GLU C 675 4.60 10.52 -86.30
CA GLU C 675 3.32 11.21 -86.28
C GLU C 675 2.87 11.53 -84.86
N ARG C 676 3.01 10.55 -83.95
CA ARG C 676 2.55 10.66 -82.58
C ARG C 676 3.16 11.88 -81.85
N LYS C 677 4.50 11.95 -81.83
CA LYS C 677 5.27 12.99 -81.16
C LYS C 677 4.89 14.36 -81.71
N THR C 678 4.62 14.40 -83.02
CA THR C 678 4.21 15.61 -83.72
C THR C 678 2.84 16.08 -83.23
N ASN C 679 1.91 15.13 -83.01
CA ASN C 679 0.50 15.44 -82.82
C ASN C 679 0.18 15.73 -81.36
N PHE C 680 0.75 14.93 -80.46
CA PHE C 680 0.42 15.05 -79.06
C PHE C 680 1.67 15.45 -78.27
N VAL C 681 1.42 16.14 -77.15
CA VAL C 681 2.47 16.46 -76.20
C VAL C 681 2.48 15.36 -75.14
N PRO C 682 3.66 15.06 -74.54
CA PRO C 682 3.75 14.14 -73.41
C PRO C 682 2.87 14.59 -72.25
N ARG C 683 2.07 13.65 -71.71
CA ARG C 683 1.04 13.99 -70.74
C ARG C 683 0.99 12.94 -69.61
N VAL C 684 0.59 13.42 -68.44
CA VAL C 684 0.24 12.60 -67.30
C VAL C 684 -1.08 13.12 -66.75
N CYS C 685 -2.13 12.34 -66.98
CA CYS C 685 -3.47 12.77 -66.62
C CYS C 685 -3.84 12.17 -65.26
N ILE C 686 -3.82 13.03 -64.26
CA ILE C 686 -4.02 12.65 -62.87
C ILE C 686 -5.50 12.77 -62.51
N PHE C 687 -6.06 11.67 -62.03
CA PHE C 687 -7.42 11.65 -61.51
C PHE C 687 -7.39 11.42 -60.00
N GLY C 688 -8.34 12.03 -59.28
CA GLY C 688 -8.47 11.83 -57.84
C GLY C 688 -9.86 12.13 -57.30
N GLY C 689 -10.18 11.49 -56.15
CA GLY C 689 -11.37 11.83 -55.39
C GLY C 689 -12.25 10.61 -55.10
N LYS C 690 -13.25 10.81 -54.25
CA LYS C 690 -13.99 9.71 -53.63
C LYS C 690 -15.41 9.64 -54.18
N ALA C 691 -15.89 8.40 -54.39
CA ALA C 691 -17.27 8.09 -54.80
C ALA C 691 -18.10 7.76 -53.56
N PHE C 692 -19.29 8.38 -53.43
CA PHE C 692 -20.26 7.90 -52.48
C PHE C 692 -20.34 6.38 -52.61
N ALA C 693 -20.54 5.69 -51.48
CA ALA C 693 -20.39 4.25 -51.42
C ALA C 693 -21.43 3.56 -52.29
N THR C 694 -22.68 4.03 -52.20
CA THR C 694 -23.83 3.35 -52.77
C THR C 694 -24.27 4.03 -54.09
N TYR C 695 -23.30 4.56 -54.82
CA TYR C 695 -23.53 5.27 -56.08
C TYR C 695 -22.94 4.44 -57.22
N VAL C 696 -23.65 3.37 -57.58
CA VAL C 696 -23.12 2.29 -58.40
C VAL C 696 -22.24 2.85 -59.50
N GLN C 697 -22.70 3.94 -60.13
CA GLN C 697 -22.06 4.46 -61.32
C GLN C 697 -20.73 5.13 -60.96
N ALA C 698 -20.78 6.03 -59.98
CA ALA C 698 -19.59 6.76 -59.54
C ALA C 698 -18.43 5.79 -59.37
N LYS C 699 -18.73 4.62 -58.82
CA LYS C 699 -17.74 3.59 -58.56
C LYS C 699 -17.32 2.91 -59.86
N ARG C 700 -18.27 2.73 -60.78
CA ARG C 700 -17.98 2.08 -62.05
C ARG C 700 -17.03 2.94 -62.88
N ILE C 701 -16.99 4.25 -62.57
CA ILE C 701 -16.14 5.20 -63.27
C ILE C 701 -14.70 5.07 -62.82
N VAL C 702 -14.48 5.17 -61.51
CA VAL C 702 -13.15 5.01 -60.97
C VAL C 702 -12.57 3.70 -61.48
N LYS C 703 -13.42 2.67 -61.52
CA LYS C 703 -13.10 1.36 -62.07
C LYS C 703 -12.63 1.52 -63.51
N PHE C 704 -13.40 2.28 -64.29
CA PHE C 704 -13.05 2.51 -65.68
C PHE C 704 -11.67 3.15 -65.73
N ILE C 705 -11.55 4.31 -65.07
CA ILE C 705 -10.35 5.15 -65.13
C ILE C 705 -9.10 4.30 -64.90
N THR C 706 -9.21 3.36 -63.96
CA THR C 706 -8.10 2.53 -63.56
C THR C 706 -7.77 1.52 -64.65
N ASP C 707 -8.81 0.98 -65.29
CA ASP C 707 -8.63 0.03 -66.37
C ASP C 707 -7.95 0.72 -67.55
N VAL C 708 -8.45 1.91 -67.89
CA VAL C 708 -7.88 2.72 -68.95
C VAL C 708 -6.38 2.88 -68.68
N GLY C 709 -6.05 3.50 -67.54
CA GLY C 709 -4.68 3.74 -67.13
C GLY C 709 -3.82 2.51 -67.31
N ALA C 710 -4.32 1.36 -66.82
CA ALA C 710 -3.65 0.08 -66.87
C ALA C 710 -3.23 -0.26 -68.30
N THR C 711 -4.22 -0.24 -69.21
CA THR C 711 -4.03 -0.60 -70.62
C THR C 711 -2.96 0.30 -71.25
N ILE C 712 -3.05 1.61 -70.96
CA ILE C 712 -2.24 2.66 -71.55
C ILE C 712 -0.81 2.59 -71.02
N ASN C 713 -0.69 2.67 -69.69
CA ASN C 713 0.59 2.84 -69.04
C ASN C 713 1.51 1.68 -69.41
N HIS C 714 0.89 0.53 -69.71
CA HIS C 714 1.64 -0.65 -70.05
C HIS C 714 1.53 -1.00 -71.54
N ASP C 715 0.91 -0.13 -72.34
CA ASP C 715 1.07 -0.22 -73.78
C ASP C 715 2.48 0.21 -74.16
N PRO C 716 3.26 -0.64 -74.88
CA PRO C 716 4.64 -0.33 -75.23
C PRO C 716 4.81 0.76 -76.28
N GLU C 717 3.75 0.98 -77.08
CA GLU C 717 3.79 1.95 -78.17
C GLU C 717 3.66 3.38 -77.63
N ILE C 718 3.04 3.49 -76.44
CA ILE C 718 2.72 4.79 -75.86
C ILE C 718 3.96 5.38 -75.18
N GLY C 719 4.79 4.52 -74.58
CA GLY C 719 5.97 4.97 -73.86
C GLY C 719 5.63 5.87 -72.68
N ASP C 720 6.24 7.06 -72.66
CA ASP C 720 5.97 8.06 -71.63
C ASP C 720 5.20 9.25 -72.23
N LEU C 721 4.68 9.09 -73.45
CA LEU C 721 3.92 10.12 -74.15
C LEU C 721 2.54 10.28 -73.53
N LEU C 722 2.05 9.22 -72.86
CA LEU C 722 0.83 9.31 -72.09
C LEU C 722 0.87 8.37 -70.90
N LYS C 723 0.44 8.89 -69.74
CA LYS C 723 0.18 8.12 -68.54
C LYS C 723 -1.14 8.59 -67.91
N VAL C 724 -1.91 7.64 -67.37
CA VAL C 724 -3.15 7.91 -66.66
C VAL C 724 -3.14 7.15 -65.33
N VAL C 725 -3.09 7.91 -64.22
CA VAL C 725 -3.07 7.31 -62.88
C VAL C 725 -4.36 7.71 -62.15
N PHE C 726 -4.61 7.08 -61.00
CA PHE C 726 -5.65 7.52 -60.09
C PHE C 726 -5.11 7.53 -58.66
N VAL C 727 -4.83 8.74 -58.14
CA VAL C 727 -4.27 8.89 -56.81
C VAL C 727 -5.33 8.52 -55.77
N PRO C 728 -5.02 7.54 -54.90
CA PRO C 728 -5.97 7.05 -53.92
C PRO C 728 -5.98 7.94 -52.68
N ASP C 729 -7.19 8.14 -52.16
CA ASP C 729 -7.45 8.84 -50.90
C ASP C 729 -7.04 10.30 -51.04
N TYR C 730 -7.66 11.00 -52.00
CA TYR C 730 -7.44 12.43 -52.14
C TYR C 730 -7.82 13.12 -50.84
N ASN C 731 -6.96 14.06 -50.42
CA ASN C 731 -7.25 14.94 -49.29
C ASN C 731 -6.26 16.11 -49.30
N VAL C 732 -6.35 16.92 -48.24
CA VAL C 732 -5.60 18.15 -48.08
C VAL C 732 -4.15 17.95 -48.49
N SER C 733 -3.52 16.91 -47.90
CA SER C 733 -2.12 16.64 -48.14
C SER C 733 -1.88 16.32 -49.61
N VAL C 734 -2.66 15.40 -50.16
CA VAL C 734 -2.52 15.01 -51.56
C VAL C 734 -2.47 16.28 -52.40
N ALA C 735 -3.42 17.18 -52.12
CA ALA C 735 -3.58 18.43 -52.82
C ALA C 735 -2.33 19.30 -52.63
N GLU C 736 -1.85 19.36 -51.38
CA GLU C 736 -0.69 20.17 -51.09
C GLU C 736 0.51 19.72 -51.91
N LEU C 737 0.39 18.55 -52.56
CA LEU C 737 1.50 18.02 -53.34
C LEU C 737 1.23 18.09 -54.84
N LEU C 738 -0.01 17.80 -55.25
CA LEU C 738 -0.38 17.83 -56.66
C LEU C 738 -0.39 19.27 -57.18
N ILE C 739 -1.06 20.17 -56.45
CA ILE C 739 -1.33 21.52 -56.89
C ILE C 739 -0.02 22.26 -57.24
N PRO C 740 0.95 22.40 -56.31
CA PRO C 740 2.19 23.11 -56.62
C PRO C 740 2.92 22.57 -57.85
N ALA C 741 2.39 21.51 -58.44
CA ALA C 741 3.08 20.80 -59.51
C ALA C 741 2.15 20.51 -60.67
N SER C 742 1.01 21.21 -60.72
CA SER C 742 0.06 21.06 -61.82
C SER C 742 0.50 21.91 -63.01
N ASP C 743 0.11 21.49 -64.21
CA ASP C 743 0.21 22.33 -65.40
C ASP C 743 -1.19 22.82 -65.75
N LEU C 744 -2.14 21.86 -65.83
CA LEU C 744 -3.52 22.12 -66.21
C LEU C 744 -4.45 21.49 -65.19
N SER C 745 -5.55 22.18 -64.85
CA SER C 745 -6.51 21.70 -63.87
C SER C 745 -7.92 21.83 -64.41
N GLU C 746 -8.65 20.72 -64.43
CA GLU C 746 -9.97 20.67 -65.04
C GLU C 746 -11.04 20.90 -63.97
N HIS C 747 -12.09 21.64 -64.36
CA HIS C 747 -13.25 21.92 -63.53
C HIS C 747 -14.47 21.90 -64.45
N ILE C 748 -14.81 20.72 -64.98
CA ILE C 748 -15.55 20.65 -66.23
C ILE C 748 -17.01 20.25 -65.98
N SER C 749 -17.51 20.56 -64.78
CA SER C 749 -18.86 20.20 -64.36
C SER C 749 -19.91 20.89 -65.23
N THR C 750 -21.01 20.15 -65.52
CA THR C 750 -22.15 20.62 -66.31
C THR C 750 -22.52 22.04 -65.87
N ALA C 751 -22.35 22.98 -66.80
CA ALA C 751 -22.26 24.41 -66.49
C ALA C 751 -23.51 24.89 -65.75
N GLY C 752 -23.27 25.64 -64.66
CA GLY C 752 -24.32 26.33 -63.94
C GLY C 752 -24.73 25.61 -62.66
N MET C 753 -24.30 24.35 -62.51
CA MET C 753 -24.66 23.58 -61.32
C MET C 753 -23.74 23.93 -60.13
N GLU C 754 -22.55 24.45 -60.41
CA GLU C 754 -21.52 24.63 -59.39
C GLU C 754 -21.60 26.03 -58.81
N ALA C 755 -21.67 26.10 -57.48
CA ALA C 755 -21.99 27.33 -56.77
C ALA C 755 -20.76 28.25 -56.64
N SER C 756 -19.56 27.67 -56.55
CA SER C 756 -18.31 28.44 -56.53
C SER C 756 -17.14 27.56 -56.94
N GLY C 757 -16.53 26.89 -55.95
CA GLY C 757 -15.29 26.14 -56.16
C GLY C 757 -14.14 26.78 -55.38
N THR C 758 -13.24 25.95 -54.88
CA THR C 758 -12.11 26.45 -54.11
C THR C 758 -10.82 25.92 -54.73
N SER C 759 -10.86 24.70 -55.28
CA SER C 759 -9.68 23.99 -55.76
C SER C 759 -8.98 24.82 -56.83
N ASN C 760 -9.77 25.30 -57.78
CA ASN C 760 -9.29 26.19 -58.82
C ASN C 760 -8.55 27.37 -58.19
N MET C 761 -9.19 28.07 -57.26
CA MET C 761 -8.58 29.22 -56.62
C MET C 761 -7.15 28.90 -56.19
N1 LLP C 762 -11.35 19.31 -51.01
C2 LLP C 762 -10.18 19.77 -50.58
C2' LLP C 762 -9.24 18.80 -49.94
C3 LLP C 762 -9.83 21.12 -50.72
O3 LLP C 762 -8.63 21.54 -50.23
C4 LLP C 762 -10.74 22.02 -51.33
C4' LLP C 762 -10.37 23.45 -51.45
C5 LLP C 762 -11.97 21.50 -51.77
C6 LLP C 762 -12.22 20.17 -51.60
C5' LLP C 762 -13.03 22.32 -52.47
OP4 LLP C 762 -13.59 21.54 -53.58
P LLP C 762 -13.59 22.05 -55.13
OP1 LLP C 762 -13.33 23.54 -55.09
OP2 LLP C 762 -12.52 21.27 -55.90
OP3 LLP C 762 -15.00 21.72 -55.59
N LLP C 762 -6.95 27.70 -55.64
CA LLP C 762 -5.62 27.21 -55.33
CB LLP C 762 -5.62 25.94 -54.46
CG LLP C 762 -6.95 25.23 -54.24
CD LLP C 762 -7.24 24.73 -52.82
CE LLP C 762 -8.70 24.93 -52.35
NZ LLP C 762 -9.16 23.90 -51.41
C LLP C 762 -4.83 27.08 -56.63
O LLP C 762 -3.97 27.91 -56.91
N PHE C 763 -5.17 26.06 -57.44
CA PHE C 763 -4.53 25.78 -58.71
C PHE C 763 -4.05 27.07 -59.36
N ALA C 764 -4.95 28.06 -59.37
CA ALA C 764 -4.65 29.36 -59.94
C ALA C 764 -3.40 29.93 -59.27
N MET C 765 -3.43 30.02 -57.93
CA MET C 765 -2.39 30.68 -57.18
C MET C 765 -1.04 30.08 -57.50
N ASN C 766 -1.01 28.79 -57.83
CA ASN C 766 0.22 28.05 -58.04
C ASN C 766 0.59 28.03 -59.53
N GLY C 767 -0.05 28.90 -60.32
CA GLY C 767 0.33 29.08 -61.71
C GLY C 767 -0.30 28.04 -62.64
N CYS C 768 -1.09 27.12 -62.06
CA CYS C 768 -1.76 26.13 -62.88
C CYS C 768 -2.75 26.84 -63.81
N ILE C 769 -2.75 26.39 -65.06
CA ILE C 769 -3.67 26.83 -66.09
C ILE C 769 -4.93 25.96 -66.03
N GLN C 770 -6.10 26.61 -65.95
CA GLN C 770 -7.38 25.94 -65.76
C GLN C 770 -8.08 25.70 -67.11
N ILE C 771 -8.79 24.57 -67.24
CA ILE C 771 -9.74 24.32 -68.32
C ILE C 771 -11.11 24.02 -67.69
N GLY C 772 -12.17 24.70 -68.13
CA GLY C 772 -13.47 24.51 -67.51
C GLY C 772 -14.64 25.08 -68.30
N THR C 773 -15.84 24.67 -67.90
CA THR C 773 -17.06 25.32 -68.38
C THR C 773 -17.29 26.57 -67.55
N LEU C 774 -18.12 27.47 -68.10
CA LEU C 774 -18.34 28.78 -67.52
C LEU C 774 -19.34 28.66 -66.37
N ASP C 775 -18.85 28.23 -65.19
CA ASP C 775 -19.71 28.19 -64.03
C ASP C 775 -18.92 28.42 -62.74
N GLY C 776 -19.67 28.80 -61.70
CA GLY C 776 -19.15 29.04 -60.37
C GLY C 776 -18.04 30.10 -60.38
N ALA C 777 -16.87 29.68 -59.89
CA ALA C 777 -15.72 30.54 -59.78
C ALA C 777 -15.07 30.71 -61.16
N ASN C 778 -15.08 29.63 -61.96
CA ASN C 778 -14.50 29.61 -63.31
C ASN C 778 -14.59 30.99 -63.94
N VAL C 779 -15.75 31.62 -63.74
CA VAL C 779 -16.11 32.95 -64.18
C VAL C 779 -15.14 33.98 -63.61
N GLU C 780 -15.17 34.11 -62.28
CA GLU C 780 -14.47 35.16 -61.56
C GLU C 780 -12.96 34.99 -61.65
N ILE C 781 -12.49 33.73 -61.76
CA ILE C 781 -11.09 33.42 -61.98
C ILE C 781 -10.69 33.87 -63.39
N ARG C 782 -11.29 33.23 -64.40
CA ARG C 782 -11.05 33.58 -65.79
C ARG C 782 -10.86 35.08 -65.90
N GLU C 783 -11.89 35.81 -65.44
CA GLU C 783 -11.89 37.27 -65.42
C GLU C 783 -10.60 37.80 -64.81
N GLU C 784 -10.40 37.55 -63.52
CA GLU C 784 -9.33 38.17 -62.76
C GLU C 784 -7.96 37.88 -63.37
N VAL C 785 -7.82 36.74 -64.08
CA VAL C 785 -6.53 36.31 -64.58
C VAL C 785 -6.34 36.70 -66.04
N GLY C 786 -7.45 36.79 -66.78
CA GLY C 786 -7.38 37.08 -68.20
C GLY C 786 -7.97 35.94 -69.02
N GLU C 787 -8.79 36.30 -70.01
CA GLU C 787 -9.54 35.33 -70.79
C GLU C 787 -8.55 34.48 -71.60
N GLU C 788 -7.41 35.07 -71.96
CA GLU C 788 -6.44 34.31 -72.73
C GLU C 788 -5.44 33.61 -71.80
N ASN C 789 -5.94 33.27 -70.62
CA ASN C 789 -5.16 32.55 -69.63
C ASN C 789 -6.02 31.45 -69.00
N PHE C 790 -7.01 30.96 -69.76
CA PHE C 790 -8.03 30.08 -69.23
C PHE C 790 -8.79 29.45 -70.39
N PHE C 791 -8.69 28.12 -70.50
CA PHE C 791 -9.34 27.38 -71.56
C PHE C 791 -10.82 27.21 -71.22
N LEU C 792 -11.70 27.73 -72.08
CA LEU C 792 -13.14 27.56 -71.93
C LEU C 792 -13.65 26.58 -72.99
N PHE C 793 -14.85 26.02 -72.76
CA PHE C 793 -15.51 25.17 -73.75
C PHE C 793 -16.93 24.85 -73.29
N GLY C 794 -17.70 24.27 -74.24
CA GLY C 794 -18.99 23.65 -73.98
C GLY C 794 -20.14 24.62 -73.76
N ALA C 795 -21.32 24.05 -73.48
CA ALA C 795 -22.54 24.82 -73.33
C ALA C 795 -22.47 25.74 -72.12
N GLN C 796 -23.42 26.68 -72.04
CA GLN C 796 -23.52 27.63 -70.96
C GLN C 796 -24.88 27.48 -70.27
N ALA C 797 -25.03 28.21 -69.15
CA ALA C 797 -26.06 28.00 -68.15
C ALA C 797 -27.46 27.93 -68.78
N HIS C 798 -27.78 28.99 -69.53
CA HIS C 798 -29.07 29.19 -70.19
C HIS C 798 -29.46 27.99 -71.06
N GLU C 799 -28.50 27.45 -71.82
CA GLU C 799 -28.74 26.51 -72.90
C GLU C 799 -29.29 25.18 -72.41
N ILE C 800 -29.01 24.84 -71.14
CA ILE C 800 -29.09 23.47 -70.66
C ILE C 800 -30.51 22.92 -70.73
N ALA C 801 -31.50 23.74 -70.34
CA ALA C 801 -32.90 23.36 -70.41
C ALA C 801 -33.26 22.96 -71.84
N GLY C 802 -32.79 23.80 -72.79
CA GLY C 802 -33.04 23.63 -74.21
C GLY C 802 -32.34 22.40 -74.79
N LEU C 803 -31.11 22.12 -74.33
CA LEU C 803 -30.31 21.04 -74.86
C LEU C 803 -30.83 19.69 -74.39
N ARG C 804 -31.47 19.71 -73.20
CA ARG C 804 -32.14 18.57 -72.59
C ARG C 804 -33.50 18.34 -73.26
N LYS C 805 -34.09 19.44 -73.74
CA LYS C 805 -35.30 19.38 -74.54
C LYS C 805 -34.99 18.74 -75.89
N GLU C 806 -33.88 19.15 -76.53
CA GLU C 806 -33.41 18.61 -77.81
C GLU C 806 -33.19 17.10 -77.70
N ARG C 807 -32.57 16.67 -76.61
CA ARG C 807 -32.39 15.25 -76.33
C ARG C 807 -33.75 14.58 -76.19
N ALA C 808 -34.64 15.22 -75.41
CA ALA C 808 -35.94 14.69 -75.02
C ALA C 808 -36.86 14.49 -76.24
N ASP C 809 -36.61 15.27 -77.32
CA ASP C 809 -37.48 15.24 -78.49
C ASP C 809 -36.87 14.39 -79.60
N GLY C 810 -35.67 13.84 -79.34
CA GLY C 810 -34.92 13.06 -80.31
C GLY C 810 -34.25 13.96 -81.35
N LYS C 811 -33.77 15.12 -80.88
CA LYS C 811 -33.21 16.19 -81.71
C LYS C 811 -31.69 16.33 -81.48
N PHE C 812 -31.11 15.42 -80.69
CA PHE C 812 -29.66 15.42 -80.53
C PHE C 812 -29.03 14.47 -81.55
N VAL C 813 -28.02 14.98 -82.27
CA VAL C 813 -27.16 14.17 -83.12
C VAL C 813 -25.77 14.12 -82.49
N PRO C 814 -25.31 12.92 -82.05
CA PRO C 814 -23.97 12.78 -81.46
C PRO C 814 -22.86 13.10 -82.47
N ASP C 815 -21.67 13.42 -81.95
CA ASP C 815 -20.49 13.46 -82.78
C ASP C 815 -20.11 12.04 -83.19
N GLU C 816 -19.24 11.92 -84.20
CA GLU C 816 -18.84 10.64 -84.76
C GLU C 816 -17.57 10.09 -84.08
N ARG C 817 -16.88 10.98 -83.34
CA ARG C 817 -15.71 10.63 -82.56
C ARG C 817 -16.15 10.09 -81.20
N PHE C 818 -17.33 10.54 -80.73
CA PHE C 818 -17.97 10.11 -79.49
C PHE C 818 -18.32 8.63 -79.59
N GLU C 819 -18.90 8.24 -80.73
CA GLU C 819 -19.32 6.87 -81.02
C GLU C 819 -18.10 6.01 -81.33
N GLU C 820 -17.02 6.69 -81.78
CA GLU C 820 -15.74 6.05 -82.06
C GLU C 820 -15.12 5.52 -80.76
N VAL C 821 -15.21 6.32 -79.68
CA VAL C 821 -14.74 5.98 -78.33
C VAL C 821 -15.61 4.88 -77.74
N LYS C 822 -16.95 5.03 -77.89
CA LYS C 822 -17.97 4.19 -77.27
C LYS C 822 -17.90 2.75 -77.79
N GLU C 823 -17.77 2.60 -79.12
CA GLU C 823 -17.65 1.30 -79.75
C GLU C 823 -16.29 0.66 -79.46
N PHE C 824 -15.28 1.52 -79.20
CA PHE C 824 -13.93 1.09 -78.90
C PHE C 824 -13.87 0.45 -77.52
N VAL C 825 -14.71 0.94 -76.60
CA VAL C 825 -14.81 0.44 -75.23
C VAL C 825 -15.56 -0.89 -75.24
N ARG C 826 -16.57 -0.98 -76.10
CA ARG C 826 -17.38 -2.18 -76.24
C ARG C 826 -16.58 -3.28 -76.92
N SER C 827 -15.46 -2.90 -77.57
CA SER C 827 -14.57 -3.83 -78.25
C SER C 827 -13.79 -4.66 -77.24
N GLY C 828 -13.50 -4.06 -76.08
CA GLY C 828 -12.87 -4.73 -74.95
C GLY C 828 -11.40 -4.37 -74.78
N ALA C 829 -11.02 -3.18 -75.27
CA ALA C 829 -9.63 -2.74 -75.32
C ALA C 829 -9.13 -2.33 -73.93
N PHE C 830 -10.05 -2.19 -72.97
CA PHE C 830 -9.75 -1.91 -71.57
C PHE C 830 -10.29 -3.01 -70.67
N GLY C 831 -9.52 -4.10 -70.57
CA GLY C 831 -9.84 -5.23 -69.71
C GLY C 831 -11.08 -6.00 -70.17
N SER C 832 -11.32 -7.11 -69.48
CA SER C 832 -12.51 -7.92 -69.73
C SER C 832 -13.68 -7.39 -68.92
N TYR C 833 -13.41 -6.42 -68.02
CA TYR C 833 -14.50 -5.78 -67.30
C TYR C 833 -15.46 -5.16 -68.32
N ASN C 834 -16.73 -5.58 -68.23
CA ASN C 834 -17.77 -5.11 -69.13
C ASN C 834 -18.32 -3.79 -68.59
N TYR C 835 -18.30 -2.76 -69.45
CA TYR C 835 -18.79 -1.43 -69.11
C TYR C 835 -20.04 -1.09 -69.90
N ASP C 836 -20.86 -2.11 -70.20
CA ASP C 836 -22.05 -1.95 -71.04
C ASP C 836 -23.10 -1.13 -70.31
N ASP C 837 -23.10 -1.24 -68.97
CA ASP C 837 -24.05 -0.53 -68.12
C ASP C 837 -23.58 0.89 -67.86
N LEU C 838 -22.25 1.12 -67.99
CA LEU C 838 -21.63 2.44 -67.92
C LEU C 838 -22.03 3.25 -69.14
N ILE C 839 -21.84 2.65 -70.34
CA ILE C 839 -22.13 3.30 -71.60
C ILE C 839 -23.66 3.41 -71.78
N GLY C 840 -24.41 2.55 -71.08
CA GLY C 840 -25.86 2.62 -71.03
C GLY C 840 -26.41 3.99 -70.62
N SER C 841 -25.80 4.59 -69.59
CA SER C 841 -26.32 5.81 -68.99
C SER C 841 -26.14 7.01 -69.93
N LEU C 842 -25.40 6.80 -71.03
CA LEU C 842 -25.12 7.83 -72.02
C LEU C 842 -26.19 7.84 -73.12
N GLU C 843 -26.91 6.71 -73.30
CA GLU C 843 -27.77 6.49 -74.47
C GLU C 843 -29.25 6.56 -74.10
N GLY C 844 -30.11 6.83 -75.11
CA GLY C 844 -31.55 6.91 -74.97
C GLY C 844 -32.06 8.33 -75.09
N ASN C 845 -33.33 8.55 -74.69
CA ASN C 845 -33.98 9.86 -74.80
C ASN C 845 -34.51 10.34 -73.44
N GLU C 846 -34.92 9.38 -72.60
CA GLU C 846 -35.50 9.62 -71.27
C GLU C 846 -35.14 8.49 -70.30
N GLY C 847 -35.42 8.70 -69.00
CA GLY C 847 -35.02 7.78 -67.93
C GLY C 847 -33.98 8.41 -67.01
N PHE C 848 -34.17 8.26 -65.69
CA PHE C 848 -33.39 9.01 -64.71
C PHE C 848 -31.90 8.65 -64.80
N GLY C 849 -31.61 7.40 -65.19
CA GLY C 849 -30.25 6.92 -65.37
C GLY C 849 -29.90 6.59 -66.82
N ARG C 850 -30.67 7.15 -67.77
CA ARG C 850 -30.35 7.04 -69.18
C ARG C 850 -30.19 8.45 -69.76
N ALA C 851 -29.86 8.49 -71.06
CA ALA C 851 -29.94 9.65 -71.93
C ALA C 851 -29.07 10.82 -71.45
N ASP C 852 -27.85 10.52 -70.97
CA ASP C 852 -26.75 11.45 -70.86
C ASP C 852 -27.23 12.82 -70.36
N TYR C 853 -27.91 12.82 -69.20
CA TYR C 853 -28.54 14.01 -68.64
C TYR C 853 -27.54 15.15 -68.48
N PHE C 854 -26.24 14.83 -68.47
CA PHE C 854 -25.20 15.80 -68.15
C PHE C 854 -24.37 16.17 -69.38
N LEU C 855 -24.95 15.91 -70.56
CA LEU C 855 -24.48 16.46 -71.81
C LEU C 855 -22.99 16.22 -71.94
N VAL C 856 -22.60 14.96 -71.79
CA VAL C 856 -21.23 14.55 -72.01
C VAL C 856 -21.00 14.42 -73.51
N GLY C 857 -21.97 13.79 -74.19
CA GLY C 857 -21.98 13.68 -75.64
C GLY C 857 -21.95 15.06 -76.30
N LYS C 858 -22.77 15.99 -75.79
CA LYS C 858 -22.92 17.32 -76.37
C LYS C 858 -21.61 18.10 -76.21
N ASP C 859 -21.03 18.08 -75.00
CA ASP C 859 -19.86 18.89 -74.72
C ASP C 859 -18.59 18.26 -75.28
N PHE C 860 -18.66 16.97 -75.61
CA PHE C 860 -17.50 16.17 -76.02
C PHE C 860 -16.71 16.87 -77.13
N PRO C 861 -17.35 17.21 -78.28
CA PRO C 861 -16.63 17.84 -79.40
C PRO C 861 -15.86 19.10 -79.02
N SER C 862 -16.59 20.06 -78.42
CA SER C 862 -16.06 21.36 -77.98
C SER C 862 -14.89 21.17 -77.02
N TYR C 863 -15.00 20.13 -76.18
CA TYR C 863 -13.97 19.79 -75.21
C TYR C 863 -12.71 19.33 -75.94
N ILE C 864 -12.82 18.26 -76.74
CA ILE C 864 -11.64 17.62 -77.31
C ILE C 864 -10.94 18.60 -78.24
N GLU C 865 -11.75 19.44 -78.90
CA GLU C 865 -11.23 20.53 -79.70
C GLU C 865 -10.40 21.44 -78.80
N CYS C 866 -10.94 21.75 -77.60
CA CYS C 866 -10.30 22.65 -76.65
C CYS C 866 -8.97 22.08 -76.16
N GLN C 867 -8.86 20.74 -76.17
CA GLN C 867 -7.66 20.05 -75.72
C GLN C 867 -6.56 20.16 -76.78
N GLU C 868 -6.96 20.13 -78.06
CA GLU C 868 -6.01 20.42 -79.13
C GLU C 868 -5.37 21.78 -78.87
N LYS C 869 -6.18 22.74 -78.39
CA LYS C 869 -5.71 24.11 -78.13
C LYS C 869 -4.75 24.12 -76.95
N VAL C 870 -4.93 23.19 -76.00
CA VAL C 870 -3.98 23.11 -74.91
C VAL C 870 -2.65 22.60 -75.46
N ASP C 871 -2.73 21.53 -76.27
CA ASP C 871 -1.57 20.93 -76.93
C ASP C 871 -0.76 22.06 -77.58
N GLU C 872 -1.45 22.84 -78.43
CA GLU C 872 -0.88 23.95 -79.17
C GLU C 872 -0.16 24.90 -78.21
N ALA C 873 -0.83 25.23 -77.08
CA ALA C 873 -0.40 26.26 -76.14
C ALA C 873 0.89 25.85 -75.44
N TYR C 874 0.99 24.55 -75.14
CA TYR C 874 2.10 24.00 -74.39
C TYR C 874 3.36 23.99 -75.25
N ARG C 875 3.19 23.74 -76.56
CA ARG C 875 4.30 23.68 -77.50
C ARG C 875 5.05 25.00 -77.51
N ASP C 876 4.31 26.11 -77.37
CA ASP C 876 4.90 27.41 -77.15
C ASP C 876 5.19 27.57 -75.65
N GLN C 877 6.43 27.25 -75.26
CA GLN C 877 6.79 27.21 -73.85
C GLN C 877 6.85 28.62 -73.26
N LYS C 878 7.30 29.58 -74.07
CA LYS C 878 7.39 30.95 -73.60
C LYS C 878 5.99 31.48 -73.30
N ARG C 879 5.07 31.28 -74.24
CA ARG C 879 3.68 31.64 -74.06
C ARG C 879 3.16 31.00 -72.79
N TRP C 880 3.22 29.67 -72.75
CA TRP C 880 2.67 28.85 -71.68
C TRP C 880 3.11 29.36 -70.31
N THR C 881 4.42 29.63 -70.17
CA THR C 881 5.01 30.11 -68.93
C THR C 881 4.40 31.45 -68.55
N THR C 882 4.20 32.32 -69.55
CA THR C 882 3.59 33.61 -69.30
C THR C 882 2.17 33.40 -68.78
N MET C 883 1.40 32.58 -69.49
CA MET C 883 0.04 32.26 -69.09
C MET C 883 0.03 31.85 -67.61
N SER C 884 1.00 31.02 -67.23
CA SER C 884 1.16 30.58 -65.85
C SER C 884 1.37 31.76 -64.90
N ILE C 885 2.37 32.61 -65.19
CA ILE C 885 2.79 33.67 -64.30
C ILE C 885 1.60 34.58 -64.00
N LEU C 886 0.72 34.71 -64.99
CA LEU C 886 -0.41 35.61 -64.89
C LEU C 886 -1.50 34.98 -64.03
N ASN C 887 -1.65 33.64 -64.14
CA ASN C 887 -2.60 32.96 -63.28
C ASN C 887 -2.33 33.37 -61.83
N THR C 888 -1.05 33.35 -61.43
CA THR C 888 -0.60 33.68 -60.09
C THR C 888 -0.88 35.15 -59.77
N ALA C 889 -0.52 36.03 -60.70
CA ALA C 889 -0.64 37.47 -60.52
C ALA C 889 -2.09 37.86 -60.27
N GLY C 890 -3.04 37.08 -60.81
CA GLY C 890 -4.44 37.46 -60.80
C GLY C 890 -5.27 36.76 -59.74
N SER C 891 -4.61 36.26 -58.68
CA SER C 891 -5.28 35.40 -57.73
C SER C 891 -5.77 36.20 -56.52
N TYR C 892 -5.06 37.30 -56.28
CA TYR C 892 -4.92 37.89 -54.96
C TYR C 892 -6.27 38.25 -54.31
N LYS C 893 -7.34 38.19 -55.11
CA LYS C 893 -8.67 38.55 -54.60
C LYS C 893 -9.39 37.30 -54.12
N PHE C 894 -8.73 36.15 -54.25
CA PHE C 894 -9.28 34.88 -53.78
C PHE C 894 -8.63 34.45 -52.46
N SER C 895 -7.89 35.38 -51.84
CA SER C 895 -7.40 35.19 -50.48
C SER C 895 -8.60 35.15 -49.54
N SER C 896 -8.65 34.15 -48.66
CA SER C 896 -9.73 34.09 -47.69
C SER C 896 -9.72 35.35 -46.82
N ASP C 897 -8.54 35.97 -46.69
CA ASP C 897 -8.35 37.20 -45.93
C ASP C 897 -9.42 38.20 -46.31
N ARG C 898 -9.57 38.38 -47.63
CA ARG C 898 -10.55 39.26 -48.25
C ARG C 898 -11.96 38.80 -47.86
N THR C 899 -12.29 37.53 -48.16
CA THR C 899 -13.62 36.98 -47.94
C THR C 899 -14.05 37.21 -46.50
N ILE C 900 -13.12 36.99 -45.55
CA ILE C 900 -13.42 37.13 -44.14
C ILE C 900 -13.64 38.60 -43.78
N HIS C 901 -12.64 39.44 -44.07
CA HIS C 901 -12.76 40.87 -43.85
C HIS C 901 -14.20 41.30 -44.14
N GLU C 902 -14.72 40.81 -45.27
CA GLU C 902 -16.07 41.10 -45.75
C GLU C 902 -17.11 40.56 -44.77
N TYR C 903 -16.99 39.28 -44.40
CA TYR C 903 -17.91 38.69 -43.43
C TYR C 903 -17.82 39.47 -42.12
N ALA C 904 -16.58 39.75 -41.68
CA ALA C 904 -16.29 40.32 -40.37
C ALA C 904 -16.91 41.70 -40.24
N LYS C 905 -16.86 42.47 -41.34
CA LYS C 905 -17.22 43.87 -41.37
C LYS C 905 -18.71 44.02 -41.72
N ASP C 906 -19.23 43.15 -42.60
CA ASP C 906 -20.52 43.37 -43.22
C ASP C 906 -21.58 42.40 -42.70
N ILE C 907 -21.22 41.45 -41.83
CA ILE C 907 -22.23 40.55 -41.29
C ILE C 907 -22.11 40.50 -39.76
N TRP C 908 -20.90 40.23 -39.25
CA TRP C 908 -20.76 39.92 -37.85
C TRP C 908 -20.61 41.22 -37.06
N ASN C 909 -19.91 42.18 -37.65
CA ASN C 909 -19.62 43.42 -36.96
C ASN C 909 -18.64 43.10 -35.82
N ILE C 910 -17.39 42.78 -36.20
CA ILE C 910 -16.32 42.52 -35.25
C ILE C 910 -15.06 43.28 -35.67
N GLU C 911 -14.38 43.86 -34.69
CA GLU C 911 -13.13 44.58 -34.90
C GLU C 911 -11.97 43.68 -34.49
N ALA C 912 -10.76 44.02 -34.98
CA ALA C 912 -9.54 43.27 -34.69
C ALA C 912 -9.24 43.28 -33.19
N VAL C 913 -8.43 42.33 -32.70
CA VAL C 913 -7.90 42.38 -31.34
C VAL C 913 -6.39 42.08 -31.36
N GLU C 914 -5.59 43.10 -31.06
CA GLU C 914 -4.14 42.97 -30.96
C GLU C 914 -3.81 42.30 -29.63
N ILE C 915 -2.82 41.40 -29.70
CA ILE C 915 -2.46 40.51 -28.60
C ILE C 915 -1.01 40.77 -28.21
N ALA C 916 -0.86 41.48 -27.08
CA ALA C 916 0.38 41.73 -26.36
C ALA C 916 1.54 40.88 -26.92
C1 GOL D . 32.42 -14.73 74.45
O1 GOL D . 31.55 -15.64 75.10
C2 GOL D . 33.05 -15.35 73.23
O2 GOL D . 34.00 -14.46 72.69
C3 GOL D . 33.72 -16.68 73.52
O3 GOL D . 34.77 -16.93 72.60
C1 GOL E . -10.30 11.74 50.45
O1 GOL E . -9.06 11.74 49.75
C2 GOL E . -11.37 10.98 49.69
O2 GOL E . -10.76 10.09 48.75
C3 GOL E . -12.34 10.23 50.59
O3 GOL E . -13.29 9.48 49.85
C1 GOL F . -19.05 25.03 -16.58
O1 GOL F . -17.95 25.57 -17.31
C2 GOL F . -19.30 23.57 -16.93
O2 GOL F . -18.77 22.70 -15.92
C3 GOL F . -20.76 23.25 -17.22
O3 GOL F . -21.44 22.73 -16.08
N1 CFF G . -23.99 14.10 -49.08
C2 CFF G . -23.29 15.27 -49.46
C10 CFF G . -25.38 14.26 -48.65
C6 CFF G . -23.47 12.78 -49.08
N3 CFF G . -21.97 15.12 -49.86
O11 CFF G . -23.82 16.37 -49.42
C12 CFF G . -21.20 16.31 -50.25
C4 CFF G . -21.39 13.87 -49.88
C5 CFF G . -22.11 12.74 -49.51
N9 CFF G . -20.12 13.56 -50.26
O13 CFF G . -24.19 11.84 -48.72
N7 CFF G . -21.21 11.68 -49.66
C8 CFF G . -20.06 12.24 -50.12
C14 CFF G . -21.47 10.27 -49.38
#